data_7MNO
#
_entry.id   7MNO
#
_cell.length_a   161.565
_cell.length_b   161.565
_cell.length_c   645.405
_cell.angle_alpha   90.000
_cell.angle_beta   90.000
_cell.angle_gamma   120.000
#
_symmetry.space_group_name_H-M   'P 65 2 2'
#
loop_
_entity.id
_entity.type
_entity.pdbx_description
1 polymer 'E3 SUMO-protein ligase RanBP2'
2 polymer 'Antibody Fab14 Heavy Chain'
3 polymer 'Antibody Fab14 Light Chain'
#
loop_
_entity_poly.entity_id
_entity_poly.type
_entity_poly.pdbx_seq_one_letter_code
_entity_poly.pdbx_strand_id
1 'polypeptide(L)'
;SMRRSKADVERYIASVQGSTPSPRQKSMKGFYFAKLYYEAKEYDLAKKYICTYINVQERDPKAHRFLGLLYELEENTDKA
VECYRRSVELNPTQKDLVLKIAELLCKNDVTDGRAKYWLERAAKLFPGSPAIYKLKEQLLDCEGEDGWNKLFDLIQSELY
VRPDDVHVNIRLVEVYRSTKRLKDAVAHCHEAERNIALRSSLEWNSCVVQTLKEYLESLQCLESDKSDWRATNTDLLLAY
ANLMLLTLSTRDVQESRELLQSFDSALQSVKSLGGNDELSATFLEMKGHFYMHAGSLLLKMGQHSSNVQWRALSELAALC
YLIAFQVPRPKIKLIKGEAGQNLLEMMACDRLSQSGHMLLNLSRGKQDFLKEIVETFANKSGQSALYDALFSSQSPKDTS
FLGSDDIGNIDVREPELEDLTRYDVGAIRAHNGSLQHLTWLGLQWNSLPALPGIRKWLKQLFHHLPHETSRLETNAPESI
CILDLEVFLLGVVYTSHLQLKEKCNSHHSSYQPLCLPLPVCKQLCTERQKSWWDAVCTLIHRKAVPGNVAKLRLLVQHEI
NTLRAQEKHGLQPALLVHWAECLQKTGSGLNSFYDQREYMGRSVHYWKKVLPLLKIIKKKNSIPEPIDPLFKHFHSVDIQ
ASEIVEYEEDAHITFAVLDAVNGNIEDAVTAFESIKSVVSYWNLALIFHRKAEDIENDALSPEEQEECKNYLRKTRDYLI
KIIDDSDSNLSVVKKLPVPLESVKEMLNSVMQE
;
A,B
2 'polypeptide(L)'
;EISEVQLVESGGGLVQPGGSLRLSCAASGFNFSSSSIHWVRQAPGKGLEWVASIYSYSGYTSYADSVKGRFTISADTSKN
TAYLQMNSLRAEDTAVYYCARSPWRWSGVSDGGFYYKALDYWGQGTLVTVSSASTKGPSVFPLAPSSKSTSGGTAALGCL
VKDYFPEPVTVSWNSGALTSGVHTFPAVLQSSGLYSLSSVVTVPSSSLGTQTYICNVNHKPSNTKVDKKVEPKSCDKTHT
;
H,K
3 'polypeptide(L)'
;SDIQMTQSPSSLSASVGDRVTITCRASQSVSSAVAWYQQKPGKAPKLLIYSASSLYSGVPSRFSGSRSGTDFTLTISSLQ
PEDFATYYCQQSSSSLITFGQGTKVEIKRTVAAPSVFIFPPSDSQLKSGTASVVCLLNNFYPREAKVQWKVDNALQSGNS
QESVTEQDSKDSTYSLSSTLTLSKADYEKHKVYACEVTHQGLSSPVTKSFNRGEC
;
L,M
#
# COMPACT_ATOMS: atom_id res chain seq x y z
N ARG A 4 11.98 -51.59 12.14
CA ARG A 4 10.93 -50.83 12.80
C ARG A 4 9.69 -50.74 11.91
N SER A 5 8.63 -50.12 12.45
CA SER A 5 7.36 -49.99 11.74
C SER A 5 6.67 -48.72 12.24
N LYS A 6 5.38 -48.58 11.93
CA LYS A 6 4.62 -47.48 12.47
C LYS A 6 4.38 -47.63 13.97
N ALA A 7 4.17 -48.86 14.43
CA ALA A 7 3.90 -49.07 15.86
C ALA A 7 5.12 -48.73 16.70
N ASP A 8 6.31 -49.12 16.24
CA ASP A 8 7.52 -48.91 17.02
C ASP A 8 7.75 -47.42 17.30
N VAL A 9 7.49 -46.56 16.33
CA VAL A 9 7.79 -45.14 16.47
C VAL A 9 6.67 -44.38 17.17
N GLU A 10 5.41 -44.68 16.86
CA GLU A 10 4.31 -43.97 17.52
C GLU A 10 4.08 -44.47 18.94
N ARG A 11 4.59 -45.65 19.29
CA ARG A 11 4.54 -46.11 20.67
C ARG A 11 5.58 -45.41 21.54
N TYR A 12 6.72 -45.04 20.96
CA TYR A 12 7.71 -44.27 21.71
C TYR A 12 7.18 -42.90 22.10
N ILE A 13 6.12 -42.41 21.44
CA ILE A 13 5.49 -41.17 21.85
C ILE A 13 5.10 -41.23 23.32
N ALA A 14 4.42 -42.31 23.71
CA ALA A 14 4.05 -42.50 25.11
C ALA A 14 5.23 -42.82 26.00
N SER A 15 6.39 -43.17 25.44
CA SER A 15 7.55 -43.51 26.26
C SER A 15 8.18 -42.27 26.89
N VAL A 16 8.53 -41.28 26.07
CA VAL A 16 9.10 -40.04 26.61
C VAL A 16 8.01 -39.08 27.08
N GLN A 17 6.78 -39.21 26.57
CA GLN A 17 5.67 -38.43 27.11
C GLN A 17 5.47 -38.71 28.60
N GLY A 18 5.71 -39.94 29.03
CA GLY A 18 5.64 -40.30 30.43
C GLY A 18 6.88 -40.03 31.25
N SER A 19 7.93 -39.46 30.64
CA SER A 19 9.15 -39.11 31.33
C SER A 19 9.38 -37.61 31.43
N THR A 20 8.82 -36.84 30.50
CA THR A 20 9.03 -35.39 30.45
C THR A 20 7.81 -34.77 29.80
N PRO A 21 6.81 -34.36 30.59
CA PRO A 21 5.50 -34.02 30.02
C PRO A 21 5.29 -32.55 29.71
N SER A 22 6.19 -31.69 30.18
CA SER A 22 6.01 -30.25 29.97
C SER A 22 6.15 -29.93 28.48
N PRO A 23 5.51 -28.84 28.02
CA PRO A 23 5.51 -28.56 26.58
C PRO A 23 6.90 -28.30 26.01
N ARG A 24 7.76 -27.62 26.77
CA ARG A 24 9.08 -27.27 26.25
C ARG A 24 9.93 -28.50 26.00
N GLN A 25 9.97 -29.43 26.97
CA GLN A 25 10.71 -30.67 26.78
C GLN A 25 10.03 -31.60 25.79
N LYS A 26 8.70 -31.53 25.68
CA LYS A 26 8.00 -32.32 24.67
C LYS A 26 8.41 -31.90 23.26
N SER A 27 8.63 -30.60 23.05
CA SER A 27 9.03 -30.11 21.73
C SER A 27 10.53 -30.24 21.50
N MET A 28 11.33 -30.18 22.56
CA MET A 28 12.78 -30.36 22.43
C MET A 28 13.14 -31.78 22.05
N LYS A 29 12.22 -32.73 22.22
CA LYS A 29 12.41 -34.08 21.74
C LYS A 29 11.93 -34.25 20.30
N GLY A 30 11.46 -33.17 19.67
CA GLY A 30 10.97 -33.28 18.31
C GLY A 30 12.05 -33.71 17.33
N PHE A 31 13.25 -33.14 17.46
CA PHE A 31 14.35 -33.54 16.59
C PHE A 31 14.65 -35.02 16.75
N TYR A 32 14.65 -35.51 17.99
CA TYR A 32 14.92 -36.92 18.22
C TYR A 32 13.68 -37.78 17.98
N PHE A 33 12.49 -37.17 18.04
CA PHE A 33 11.30 -37.82 17.48
C PHE A 33 11.42 -37.90 15.96
N ALA A 34 11.64 -36.74 15.32
CA ALA A 34 11.80 -36.71 13.86
C ALA A 34 12.95 -37.59 13.39
N LYS A 35 13.91 -37.90 14.27
CA LYS A 35 15.04 -38.73 13.88
C LYS A 35 14.59 -40.11 13.42
N LEU A 36 13.51 -40.63 14.00
CA LEU A 36 13.07 -41.99 13.68
C LEU A 36 12.00 -42.04 12.59
N TYR A 37 11.24 -40.95 12.39
CA TYR A 37 10.26 -40.95 11.30
C TYR A 37 10.92 -40.82 9.93
N TYR A 38 12.03 -40.08 9.85
CA TYR A 38 12.80 -40.09 8.60
C TYR A 38 13.26 -41.49 8.24
N GLU A 39 13.47 -42.34 9.24
CA GLU A 39 13.89 -43.72 8.98
C GLU A 39 12.71 -44.62 8.68
N ALA A 40 11.52 -44.30 9.21
CA ALA A 40 10.32 -45.10 8.98
C ALA A 40 9.53 -44.62 7.77
N LYS A 41 10.13 -43.79 6.92
CA LYS A 41 9.50 -43.28 5.70
C LYS A 41 8.18 -42.55 6.00
N GLU A 42 8.27 -41.52 6.84
CA GLU A 42 7.14 -40.63 7.15
C GLU A 42 7.66 -39.21 7.02
N TYR A 43 7.35 -38.54 5.91
CA TYR A 43 7.90 -37.22 5.62
C TYR A 43 6.90 -36.10 5.84
N ASP A 44 5.59 -36.36 5.70
CA ASP A 44 4.62 -35.37 6.14
C ASP A 44 4.53 -35.34 7.66
N LEU A 45 4.84 -36.46 8.31
CA LEU A 45 4.85 -36.50 9.78
C LEU A 45 6.19 -36.00 10.32
N ALA A 46 7.30 -36.56 9.83
CA ALA A 46 8.62 -36.11 10.26
C ALA A 46 8.78 -34.60 10.10
N LYS A 47 8.16 -34.02 9.07
CA LYS A 47 8.27 -32.58 8.85
C LYS A 47 7.72 -31.81 10.05
N LYS A 48 6.55 -32.21 10.55
CA LYS A 48 5.93 -31.48 11.66
C LYS A 48 6.65 -31.73 12.98
N TYR A 49 7.27 -32.90 13.14
CA TYR A 49 8.02 -33.18 14.37
C TYR A 49 9.25 -32.29 14.49
N ILE A 50 10.07 -32.24 13.45
CA ILE A 50 11.28 -31.40 13.48
C ILE A 50 10.89 -29.93 13.56
N CYS A 51 9.83 -29.53 12.87
CA CYS A 51 9.42 -28.13 12.86
C CYS A 51 9.04 -27.63 14.24
N THR A 52 8.57 -28.52 15.12
CA THR A 52 8.23 -28.10 16.48
C THR A 52 9.49 -27.93 17.33
N TYR A 53 10.44 -28.86 17.22
CA TYR A 53 11.74 -28.67 17.87
C TYR A 53 12.39 -27.39 17.41
N ILE A 54 12.21 -27.02 16.14
CA ILE A 54 12.71 -25.74 15.64
C ILE A 54 11.98 -24.57 16.28
N ASN A 55 10.76 -24.77 16.78
CA ASN A 55 10.02 -23.69 17.42
C ASN A 55 10.60 -23.34 18.78
N VAL A 56 11.30 -24.28 19.43
CA VAL A 56 11.95 -24.03 20.71
C VAL A 56 13.47 -23.94 20.55
N GLN A 57 14.05 -24.73 19.66
CA GLN A 57 15.47 -24.72 19.39
C GLN A 57 15.70 -24.14 17.99
N GLU A 58 15.49 -22.83 17.88
CA GLU A 58 15.54 -22.14 16.60
C GLU A 58 16.97 -21.81 16.16
N ARG A 59 17.97 -22.13 16.97
CA ARG A 59 19.36 -21.81 16.67
C ARG A 59 20.22 -23.05 16.43
N ASP A 60 19.60 -24.22 16.23
CA ASP A 60 20.36 -25.44 16.00
C ASP A 60 20.66 -25.61 14.51
N PRO A 61 21.94 -25.58 14.10
CA PRO A 61 22.23 -25.77 12.67
C PRO A 61 21.94 -27.18 12.20
N LYS A 62 22.02 -28.17 13.08
CA LYS A 62 21.73 -29.54 12.68
C LYS A 62 20.25 -29.70 12.35
N ALA A 63 19.38 -29.23 13.25
CA ALA A 63 17.94 -29.36 13.02
C ALA A 63 17.53 -28.62 11.76
N HIS A 64 17.99 -27.38 11.59
CA HIS A 64 17.62 -26.60 10.41
C HIS A 64 18.05 -27.30 9.12
N ARG A 65 19.27 -27.80 9.07
CA ARG A 65 19.73 -28.52 7.87
C ARG A 65 18.87 -29.76 7.64
N PHE A 66 18.57 -30.50 8.71
CA PHE A 66 17.77 -31.72 8.57
C PHE A 66 16.43 -31.43 7.92
N LEU A 67 15.80 -30.31 8.29
CA LEU A 67 14.55 -29.93 7.63
C LEU A 67 14.78 -29.55 6.18
N GLY A 68 15.89 -28.85 5.90
CA GLY A 68 16.23 -28.54 4.52
C GLY A 68 16.46 -29.80 3.69
N LEU A 69 17.15 -30.78 4.28
CA LEU A 69 17.34 -32.05 3.61
C LEU A 69 16.02 -32.79 3.44
N LEU A 70 15.06 -32.58 4.35
CA LEU A 70 13.76 -33.21 4.18
C LEU A 70 12.92 -32.50 3.13
N TYR A 71 12.95 -31.16 3.10
CA TYR A 71 12.32 -30.42 2.02
C TYR A 71 12.97 -30.66 0.67
N GLU A 72 14.24 -31.09 0.65
CA GLU A 72 14.85 -31.45 -0.63
C GLU A 72 14.22 -32.73 -1.18
N LEU A 73 13.98 -33.71 -0.32
CA LEU A 73 13.25 -34.91 -0.74
C LEU A 73 11.83 -34.57 -1.19
N GLU A 74 11.22 -33.55 -0.59
CA GLU A 74 9.90 -33.08 -1.01
C GLU A 74 9.96 -32.25 -2.28
N GLU A 75 11.16 -31.91 -2.77
CA GLU A 75 11.35 -31.14 -4.00
C GLU A 75 10.81 -29.73 -3.90
N ASN A 76 10.63 -29.22 -2.68
CA ASN A 76 10.19 -27.84 -2.47
C ASN A 76 11.46 -27.00 -2.42
N THR A 77 11.87 -26.48 -3.58
CA THR A 77 13.15 -25.79 -3.68
C THR A 77 13.18 -24.55 -2.80
N ASP A 78 12.15 -23.71 -2.88
CA ASP A 78 12.11 -22.47 -2.10
C ASP A 78 12.22 -22.75 -0.60
N LYS A 79 11.57 -23.80 -0.12
CA LYS A 79 11.63 -24.12 1.31
C LYS A 79 12.95 -24.76 1.70
N ALA A 80 13.47 -25.68 0.88
CA ALA A 80 14.71 -26.36 1.22
C ALA A 80 15.88 -25.39 1.29
N VAL A 81 15.99 -24.50 0.29
CA VAL A 81 17.09 -23.52 0.28
C VAL A 81 17.10 -22.71 1.57
N GLU A 82 15.95 -22.14 1.94
CA GLU A 82 15.91 -21.29 3.13
C GLU A 82 16.40 -22.04 4.36
N CYS A 83 16.05 -23.33 4.49
CA CYS A 83 16.51 -24.10 5.65
C CYS A 83 18.03 -24.19 5.67
N TYR A 84 18.63 -24.54 4.53
CA TYR A 84 20.09 -24.56 4.46
C TYR A 84 20.67 -23.20 4.83
N ARG A 85 20.03 -22.12 4.35
CA ARG A 85 20.51 -20.78 4.67
C ARG A 85 20.65 -20.57 6.17
N ARG A 86 19.62 -20.97 6.93
CA ARG A 86 19.65 -20.75 8.37
C ARG A 86 20.79 -21.53 9.01
N SER A 87 20.95 -22.81 8.61
CA SER A 87 22.06 -23.60 9.14
C SER A 87 23.40 -23.01 8.76
N VAL A 88 23.51 -22.41 7.57
CA VAL A 88 24.79 -21.85 7.13
C VAL A 88 25.11 -20.56 7.88
N GLU A 89 24.11 -19.67 8.03
CA GLU A 89 24.37 -18.42 8.72
C GLU A 89 24.64 -18.64 10.19
N LEU A 90 24.10 -19.72 10.78
CA LEU A 90 24.41 -20.05 12.16
C LEU A 90 25.81 -20.60 12.29
N ASN A 91 26.21 -21.47 11.36
CA ASN A 91 27.51 -22.14 11.41
C ASN A 91 28.17 -21.98 10.05
N PRO A 92 29.21 -21.14 9.93
CA PRO A 92 29.83 -20.93 8.62
C PRO A 92 30.67 -22.12 8.13
N THR A 93 31.09 -23.00 9.03
CA THR A 93 31.97 -24.10 8.65
C THR A 93 31.30 -25.14 7.76
N GLN A 94 29.98 -25.05 7.57
CA GLN A 94 29.26 -26.01 6.72
C GLN A 94 29.49 -25.61 5.27
N LYS A 95 30.66 -25.99 4.76
CA LYS A 95 31.00 -25.69 3.38
C LYS A 95 30.07 -26.41 2.42
N ASP A 96 29.88 -27.73 2.63
CA ASP A 96 29.05 -28.51 1.72
C ASP A 96 27.67 -27.90 1.53
N LEU A 97 27.18 -27.16 2.53
CA LEU A 97 25.89 -26.50 2.39
C LEU A 97 25.98 -25.25 1.52
N VAL A 98 27.14 -24.58 1.50
CA VAL A 98 27.31 -23.44 0.62
C VAL A 98 27.29 -23.90 -0.83
N LEU A 99 27.89 -25.05 -1.11
CA LEU A 99 27.77 -25.66 -2.42
C LEU A 99 26.31 -25.98 -2.72
N LYS A 100 25.64 -26.66 -1.79
CA LYS A 100 24.24 -27.04 -2.00
C LYS A 100 23.39 -25.83 -2.36
N ILE A 101 23.44 -24.79 -1.53
CA ILE A 101 22.68 -23.57 -1.82
C ILE A 101 22.98 -23.07 -3.22
N ALA A 102 24.27 -22.98 -3.57
CA ALA A 102 24.64 -22.57 -4.91
C ALA A 102 24.17 -23.58 -5.95
N GLU A 103 24.22 -24.87 -5.62
CA GLU A 103 23.76 -25.89 -6.57
C GLU A 103 22.26 -25.77 -6.82
N LEU A 104 21.48 -25.54 -5.77
CA LEU A 104 20.03 -25.51 -5.93
C LEU A 104 19.57 -24.18 -6.52
N LEU A 105 20.23 -23.08 -6.17
CA LEU A 105 19.84 -21.78 -6.68
C LEU A 105 20.03 -21.71 -8.19
N CYS A 106 21.08 -22.34 -8.69
CA CYS A 106 21.38 -22.33 -10.12
C CYS A 106 20.50 -23.30 -10.91
N LYS A 107 20.00 -24.34 -10.26
CA LYS A 107 19.17 -25.33 -10.94
C LYS A 107 17.74 -24.85 -11.11
N ASN A 108 17.23 -24.11 -10.11
CA ASN A 108 15.83 -23.69 -10.14
C ASN A 108 15.62 -22.46 -11.01
N ASP A 109 16.36 -21.39 -10.76
CA ASP A 109 16.17 -20.14 -11.49
C ASP A 109 17.44 -19.31 -11.41
N VAL A 110 17.89 -18.78 -12.56
CA VAL A 110 19.08 -17.95 -12.63
C VAL A 110 18.77 -16.47 -12.73
N THR A 111 17.51 -16.09 -12.97
CA THR A 111 17.18 -14.68 -13.18
C THR A 111 17.68 -13.79 -12.05
N ASP A 112 17.63 -14.28 -10.82
CA ASP A 112 18.08 -13.50 -9.67
C ASP A 112 19.60 -13.63 -9.48
N GLY A 113 20.23 -12.51 -9.16
CA GLY A 113 21.66 -12.51 -8.91
C GLY A 113 22.07 -13.27 -7.67
N ARG A 114 21.11 -13.59 -6.80
CA ARG A 114 21.42 -14.36 -5.60
C ARG A 114 22.05 -15.70 -5.96
N ALA A 115 21.60 -16.32 -7.06
CA ALA A 115 22.20 -17.57 -7.49
C ALA A 115 23.66 -17.34 -7.89
N LYS A 116 23.94 -16.20 -8.51
CA LYS A 116 25.31 -15.85 -8.88
C LYS A 116 26.17 -15.68 -7.62
N TYR A 117 25.67 -14.90 -6.65
CA TYR A 117 26.45 -14.64 -5.44
C TYR A 117 26.86 -15.95 -4.77
N TRP A 118 25.89 -16.82 -4.49
CA TRP A 118 26.21 -18.06 -3.79
C TRP A 118 27.16 -18.94 -4.60
N LEU A 119 27.15 -18.80 -5.92
CA LEU A 119 28.08 -19.56 -6.74
C LEU A 119 29.51 -19.04 -6.57
N GLU A 120 29.68 -17.72 -6.43
CA GLU A 120 31.01 -17.17 -6.21
C GLU A 120 31.59 -17.72 -4.91
N ARG A 121 30.81 -17.67 -3.83
CA ARG A 121 31.26 -18.23 -2.56
C ARG A 121 31.58 -19.71 -2.70
N ALA A 122 30.68 -20.47 -3.32
CA ALA A 122 30.92 -21.89 -3.52
C ALA A 122 32.25 -22.14 -4.23
N ALA A 123 32.64 -21.24 -5.13
CA ALA A 123 33.90 -21.40 -5.84
C ALA A 123 35.08 -21.23 -4.90
N LYS A 124 35.05 -20.19 -4.05
CA LYS A 124 36.17 -19.91 -3.16
C LYS A 124 36.26 -20.92 -2.02
N LEU A 125 35.19 -21.66 -1.73
CA LEU A 125 35.28 -22.72 -0.74
C LEU A 125 35.83 -24.01 -1.34
N PHE A 126 35.58 -24.24 -2.62
CA PHE A 126 36.08 -25.41 -3.33
C PHE A 126 36.78 -24.89 -4.59
N PRO A 127 38.05 -24.53 -4.48
CA PRO A 127 38.74 -23.91 -5.64
C PRO A 127 38.76 -24.85 -6.83
N GLY A 128 38.11 -24.43 -7.91
CA GLY A 128 38.16 -25.19 -9.16
C GLY A 128 37.83 -26.64 -9.01
N SER A 129 36.84 -26.97 -8.17
CA SER A 129 36.39 -28.34 -8.03
C SER A 129 35.59 -28.74 -9.27
N PRO A 130 35.40 -30.05 -9.48
CA PRO A 130 34.61 -30.46 -10.66
C PRO A 130 33.18 -29.95 -10.66
N ALA A 131 32.57 -29.80 -9.49
CA ALA A 131 31.20 -29.32 -9.43
C ALA A 131 31.11 -27.83 -9.77
N ILE A 132 32.16 -27.06 -9.47
CA ILE A 132 32.10 -25.61 -9.64
C ILE A 132 31.83 -25.27 -11.11
N TYR A 133 32.59 -25.86 -12.03
CA TYR A 133 32.33 -25.61 -13.44
C TYR A 133 30.94 -26.10 -13.83
N LYS A 134 30.57 -27.30 -13.37
CA LYS A 134 29.23 -27.82 -13.64
C LYS A 134 28.16 -26.78 -13.33
N LEU A 135 28.30 -26.08 -12.20
CA LEU A 135 27.34 -25.04 -11.84
C LEU A 135 27.50 -23.83 -12.76
N LYS A 136 28.73 -23.52 -13.17
CA LYS A 136 28.95 -22.42 -14.09
C LYS A 136 28.23 -22.63 -15.41
N GLU A 137 28.22 -23.85 -15.93
CA GLU A 137 27.50 -24.14 -17.17
C GLU A 137 25.99 -24.10 -16.95
N GLN A 138 25.52 -24.59 -15.80
CA GLN A 138 24.09 -24.57 -15.50
C GLN A 138 23.55 -23.15 -15.49
N LEU A 139 24.26 -22.23 -14.82
CA LEU A 139 23.80 -20.85 -14.73
C LEU A 139 23.65 -20.23 -16.11
N LEU A 140 24.58 -20.54 -17.02
CA LEU A 140 24.53 -20.01 -18.37
C LEU A 140 23.32 -20.52 -19.16
N ASP A 141 22.86 -21.74 -18.87
CA ASP A 141 21.85 -22.37 -19.71
C ASP A 141 20.62 -21.49 -19.93
N CYS A 142 20.11 -20.85 -18.88
CA CYS A 142 18.85 -20.13 -19.00
C CYS A 142 18.88 -19.11 -20.15
N GLU A 143 17.75 -19.00 -20.85
CA GLU A 143 17.61 -18.19 -22.04
C GLU A 143 17.50 -16.71 -21.70
N GLY A 144 17.54 -15.88 -22.73
CA GLY A 144 17.44 -14.44 -22.58
C GLY A 144 16.00 -13.95 -22.70
N GLU A 145 15.87 -12.62 -22.69
CA GLU A 145 14.55 -12.00 -22.76
C GLU A 145 13.81 -12.39 -24.03
N ASP A 146 14.45 -12.26 -25.18
CA ASP A 146 13.82 -12.70 -26.43
C ASP A 146 13.48 -14.19 -26.37
N GLY A 147 14.34 -14.98 -25.72
CA GLY A 147 14.05 -16.40 -25.58
C GLY A 147 12.83 -16.70 -24.73
N TRP A 148 12.70 -16.00 -23.60
CA TRP A 148 11.52 -16.20 -22.75
C TRP A 148 10.24 -15.84 -23.49
N ASN A 149 10.21 -14.67 -24.14
CA ASN A 149 9.04 -14.29 -24.93
C ASN A 149 8.75 -15.31 -26.01
N LYS A 150 9.81 -15.90 -26.60
CA LYS A 150 9.64 -16.89 -27.65
C LYS A 150 8.86 -18.11 -27.16
N LEU A 151 9.24 -18.65 -26.00
CA LEU A 151 8.52 -19.79 -25.43
C LEU A 151 7.06 -19.45 -25.14
N PHE A 152 6.80 -18.26 -24.61
CA PHE A 152 5.43 -17.89 -24.26
C PHE A 152 4.51 -17.96 -25.48
N ASP A 153 4.99 -17.47 -26.63
CA ASP A 153 4.15 -17.47 -27.82
C ASP A 153 3.80 -18.89 -28.26
N LEU A 154 4.74 -19.83 -28.13
CA LEU A 154 4.43 -21.22 -28.46
C LEU A 154 3.28 -21.74 -27.62
N ILE A 155 3.36 -21.56 -26.30
CA ILE A 155 2.31 -22.08 -25.43
C ILE A 155 0.98 -21.43 -25.76
N GLN A 156 0.97 -20.11 -25.97
CA GLN A 156 -0.28 -19.43 -26.28
C GLN A 156 -0.85 -19.92 -27.61
N SER A 157 -0.03 -19.92 -28.66
CA SER A 157 -0.46 -20.46 -29.93
C SER A 157 -0.86 -21.93 -29.81
N GLU A 158 -0.18 -22.66 -28.91
CA GLU A 158 -0.54 -24.05 -28.67
C GLU A 158 -1.83 -24.16 -27.87
N LEU A 159 -2.06 -23.20 -26.96
CA LEU A 159 -3.27 -23.22 -26.14
C LEU A 159 -4.49 -22.79 -26.94
N TYR A 160 -4.29 -22.00 -28.00
CA TYR A 160 -5.41 -21.56 -28.83
C TYR A 160 -6.22 -22.75 -29.34
N VAL A 161 -5.54 -23.71 -29.98
CA VAL A 161 -6.21 -24.87 -30.56
C VAL A 161 -6.34 -26.05 -29.59
N ARG A 162 -5.58 -26.05 -28.49
CA ARG A 162 -5.60 -27.14 -27.52
C ARG A 162 -5.79 -26.54 -26.13
N PRO A 163 -6.98 -25.98 -25.86
CA PRO A 163 -7.23 -25.42 -24.53
C PRO A 163 -7.50 -26.45 -23.45
N ASP A 164 -7.80 -27.69 -23.81
CA ASP A 164 -8.07 -28.74 -22.83
C ASP A 164 -6.84 -29.57 -22.49
N ASP A 165 -5.68 -29.23 -23.06
CA ASP A 165 -4.45 -29.96 -22.77
C ASP A 165 -3.96 -29.59 -21.36
N VAL A 166 -3.86 -30.61 -20.50
CA VAL A 166 -3.44 -30.37 -19.13
C VAL A 166 -2.01 -29.86 -19.08
N HIS A 167 -1.11 -30.54 -19.78
CA HIS A 167 0.32 -30.21 -19.69
C HIS A 167 0.58 -28.78 -20.14
N VAL A 168 -0.03 -28.36 -21.25
CA VAL A 168 0.27 -27.05 -21.82
C VAL A 168 -0.16 -25.94 -20.86
N ASN A 169 -1.39 -26.02 -20.34
CA ASN A 169 -1.84 -24.99 -19.40
C ASN A 169 -0.94 -24.94 -18.17
N ILE A 170 -0.49 -26.11 -17.71
CA ILE A 170 0.47 -26.15 -16.60
C ILE A 170 1.72 -25.35 -16.95
N ARG A 171 2.25 -25.56 -18.15
CA ARG A 171 3.46 -24.86 -18.55
C ARG A 171 3.25 -23.35 -18.55
N LEU A 172 2.04 -22.90 -18.93
CA LEU A 172 1.75 -21.47 -18.92
C LEU A 172 1.87 -20.90 -17.50
N VAL A 173 1.34 -21.62 -16.51
CA VAL A 173 1.46 -21.16 -15.12
C VAL A 173 2.93 -21.17 -14.70
N GLU A 174 3.69 -22.18 -15.14
CA GLU A 174 5.10 -22.25 -14.80
C GLU A 174 5.88 -21.13 -15.49
N VAL A 175 5.49 -20.77 -16.71
CA VAL A 175 6.17 -19.67 -17.39
C VAL A 175 5.85 -18.35 -16.71
N TYR A 176 4.57 -18.12 -16.37
CA TYR A 176 4.22 -16.95 -15.58
C TYR A 176 5.05 -16.92 -14.30
N ARG A 177 5.15 -18.08 -13.63
CA ARG A 177 5.87 -18.14 -12.37
C ARG A 177 7.36 -17.94 -12.57
N SER A 178 7.89 -18.29 -13.74
CA SER A 178 9.31 -18.10 -13.99
C SER A 178 9.64 -16.62 -14.12
N THR A 179 8.76 -15.83 -14.72
CA THR A 179 8.92 -14.39 -14.77
C THR A 179 8.37 -13.71 -13.52
N LYS A 180 7.93 -14.51 -12.55
CA LYS A 180 7.45 -14.02 -11.25
C LYS A 180 6.29 -13.04 -11.38
N ARG A 181 5.54 -13.13 -12.48
CA ARG A 181 4.26 -12.40 -12.60
C ARG A 181 3.12 -13.32 -12.17
N LEU A 182 3.13 -13.64 -10.87
CA LEU A 182 2.21 -14.62 -10.34
C LEU A 182 0.76 -14.17 -10.48
N LYS A 183 0.51 -12.86 -10.42
CA LYS A 183 -0.85 -12.36 -10.59
C LYS A 183 -1.44 -12.86 -11.91
N ASP A 184 -0.65 -12.82 -12.99
CA ASP A 184 -1.12 -13.39 -14.24
C ASP A 184 -1.26 -14.90 -14.13
N ALA A 185 -0.40 -15.56 -13.35
CA ALA A 185 -0.50 -17.01 -13.18
C ALA A 185 -1.84 -17.39 -12.55
N VAL A 186 -2.23 -16.70 -11.47
CA VAL A 186 -3.51 -17.00 -10.83
C VAL A 186 -4.66 -16.53 -11.72
N ALA A 187 -4.50 -15.38 -12.39
CA ALA A 187 -5.54 -14.88 -13.26
C ALA A 187 -5.96 -15.94 -14.28
N HIS A 188 -5.00 -16.49 -15.01
CA HIS A 188 -5.31 -17.60 -15.91
C HIS A 188 -5.79 -18.80 -15.12
N CYS A 189 -5.19 -19.05 -13.95
CA CYS A 189 -5.63 -20.14 -13.10
C CYS A 189 -7.10 -19.98 -12.72
N HIS A 190 -7.53 -18.74 -12.45
CA HIS A 190 -8.92 -18.50 -12.09
C HIS A 190 -9.84 -18.67 -13.29
N GLU A 191 -9.52 -18.02 -14.41
CA GLU A 191 -10.33 -18.14 -15.62
C GLU A 191 -10.37 -19.59 -16.11
N ALA A 192 -9.42 -20.42 -15.70
CA ALA A 192 -9.37 -21.81 -16.13
C ALA A 192 -10.13 -22.76 -15.21
N GLU A 193 -10.40 -22.36 -13.96
CA GLU A 193 -11.23 -23.20 -13.11
C GLU A 193 -12.66 -23.28 -13.60
N ARG A 194 -13.02 -22.49 -14.59
CA ARG A 194 -14.29 -22.63 -15.27
C ARG A 194 -14.29 -23.74 -16.31
N ASN A 195 -13.12 -24.11 -16.84
CA ASN A 195 -13.02 -25.23 -17.75
C ASN A 195 -13.44 -26.51 -17.05
N ILE A 196 -14.41 -27.23 -17.62
CA ILE A 196 -14.90 -28.43 -16.98
C ILE A 196 -13.88 -29.55 -17.08
N ALA A 197 -13.10 -29.58 -18.16
CA ALA A 197 -12.10 -30.65 -18.32
C ALA A 197 -10.94 -30.47 -17.36
N LEU A 198 -10.36 -29.26 -17.32
CA LEU A 198 -9.22 -29.01 -16.44
C LEU A 198 -9.59 -29.25 -14.98
N ARG A 199 -10.81 -28.89 -14.58
CA ARG A 199 -11.23 -29.12 -13.21
C ARG A 199 -11.16 -30.59 -12.81
N SER A 200 -11.24 -31.50 -13.78
CA SER A 200 -11.17 -32.94 -13.52
C SER A 200 -9.76 -33.50 -13.56
N SER A 201 -8.75 -32.67 -13.83
CA SER A 201 -7.37 -33.13 -13.97
C SER A 201 -6.64 -33.08 -12.64
N LEU A 202 -6.16 -34.24 -12.18
CA LEU A 202 -5.44 -34.31 -10.91
C LEU A 202 -4.20 -33.42 -10.91
N GLU A 203 -3.38 -33.52 -11.95
CA GLU A 203 -2.12 -32.77 -11.97
C GLU A 203 -2.37 -31.26 -12.07
N TRP A 204 -3.40 -30.85 -12.81
CA TRP A 204 -3.71 -29.44 -12.91
C TRP A 204 -4.09 -28.85 -11.55
N ASN A 205 -5.02 -29.51 -10.86
CA ASN A 205 -5.44 -29.02 -9.55
C ASN A 205 -4.28 -28.95 -8.58
N SER A 206 -3.35 -29.91 -8.64
CA SER A 206 -2.15 -29.83 -7.81
C SER A 206 -1.37 -28.56 -8.10
N CYS A 207 -1.18 -28.24 -9.38
CA CYS A 207 -0.51 -27.00 -9.74
C CYS A 207 -1.33 -25.80 -9.26
N VAL A 208 -2.66 -25.90 -9.31
CA VAL A 208 -3.51 -24.80 -8.88
C VAL A 208 -3.31 -24.51 -7.40
N VAL A 209 -3.18 -25.56 -6.58
CA VAL A 209 -3.01 -25.34 -5.15
C VAL A 209 -1.70 -24.60 -4.89
N GLN A 210 -0.64 -24.97 -5.61
CA GLN A 210 0.66 -24.34 -5.40
C GLN A 210 0.65 -22.90 -5.89
N THR A 211 0.30 -22.68 -7.15
CA THR A 211 0.33 -21.32 -7.70
C THR A 211 -0.50 -20.35 -6.87
N LEU A 212 -1.55 -20.84 -6.23
CA LEU A 212 -2.35 -19.97 -5.36
C LEU A 212 -1.60 -19.70 -4.06
N LYS A 213 -1.17 -20.76 -3.36
CA LYS A 213 -0.42 -20.59 -2.14
C LYS A 213 0.79 -19.69 -2.36
N GLU A 214 1.53 -19.93 -3.45
CA GLU A 214 2.67 -19.10 -3.76
C GLU A 214 2.29 -17.63 -3.83
N TYR A 215 1.11 -17.33 -4.39
CA TYR A 215 0.68 -15.94 -4.51
C TYR A 215 0.27 -15.36 -3.15
N LEU A 216 -0.37 -16.15 -2.30
CA LEU A 216 -0.75 -15.67 -0.98
C LEU A 216 0.46 -15.16 -0.20
N GLU A 217 1.50 -15.99 -0.12
CA GLU A 217 2.73 -15.60 0.55
C GLU A 217 3.54 -14.60 -0.27
N SER A 218 3.29 -14.53 -1.57
CA SER A 218 4.06 -13.66 -2.45
C SER A 218 3.95 -12.20 -2.01
N LEU A 219 5.05 -11.47 -2.17
CA LEU A 219 5.06 -10.04 -1.89
C LEU A 219 4.02 -9.31 -2.75
N GLN A 220 3.77 -9.81 -3.96
CA GLN A 220 2.85 -9.13 -4.87
C GLN A 220 1.42 -9.15 -4.38
N CYS A 221 1.01 -10.18 -3.62
CA CYS A 221 -0.38 -10.24 -3.17
C CYS A 221 -0.72 -9.12 -2.21
N LEU A 222 0.18 -8.80 -1.28
CA LEU A 222 -0.09 -7.75 -0.30
C LEU A 222 -0.02 -6.36 -0.92
N GLU A 223 1.08 -6.05 -1.61
CA GLU A 223 1.27 -4.73 -2.19
C GLU A 223 0.10 -4.28 -3.05
N SER A 224 -0.42 -5.19 -3.90
CA SER A 224 -1.35 -4.78 -4.94
C SER A 224 -2.61 -4.19 -4.34
N ASP A 225 -3.34 -4.98 -3.56
CA ASP A 225 -4.57 -4.59 -2.90
C ASP A 225 -5.05 -5.79 -2.10
N LYS A 226 -6.02 -5.55 -1.23
CA LYS A 226 -6.64 -6.60 -0.44
C LYS A 226 -8.09 -6.85 -0.84
N SER A 227 -8.51 -6.33 -2.01
CA SER A 227 -9.88 -6.48 -2.46
C SER A 227 -10.11 -7.81 -3.16
N ASP A 228 -9.30 -8.12 -4.17
CA ASP A 228 -9.42 -9.39 -4.89
C ASP A 228 -8.81 -10.56 -4.12
N TRP A 229 -8.20 -10.29 -2.97
CA TRP A 229 -7.64 -11.35 -2.15
C TRP A 229 -8.67 -12.45 -1.88
N ARG A 230 -9.91 -12.06 -1.57
CA ARG A 230 -10.96 -13.03 -1.32
C ARG A 230 -11.26 -13.86 -2.56
N ALA A 231 -11.28 -13.23 -3.74
CA ALA A 231 -11.65 -13.95 -4.95
C ALA A 231 -10.73 -15.14 -5.20
N THR A 232 -9.41 -14.92 -5.20
CA THR A 232 -8.47 -16.02 -5.42
C THR A 232 -8.59 -17.07 -4.33
N ASN A 233 -8.86 -16.64 -3.09
CA ASN A 233 -8.96 -17.59 -1.99
C ASN A 233 -10.07 -18.61 -2.21
N THR A 234 -11.16 -18.20 -2.85
CA THR A 234 -12.24 -19.14 -3.15
C THR A 234 -11.73 -20.27 -4.02
N ASP A 235 -10.99 -19.93 -5.08
CA ASP A 235 -10.52 -20.94 -6.02
C ASP A 235 -9.64 -21.98 -5.33
N LEU A 236 -8.83 -21.55 -4.36
CA LEU A 236 -8.01 -22.52 -3.63
C LEU A 236 -8.88 -23.60 -3.00
N LEU A 237 -9.94 -23.17 -2.30
CA LEU A 237 -10.85 -24.12 -1.69
C LEU A 237 -11.47 -25.02 -2.77
N LEU A 238 -11.97 -24.41 -3.84
CA LEU A 238 -12.50 -25.19 -4.96
C LEU A 238 -11.48 -26.19 -5.46
N ALA A 239 -10.25 -25.71 -5.71
CA ALA A 239 -9.19 -26.61 -6.16
C ALA A 239 -8.99 -27.75 -5.18
N TYR A 240 -8.94 -27.44 -3.88
CA TYR A 240 -8.79 -28.48 -2.86
C TYR A 240 -9.89 -29.53 -2.98
N ALA A 241 -11.14 -29.11 -3.16
CA ALA A 241 -12.23 -30.06 -3.28
C ALA A 241 -12.02 -31.00 -4.46
N ASN A 242 -11.80 -30.43 -5.65
CA ASN A 242 -11.53 -31.25 -6.83
C ASN A 242 -10.32 -32.15 -6.60
N LEU A 243 -9.22 -31.57 -6.14
CA LEU A 243 -8.00 -32.35 -5.89
C LEU A 243 -8.24 -33.48 -4.91
N MET A 244 -9.08 -33.26 -3.89
CA MET A 244 -9.36 -34.30 -2.91
C MET A 244 -10.11 -35.47 -3.54
N LEU A 245 -11.16 -35.17 -4.31
CA LEU A 245 -11.91 -36.21 -5.00
C LEU A 245 -11.01 -37.12 -5.83
N LEU A 246 -10.05 -36.54 -6.56
CA LEU A 246 -9.20 -37.33 -7.45
C LEU A 246 -8.14 -38.11 -6.69
N THR A 247 -7.47 -37.47 -5.73
CA THR A 247 -6.42 -38.14 -4.98
C THR A 247 -6.96 -39.39 -4.29
N LEU A 248 -8.18 -39.32 -3.76
CA LEU A 248 -8.74 -40.46 -3.05
C LEU A 248 -8.86 -41.67 -3.96
N SER A 249 -9.22 -41.47 -5.23
CA SER A 249 -9.47 -42.59 -6.11
C SER A 249 -8.17 -43.25 -6.58
N THR A 250 -7.24 -42.44 -7.10
CA THR A 250 -6.01 -42.98 -7.69
C THR A 250 -4.93 -43.22 -6.64
N ARG A 251 -4.62 -42.22 -5.83
CA ARG A 251 -3.49 -42.33 -4.91
C ARG A 251 -3.80 -43.31 -3.78
N ASP A 252 -2.76 -43.62 -3.00
CA ASP A 252 -2.81 -44.60 -1.93
C ASP A 252 -3.31 -43.95 -0.64
N VAL A 253 -3.47 -44.79 0.40
CA VAL A 253 -4.01 -44.34 1.67
C VAL A 253 -3.22 -43.15 2.22
N GLN A 254 -1.89 -43.22 2.17
CA GLN A 254 -1.05 -42.21 2.81
C GLN A 254 -1.26 -40.84 2.17
N GLU A 255 -1.17 -40.75 0.84
CA GLU A 255 -1.22 -39.45 0.18
C GLU A 255 -2.56 -38.76 0.40
N SER A 256 -3.65 -39.52 0.34
CA SER A 256 -4.97 -38.92 0.55
C SER A 256 -5.07 -38.28 1.93
N ARG A 257 -4.67 -38.99 2.98
CA ARG A 257 -4.73 -38.42 4.32
C ARG A 257 -3.93 -37.12 4.40
N GLU A 258 -2.75 -37.07 3.77
CA GLU A 258 -1.94 -35.85 3.84
C GLU A 258 -2.68 -34.67 3.22
N LEU A 259 -3.37 -34.89 2.10
CA LEU A 259 -4.11 -33.81 1.46
C LEU A 259 -5.21 -33.28 2.37
N LEU A 260 -5.82 -34.16 3.16
CA LEU A 260 -6.86 -33.75 4.08
C LEU A 260 -6.35 -32.66 5.02
N GLN A 261 -5.11 -32.80 5.49
CA GLN A 261 -4.56 -31.82 6.43
C GLN A 261 -4.42 -30.45 5.78
N SER A 262 -3.97 -30.40 4.52
CA SER A 262 -3.93 -29.13 3.81
C SER A 262 -5.33 -28.55 3.66
N PHE A 263 -6.30 -29.42 3.39
CA PHE A 263 -7.69 -28.98 3.28
C PHE A 263 -8.16 -28.37 4.59
N ASP A 264 -7.94 -29.11 5.68
CA ASP A 264 -8.39 -28.67 7.00
C ASP A 264 -7.67 -27.39 7.43
N SER A 265 -6.38 -27.28 7.10
CA SER A 265 -5.66 -26.04 7.38
C SER A 265 -6.29 -24.85 6.66
N ALA A 266 -6.64 -25.02 5.38
CA ALA A 266 -7.26 -23.94 4.62
C ALA A 266 -8.60 -23.53 5.22
N LEU A 267 -9.43 -24.51 5.58
CA LEU A 267 -10.74 -24.20 6.16
C LEU A 267 -10.60 -23.36 7.42
N GLN A 268 -9.71 -23.75 8.33
CA GLN A 268 -9.53 -22.99 9.56
C GLN A 268 -9.07 -21.56 9.26
N SER A 269 -8.21 -21.39 8.26
CA SER A 269 -7.73 -20.05 7.92
C SER A 269 -8.80 -19.20 7.25
N VAL A 270 -9.81 -19.83 6.65
CA VAL A 270 -10.85 -19.08 5.93
C VAL A 270 -12.03 -18.70 6.81
N LYS A 271 -12.42 -19.59 7.74
CA LYS A 271 -13.65 -19.38 8.49
C LYS A 271 -13.66 -18.04 9.23
N SER A 272 -12.50 -17.51 9.58
CA SER A 272 -12.46 -16.33 10.44
C SER A 272 -13.01 -15.09 9.73
N LEU A 273 -12.82 -14.99 8.43
CA LEU A 273 -13.25 -13.79 7.70
C LEU A 273 -14.77 -13.73 7.56
N GLY A 274 -15.38 -14.85 7.19
CA GLY A 274 -16.83 -14.88 7.06
C GLY A 274 -17.34 -13.94 5.98
N GLY A 275 -18.37 -13.17 6.31
CA GLY A 275 -18.99 -12.27 5.36
C GLY A 275 -20.15 -12.92 4.65
N ASN A 276 -20.72 -12.20 3.68
CA ASN A 276 -21.84 -12.70 2.90
C ASN A 276 -21.59 -12.46 1.41
N ASP A 277 -20.56 -13.11 0.88
CA ASP A 277 -20.23 -13.04 -0.54
C ASP A 277 -19.80 -14.43 -1.01
N GLU A 278 -19.42 -14.50 -2.28
CA GLU A 278 -19.03 -15.76 -2.92
C GLU A 278 -18.11 -16.62 -2.04
N LEU A 279 -17.11 -16.00 -1.42
CA LEU A 279 -16.20 -16.76 -0.57
C LEU A 279 -16.93 -17.45 0.57
N SER A 280 -17.81 -16.71 1.27
CA SER A 280 -18.57 -17.32 2.36
C SER A 280 -19.44 -18.45 1.85
N ALA A 281 -20.14 -18.23 0.74
CA ALA A 281 -20.96 -19.29 0.17
C ALA A 281 -20.08 -20.46 -0.25
N THR A 282 -18.91 -20.17 -0.82
CA THR A 282 -17.99 -21.23 -1.19
C THR A 282 -17.56 -22.03 0.04
N PHE A 283 -17.16 -21.32 1.10
CA PHE A 283 -16.80 -21.99 2.34
C PHE A 283 -17.90 -22.93 2.79
N LEU A 284 -19.16 -22.51 2.63
CA LEU A 284 -20.29 -23.34 3.03
C LEU A 284 -20.27 -24.67 2.30
N GLU A 285 -20.31 -24.63 0.96
CA GLU A 285 -20.36 -25.87 0.18
C GLU A 285 -19.10 -26.70 0.38
N MET A 286 -17.93 -26.06 0.36
CA MET A 286 -16.68 -26.80 0.54
C MET A 286 -16.62 -27.49 1.90
N LYS A 287 -17.21 -26.86 2.93
CA LYS A 287 -17.27 -27.50 4.23
C LYS A 287 -17.90 -28.89 4.13
N GLY A 288 -19.04 -28.99 3.43
CA GLY A 288 -19.67 -30.29 3.25
C GLY A 288 -18.78 -31.28 2.55
N HIS A 289 -18.20 -30.88 1.41
CA HIS A 289 -17.27 -31.76 0.69
C HIS A 289 -16.23 -32.34 1.63
N PHE A 290 -15.66 -31.50 2.50
CA PHE A 290 -14.62 -31.95 3.41
C PHE A 290 -15.04 -33.22 4.16
N TYR A 291 -16.20 -33.16 4.82
CA TYR A 291 -16.67 -34.32 5.57
C TYR A 291 -16.97 -35.49 4.64
N MET A 292 -17.67 -35.22 3.54
CA MET A 292 -17.99 -36.28 2.58
C MET A 292 -16.73 -37.03 2.16
N HIS A 293 -15.74 -36.31 1.64
CA HIS A 293 -14.48 -36.94 1.28
C HIS A 293 -13.81 -37.56 2.51
N ALA A 294 -13.84 -36.86 3.64
CA ALA A 294 -13.30 -37.43 4.87
C ALA A 294 -13.98 -38.76 5.20
N GLY A 295 -15.30 -38.82 5.03
CA GLY A 295 -15.99 -40.08 5.21
C GLY A 295 -15.55 -41.13 4.21
N SER A 296 -15.50 -40.77 2.92
CA SER A 296 -14.95 -41.65 1.91
C SER A 296 -13.53 -42.09 2.26
N LEU A 297 -12.70 -41.15 2.71
CA LEU A 297 -11.35 -41.48 3.15
C LEU A 297 -11.38 -42.51 4.28
N LEU A 298 -12.24 -42.31 5.26
CA LEU A 298 -12.36 -43.26 6.36
C LEU A 298 -12.67 -44.66 5.85
N LEU A 299 -13.67 -44.78 4.97
CA LEU A 299 -14.07 -46.10 4.49
C LEU A 299 -12.96 -46.80 3.72
N LYS A 300 -12.10 -46.03 3.05
CA LYS A 300 -11.00 -46.66 2.33
C LYS A 300 -10.10 -47.42 3.28
N MET A 301 -9.74 -46.80 4.40
CA MET A 301 -8.87 -47.45 5.37
C MET A 301 -9.52 -48.72 5.91
N GLY A 302 -10.78 -48.62 6.31
CA GLY A 302 -11.46 -49.76 6.91
C GLY A 302 -11.62 -50.94 5.97
N GLN A 303 -11.83 -50.69 4.68
CA GLN A 303 -11.99 -51.79 3.72
C GLN A 303 -10.85 -52.80 3.85
N HIS A 304 -9.61 -52.31 3.83
CA HIS A 304 -8.44 -53.17 3.94
C HIS A 304 -8.29 -53.75 5.34
N SER A 305 -8.85 -53.11 6.35
CA SER A 305 -8.58 -53.43 7.75
C SER A 305 -9.52 -54.51 8.24
N SER A 306 -9.52 -54.76 9.55
CA SER A 306 -10.29 -55.84 10.14
C SER A 306 -11.77 -55.45 10.27
N ASN A 307 -12.56 -56.37 10.84
CA ASN A 307 -13.99 -56.12 10.97
C ASN A 307 -14.28 -55.10 12.07
N VAL A 308 -13.60 -55.21 13.22
CA VAL A 308 -13.86 -54.30 14.32
C VAL A 308 -13.62 -52.85 13.90
N GLN A 309 -12.52 -52.60 13.19
CA GLN A 309 -12.27 -51.24 12.70
C GLN A 309 -13.27 -50.85 11.60
N TRP A 310 -13.67 -51.81 10.78
CA TRP A 310 -14.63 -51.50 9.71
C TRP A 310 -15.89 -50.88 10.27
N ARG A 311 -16.57 -51.59 11.18
CA ARG A 311 -17.81 -51.07 11.74
C ARG A 311 -17.60 -49.71 12.40
N ALA A 312 -16.56 -49.59 13.24
CA ALA A 312 -16.28 -48.33 13.91
C ALA A 312 -15.98 -47.23 12.90
N LEU A 313 -15.23 -47.55 11.85
CA LEU A 313 -14.92 -46.54 10.83
C LEU A 313 -16.16 -46.21 10.03
N SER A 314 -16.91 -47.22 9.60
CA SER A 314 -18.16 -46.96 8.89
C SER A 314 -19.13 -46.15 9.75
N GLU A 315 -19.22 -46.49 11.05
CA GLU A 315 -19.97 -45.64 11.98
C GLU A 315 -19.46 -44.20 11.91
N LEU A 316 -18.15 -44.03 11.99
CA LEU A 316 -17.56 -42.69 11.91
C LEU A 316 -17.83 -42.05 10.56
N ALA A 317 -17.68 -42.81 9.48
CA ALA A 317 -17.95 -42.27 8.14
C ALA A 317 -19.41 -41.89 7.99
N ALA A 318 -20.33 -42.74 8.47
CA ALA A 318 -21.75 -42.42 8.40
C ALA A 318 -22.03 -41.03 8.96
N LEU A 319 -21.39 -40.69 10.08
CA LEU A 319 -21.54 -39.35 10.63
C LEU A 319 -21.02 -38.29 9.67
N CYS A 320 -19.86 -38.54 9.04
CA CYS A 320 -19.30 -37.58 8.11
C CYS A 320 -20.27 -37.28 6.96
N TYR A 321 -20.69 -38.33 6.25
CA TYR A 321 -21.65 -38.14 5.18
C TYR A 321 -22.89 -37.42 5.67
N LEU A 322 -23.37 -37.77 6.86
CA LEU A 322 -24.52 -37.10 7.45
C LEU A 322 -24.28 -35.60 7.57
N ILE A 323 -23.17 -35.23 8.22
CA ILE A 323 -22.81 -33.81 8.33
C ILE A 323 -22.88 -33.15 6.97
N ALA A 324 -22.29 -33.79 5.96
CA ALA A 324 -22.29 -33.23 4.61
C ALA A 324 -23.70 -33.06 4.07
N PHE A 325 -24.51 -34.11 4.12
CA PHE A 325 -25.85 -34.03 3.57
C PHE A 325 -26.65 -32.91 4.24
N GLN A 326 -26.47 -32.75 5.55
CA GLN A 326 -27.24 -31.73 6.27
C GLN A 326 -26.96 -30.34 5.70
N VAL A 327 -25.72 -30.06 5.34
CA VAL A 327 -25.29 -28.74 4.89
C VAL A 327 -26.25 -28.24 3.82
N PRO A 328 -26.77 -27.01 3.93
CA PRO A 328 -27.82 -26.58 2.99
C PRO A 328 -27.25 -26.25 1.62
N ARG A 329 -28.14 -26.18 0.65
CA ARG A 329 -27.76 -25.77 -0.70
C ARG A 329 -27.13 -24.37 -0.63
N PRO A 330 -25.96 -24.16 -1.22
CA PRO A 330 -25.29 -22.87 -1.07
C PRO A 330 -26.10 -21.77 -1.75
N LYS A 331 -25.87 -20.54 -1.29
CA LYS A 331 -26.61 -19.38 -1.80
C LYS A 331 -26.09 -19.07 -3.19
N ILE A 332 -26.85 -19.51 -4.20
CA ILE A 332 -26.40 -19.43 -5.59
C ILE A 332 -26.49 -17.99 -6.09
N LYS A 333 -27.55 -17.27 -5.70
CA LYS A 333 -27.75 -15.91 -6.20
C LYS A 333 -26.58 -15.01 -5.85
N LEU A 334 -25.86 -15.34 -4.77
CA LEU A 334 -24.86 -14.45 -4.20
C LEU A 334 -23.56 -14.38 -5.00
N ILE A 335 -23.46 -15.12 -6.10
CA ILE A 335 -22.22 -15.15 -6.87
C ILE A 335 -22.29 -14.14 -7.99
N LYS A 336 -21.10 -13.68 -8.43
CA LYS A 336 -21.04 -12.59 -9.41
C LYS A 336 -21.61 -13.00 -10.76
N GLY A 337 -21.29 -14.21 -11.24
CA GLY A 337 -21.59 -14.59 -12.60
C GLY A 337 -22.38 -15.88 -12.70
N GLU A 338 -22.96 -16.09 -13.89
CA GLU A 338 -23.74 -17.29 -14.15
C GLU A 338 -22.88 -18.54 -14.16
N ALA A 339 -21.72 -18.49 -14.82
CA ALA A 339 -20.83 -19.64 -14.83
C ALA A 339 -20.41 -20.02 -13.41
N GLY A 340 -19.97 -19.04 -12.63
CA GLY A 340 -19.52 -19.35 -11.28
C GLY A 340 -20.61 -19.99 -10.45
N GLN A 341 -21.80 -19.37 -10.46
CA GLN A 341 -22.90 -19.86 -9.63
C GLN A 341 -23.37 -21.23 -10.09
N ASN A 342 -23.49 -21.43 -11.42
CA ASN A 342 -23.88 -22.73 -11.94
C ASN A 342 -22.90 -23.82 -11.51
N LEU A 343 -21.60 -23.53 -11.56
CA LEU A 343 -20.60 -24.46 -11.08
C LEU A 343 -20.88 -24.84 -9.62
N LEU A 344 -20.97 -23.83 -8.75
CA LEU A 344 -21.16 -24.08 -7.32
C LEU A 344 -22.37 -24.97 -7.06
N GLU A 345 -23.49 -24.71 -7.72
CA GLU A 345 -24.67 -25.57 -7.52
C GLU A 345 -24.38 -26.99 -7.99
N MET A 346 -23.71 -27.13 -9.14
CA MET A 346 -23.37 -28.46 -9.64
C MET A 346 -22.66 -29.27 -8.58
N MET A 347 -21.68 -28.65 -7.89
CA MET A 347 -20.97 -29.35 -6.84
C MET A 347 -21.91 -29.68 -5.69
N ALA A 348 -22.81 -28.77 -5.34
CA ALA A 348 -23.78 -29.04 -4.29
C ALA A 348 -24.55 -30.32 -4.60
N CYS A 349 -25.10 -30.42 -5.81
CA CYS A 349 -25.80 -31.63 -6.20
C CYS A 349 -24.90 -32.86 -6.06
N ASP A 350 -23.64 -32.74 -6.47
CA ASP A 350 -22.71 -33.86 -6.34
C ASP A 350 -22.57 -34.28 -4.87
N ARG A 351 -22.40 -33.30 -3.99
CA ARG A 351 -22.27 -33.60 -2.56
C ARG A 351 -23.48 -34.36 -2.05
N LEU A 352 -24.68 -33.81 -2.27
CA LEU A 352 -25.89 -34.45 -1.77
C LEU A 352 -26.10 -35.84 -2.38
N SER A 353 -25.77 -35.99 -3.67
CA SER A 353 -25.98 -37.27 -4.34
C SER A 353 -25.06 -38.35 -3.81
N GLN A 354 -23.75 -38.11 -3.87
CA GLN A 354 -22.78 -39.10 -3.42
C GLN A 354 -23.00 -39.45 -1.95
N SER A 355 -22.98 -38.44 -1.09
CA SER A 355 -23.22 -38.68 0.33
C SER A 355 -24.58 -39.34 0.56
N GLY A 356 -25.59 -38.94 -0.19
CA GLY A 356 -26.92 -39.51 -0.03
C GLY A 356 -26.94 -41.03 -0.18
N HIS A 357 -26.51 -41.52 -1.33
CA HIS A 357 -26.50 -42.96 -1.57
C HIS A 357 -25.66 -43.69 -0.52
N MET A 358 -24.51 -43.13 -0.16
CA MET A 358 -23.68 -43.73 0.88
C MET A 358 -24.46 -43.82 2.19
N LEU A 359 -25.06 -42.70 2.61
CA LEU A 359 -25.89 -42.70 3.80
C LEU A 359 -26.90 -43.83 3.77
N LEU A 360 -27.53 -44.05 2.62
CA LEU A 360 -28.52 -45.12 2.52
C LEU A 360 -27.88 -46.50 2.62
N ASN A 361 -26.91 -46.79 1.74
CA ASN A 361 -26.30 -48.12 1.73
C ASN A 361 -25.72 -48.49 3.09
N LEU A 362 -25.26 -47.51 3.87
CA LEU A 362 -24.78 -47.81 5.21
C LEU A 362 -25.94 -47.99 6.19
N SER A 363 -27.07 -47.34 5.93
CA SER A 363 -28.22 -47.45 6.82
C SER A 363 -29.06 -48.67 6.51
N ARG A 364 -28.97 -49.21 5.29
CA ARG A 364 -29.69 -50.44 4.97
C ARG A 364 -29.15 -51.64 5.74
N GLY A 365 -27.92 -51.55 6.25
CA GLY A 365 -27.36 -52.66 7.00
C GLY A 365 -28.20 -53.07 8.20
N LYS A 366 -28.72 -52.09 8.94
CA LYS A 366 -29.49 -52.35 10.15
C LYS A 366 -30.71 -51.44 10.17
N GLN A 367 -31.56 -51.63 11.19
CA GLN A 367 -32.79 -50.88 11.33
C GLN A 367 -32.51 -49.56 12.05
N ASP A 368 -32.92 -48.45 11.44
CA ASP A 368 -32.62 -47.11 11.93
C ASP A 368 -31.19 -47.02 12.42
N PHE A 369 -30.26 -47.63 11.67
CA PHE A 369 -28.85 -47.54 12.00
C PHE A 369 -28.39 -46.09 12.08
N LEU A 370 -28.99 -45.21 11.28
CA LEU A 370 -28.59 -43.80 11.30
C LEU A 370 -28.84 -43.17 12.66
N LYS A 371 -30.00 -43.44 13.26
CA LYS A 371 -30.34 -42.85 14.54
C LYS A 371 -29.26 -43.11 15.58
N GLU A 372 -28.81 -44.38 15.68
CA GLU A 372 -27.77 -44.73 16.63
C GLU A 372 -26.50 -43.92 16.39
N ILE A 373 -26.10 -43.77 15.13
CA ILE A 373 -24.85 -43.08 14.82
C ILE A 373 -24.85 -41.69 15.44
N VAL A 374 -25.96 -40.97 15.30
CA VAL A 374 -26.04 -39.61 15.84
C VAL A 374 -26.11 -39.64 17.36
N GLU A 375 -26.98 -40.49 17.91
CA GLU A 375 -27.17 -40.50 19.36
C GLU A 375 -25.90 -40.84 20.12
N THR A 376 -24.97 -41.55 19.49
CA THR A 376 -23.74 -41.99 20.17
C THR A 376 -22.54 -41.13 19.83
N PHE A 377 -22.37 -40.73 18.56
CA PHE A 377 -21.18 -40.01 18.14
C PHE A 377 -21.43 -38.53 17.85
N ALA A 378 -22.67 -38.07 17.77
CA ALA A 378 -22.90 -36.63 17.68
C ALA A 378 -22.32 -35.93 18.90
N ASN A 379 -22.21 -36.64 20.02
CA ASN A 379 -21.49 -36.14 21.17
C ASN A 379 -20.12 -35.63 20.75
N LYS A 380 -19.68 -34.55 21.41
CA LYS A 380 -18.35 -34.01 21.13
C LYS A 380 -17.25 -35.04 21.30
N SER A 381 -17.49 -36.09 22.10
CA SER A 381 -16.53 -37.18 22.21
C SER A 381 -16.21 -37.74 20.83
N GLY A 382 -17.21 -37.83 19.96
CA GLY A 382 -16.97 -38.28 18.60
C GLY A 382 -16.03 -37.36 17.85
N GLN A 383 -16.14 -36.05 18.08
CA GLN A 383 -15.25 -35.11 17.41
C GLN A 383 -13.79 -35.44 17.68
N SER A 384 -13.47 -35.84 18.91
CA SER A 384 -12.11 -36.25 19.22
C SER A 384 -11.79 -37.65 18.68
N ALA A 385 -12.78 -38.54 18.65
CA ALA A 385 -12.57 -39.85 18.04
C ALA A 385 -12.42 -39.77 16.53
N LEU A 386 -13.04 -38.78 15.90
CA LEU A 386 -12.86 -38.57 14.47
C LEU A 386 -11.47 -38.02 14.18
N TYR A 387 -11.09 -36.93 14.85
CA TYR A 387 -9.75 -36.39 14.70
C TYR A 387 -8.67 -37.45 14.96
N ASP A 388 -8.92 -38.34 15.92
CA ASP A 388 -7.93 -39.37 16.24
C ASP A 388 -7.70 -40.33 15.07
N ALA A 389 -8.77 -40.92 14.54
CA ALA A 389 -8.62 -41.92 13.48
C ALA A 389 -8.03 -41.33 12.22
N LEU A 390 -8.41 -40.10 11.87
CA LEU A 390 -7.96 -39.49 10.62
C LEU A 390 -6.51 -39.02 10.72
N PHE A 391 -6.20 -38.20 11.73
CA PHE A 391 -4.93 -37.52 11.82
C PHE A 391 -4.10 -38.12 12.96
N SER A 392 -2.84 -37.72 13.01
CA SER A 392 -2.01 -37.99 14.18
C SER A 392 -2.28 -36.91 15.21
N SER A 393 -2.52 -37.34 16.45
CA SER A 393 -2.89 -36.41 17.52
C SER A 393 -1.81 -35.38 17.79
N GLN A 394 -0.59 -35.59 17.31
CA GLN A 394 0.51 -34.67 17.60
C GLN A 394 0.26 -33.28 17.03
N SER A 395 -0.41 -33.19 15.89
CA SER A 395 -0.67 -31.90 15.26
C SER A 395 -1.53 -31.04 16.19
N PRO A 396 -1.37 -29.72 16.14
CA PRO A 396 -2.16 -28.86 17.03
C PRO A 396 -3.64 -28.96 16.71
N LYS A 397 -4.42 -29.39 17.69
CA LYS A 397 -5.87 -29.55 17.53
C LYS A 397 -6.61 -28.22 17.59
N ASP A 398 -5.91 -27.09 17.66
CA ASP A 398 -6.56 -25.78 17.72
C ASP A 398 -6.80 -25.21 16.33
N THR A 399 -5.80 -25.23 15.47
CA THR A 399 -5.91 -24.68 14.12
C THR A 399 -6.47 -25.69 13.12
N SER A 400 -6.93 -26.85 13.59
CA SER A 400 -7.55 -27.84 12.72
C SER A 400 -9.06 -27.57 12.71
N PHE A 401 -9.61 -27.31 11.52
CA PHE A 401 -11.04 -27.01 11.42
C PHE A 401 -11.87 -28.14 12.02
N LEU A 402 -11.45 -29.39 11.80
CA LEU A 402 -12.21 -30.54 12.28
C LEU A 402 -12.49 -30.48 13.77
N GLY A 403 -11.49 -30.13 14.57
CA GLY A 403 -11.68 -30.11 16.01
C GLY A 403 -12.48 -28.96 16.58
N SER A 404 -12.71 -27.91 15.80
CA SER A 404 -13.39 -26.71 16.29
C SER A 404 -14.78 -26.53 15.74
N ASP A 405 -15.22 -27.39 14.82
CA ASP A 405 -16.54 -27.22 14.20
C ASP A 405 -17.64 -27.47 15.22
N ASP A 406 -18.72 -26.69 15.10
CA ASP A 406 -19.88 -26.78 15.98
C ASP A 406 -20.90 -27.74 15.37
N ILE A 407 -20.86 -29.01 15.80
CA ILE A 407 -21.78 -30.02 15.34
C ILE A 407 -23.12 -29.86 16.04
N GLY A 408 -23.98 -29.00 15.50
CA GLY A 408 -25.23 -28.66 16.14
C GLY A 408 -26.47 -29.17 15.45
N ASN A 409 -27.25 -29.99 16.15
CA ASN A 409 -28.55 -30.47 15.70
C ASN A 409 -28.44 -31.21 14.35
N ILE A 410 -27.76 -32.35 14.40
CA ILE A 410 -27.69 -33.22 13.23
C ILE A 410 -29.09 -33.70 12.88
N ASP A 411 -29.51 -33.47 11.64
CA ASP A 411 -30.90 -33.75 11.25
C ASP A 411 -31.28 -35.21 11.51
N VAL A 412 -30.32 -36.13 11.36
CA VAL A 412 -30.54 -37.57 11.53
C VAL A 412 -31.82 -38.00 10.83
N ARG A 413 -32.04 -37.51 9.61
CA ARG A 413 -33.17 -37.90 8.77
C ARG A 413 -32.65 -38.53 7.49
N GLU A 414 -33.02 -39.80 7.26
CA GLU A 414 -32.60 -40.47 6.04
C GLU A 414 -33.12 -39.71 4.81
N PRO A 415 -32.42 -39.79 3.69
CA PRO A 415 -32.81 -39.02 2.51
C PRO A 415 -34.02 -39.58 1.79
N GLU A 416 -34.75 -38.68 1.14
CA GLU A 416 -35.91 -39.05 0.33
C GLU A 416 -35.45 -39.32 -1.10
N LEU A 417 -35.98 -40.40 -1.68
CA LEU A 417 -35.56 -40.81 -3.02
C LEU A 417 -35.80 -39.71 -4.04
N GLU A 418 -36.97 -39.08 -4.02
CA GLU A 418 -37.28 -38.03 -5.00
C GLU A 418 -36.24 -36.92 -4.95
N ASP A 419 -35.86 -36.47 -3.75
CA ASP A 419 -34.80 -35.48 -3.65
C ASP A 419 -33.50 -36.02 -4.24
N LEU A 420 -33.20 -37.29 -3.99
CA LEU A 420 -31.96 -37.88 -4.49
C LEU A 420 -31.90 -37.86 -6.01
N THR A 421 -33.00 -38.22 -6.67
CA THR A 421 -33.01 -38.23 -8.14
C THR A 421 -32.61 -36.87 -8.70
N ARG A 422 -33.25 -35.79 -8.23
CA ARG A 422 -32.94 -34.46 -8.73
C ARG A 422 -31.53 -34.02 -8.36
N TYR A 423 -30.96 -34.57 -7.30
CA TYR A 423 -29.57 -34.29 -6.99
C TYR A 423 -28.66 -34.94 -8.02
N ASP A 424 -28.90 -36.22 -8.29
CA ASP A 424 -28.13 -36.93 -9.32
C ASP A 424 -28.23 -36.21 -10.65
N VAL A 425 -29.45 -36.00 -11.14
CA VAL A 425 -29.66 -35.39 -12.46
C VAL A 425 -28.91 -34.08 -12.56
N GLY A 426 -28.91 -33.29 -11.49
CA GLY A 426 -28.21 -32.02 -11.50
C GLY A 426 -26.70 -32.15 -11.43
N ALA A 427 -26.20 -33.31 -11.01
CA ALA A 427 -24.76 -33.55 -10.85
C ALA A 427 -24.19 -34.47 -11.92
N ILE A 428 -24.95 -34.78 -12.97
CA ILE A 428 -24.41 -35.62 -14.03
C ILE A 428 -23.16 -35.01 -14.63
N ARG A 429 -23.15 -33.68 -14.79
CA ARG A 429 -22.01 -32.96 -15.32
C ARG A 429 -20.94 -32.67 -14.28
N ALA A 430 -21.06 -33.25 -13.09
CA ALA A 430 -20.10 -33.01 -12.03
C ALA A 430 -18.70 -33.52 -12.40
N HIS A 431 -18.61 -34.76 -12.86
CA HIS A 431 -17.33 -35.38 -13.20
C HIS A 431 -17.19 -35.61 -14.69
N ASN A 432 -17.68 -34.66 -15.49
CA ASN A 432 -17.58 -34.72 -16.95
C ASN A 432 -18.20 -36.00 -17.50
N GLY A 433 -19.23 -36.49 -16.83
CA GLY A 433 -19.96 -37.63 -17.35
C GLY A 433 -19.11 -38.85 -17.60
N SER A 434 -18.02 -39.03 -16.86
CA SER A 434 -17.22 -40.23 -17.00
C SER A 434 -18.11 -41.45 -16.78
N LEU A 435 -17.98 -42.45 -17.66
CA LEU A 435 -18.77 -43.67 -17.51
C LEU A 435 -18.57 -44.27 -16.12
N GLN A 436 -17.43 -43.98 -15.49
CA GLN A 436 -17.23 -44.33 -14.10
C GLN A 436 -18.31 -43.69 -13.22
N HIS A 437 -18.51 -42.38 -13.40
CA HIS A 437 -19.52 -41.65 -12.63
C HIS A 437 -20.89 -42.29 -12.77
N LEU A 438 -21.34 -42.47 -14.02
CA LEU A 438 -22.70 -42.95 -14.25
C LEU A 438 -22.86 -44.41 -13.83
N THR A 439 -21.87 -45.24 -14.16
CA THR A 439 -21.94 -46.65 -13.76
C THR A 439 -22.04 -46.81 -12.25
N TRP A 440 -21.45 -45.89 -11.49
CA TRP A 440 -21.62 -45.90 -10.04
C TRP A 440 -23.06 -45.60 -9.66
N LEU A 441 -23.56 -44.44 -10.09
CA LEU A 441 -24.95 -44.06 -9.81
C LEU A 441 -25.91 -45.17 -10.22
N GLY A 442 -25.80 -45.62 -11.47
CA GLY A 442 -26.68 -46.68 -11.93
C GLY A 442 -26.66 -47.90 -11.02
N LEU A 443 -25.50 -48.21 -10.46
CA LEU A 443 -25.39 -49.32 -9.53
C LEU A 443 -25.99 -48.97 -8.17
N GLN A 444 -25.80 -47.72 -7.72
CA GLN A 444 -26.37 -47.31 -6.44
C GLN A 444 -27.88 -47.40 -6.46
N TRP A 445 -28.50 -47.09 -7.59
CA TRP A 445 -29.95 -47.24 -7.71
C TRP A 445 -30.36 -48.69 -7.93
N ASN A 446 -29.40 -49.58 -8.21
CA ASN A 446 -29.72 -50.98 -8.44
C ASN A 446 -30.28 -51.65 -7.19
N SER A 447 -30.00 -51.11 -6.00
CA SER A 447 -30.49 -51.68 -4.76
C SER A 447 -31.73 -50.98 -4.23
N LEU A 448 -32.14 -49.90 -4.86
CA LEU A 448 -33.26 -49.09 -4.38
C LEU A 448 -34.55 -49.50 -5.08
N PRO A 449 -35.71 -49.20 -4.49
CA PRO A 449 -36.98 -49.58 -5.13
C PRO A 449 -37.44 -48.63 -6.23
N ALA A 450 -36.92 -47.40 -6.27
CA ALA A 450 -37.24 -46.46 -7.34
C ALA A 450 -36.07 -46.37 -8.29
N LEU A 451 -36.37 -46.26 -9.59
CA LEU A 451 -35.32 -46.28 -10.59
C LEU A 451 -34.96 -44.87 -11.04
N PRO A 452 -33.74 -44.68 -11.51
CA PRO A 452 -33.28 -43.34 -11.89
C PRO A 452 -33.74 -42.94 -13.28
N GLY A 453 -33.87 -41.62 -13.47
CA GLY A 453 -34.24 -41.08 -14.76
C GLY A 453 -33.06 -41.01 -15.72
N ILE A 454 -32.61 -42.18 -16.19
CA ILE A 454 -31.46 -42.24 -17.07
C ILE A 454 -31.68 -41.37 -18.31
N ARG A 455 -32.85 -41.51 -18.94
CA ARG A 455 -33.13 -40.71 -20.14
C ARG A 455 -32.99 -39.22 -19.86
N LYS A 456 -33.23 -38.81 -18.61
CA LYS A 456 -33.05 -37.41 -18.23
C LYS A 456 -31.59 -37.09 -18.01
N TRP A 457 -30.81 -38.05 -17.51
CA TRP A 457 -29.37 -37.87 -17.42
C TRP A 457 -28.80 -37.54 -18.80
N LEU A 458 -29.14 -38.36 -19.80
CA LEU A 458 -28.57 -38.18 -21.14
C LEU A 458 -29.01 -36.85 -21.74
N LYS A 459 -30.25 -36.43 -21.47
CA LYS A 459 -30.68 -35.14 -21.98
C LYS A 459 -29.87 -34.00 -21.37
N GLN A 460 -29.43 -34.16 -20.13
CA GLN A 460 -28.59 -33.15 -19.49
C GLN A 460 -27.18 -33.13 -20.07
N LEU A 461 -26.72 -34.23 -20.65
CA LEU A 461 -25.37 -34.32 -21.20
C LEU A 461 -25.33 -33.94 -22.67
N PHE A 462 -26.08 -34.67 -23.49
CA PHE A 462 -26.12 -34.47 -24.93
C PHE A 462 -27.45 -33.79 -25.24
N HIS A 463 -27.43 -32.46 -25.27
CA HIS A 463 -28.63 -31.68 -25.49
C HIS A 463 -29.02 -31.73 -26.95
N HIS A 464 -30.33 -31.79 -27.20
CA HIS A 464 -30.89 -31.83 -28.54
C HIS A 464 -30.47 -33.07 -29.31
N LEU A 465 -30.05 -34.13 -28.62
CA LEU A 465 -29.83 -35.41 -29.27
C LEU A 465 -31.15 -36.16 -29.39
N PRO A 466 -31.63 -36.45 -30.60
CA PRO A 466 -32.99 -37.01 -30.73
C PRO A 466 -33.12 -38.34 -30.00
N HIS A 467 -34.33 -38.60 -29.51
CA HIS A 467 -34.58 -39.87 -28.83
C HIS A 467 -34.32 -41.05 -29.75
N GLU A 468 -34.74 -40.96 -31.01
CA GLU A 468 -34.50 -42.01 -31.99
C GLU A 468 -34.21 -41.37 -33.34
N THR A 469 -33.21 -41.90 -34.05
CA THR A 469 -32.79 -41.36 -35.33
C THR A 469 -33.57 -41.95 -36.48
N SER A 470 -34.00 -41.07 -37.41
CA SER A 470 -34.72 -41.51 -38.60
C SER A 470 -33.96 -42.57 -39.38
N ARG A 471 -32.66 -42.34 -39.62
CA ARG A 471 -31.85 -43.26 -40.42
C ARG A 471 -31.26 -44.36 -39.53
N LEU A 472 -32.16 -45.24 -39.08
CA LEU A 472 -31.78 -46.44 -38.33
C LEU A 472 -31.23 -47.56 -39.21
N GLU A 473 -31.28 -47.43 -40.54
CA GLU A 473 -30.90 -48.53 -41.41
C GLU A 473 -29.41 -48.86 -41.30
N THR A 474 -28.56 -47.84 -41.24
CA THR A 474 -27.12 -48.00 -41.21
C THR A 474 -26.62 -47.84 -39.78
N ASN A 475 -25.35 -48.20 -39.57
CA ASN A 475 -24.71 -48.10 -38.27
C ASN A 475 -23.74 -46.93 -38.21
N ALA A 476 -23.76 -46.05 -39.21
CA ALA A 476 -22.94 -44.85 -39.16
C ALA A 476 -23.21 -44.10 -37.86
N PRO A 477 -22.16 -43.62 -37.17
CA PRO A 477 -22.36 -43.04 -35.84
C PRO A 477 -22.86 -41.61 -35.83
N GLU A 478 -23.22 -41.06 -36.99
CA GLU A 478 -24.00 -39.83 -37.05
C GLU A 478 -25.44 -40.06 -36.65
N SER A 479 -25.90 -41.31 -36.63
CA SER A 479 -27.26 -41.67 -36.27
C SER A 479 -27.40 -42.10 -34.81
N ILE A 480 -26.44 -41.73 -33.95
CA ILE A 480 -26.54 -42.06 -32.54
C ILE A 480 -27.76 -41.39 -31.92
N CYS A 481 -28.44 -42.11 -31.02
CA CYS A 481 -29.66 -41.63 -30.38
C CYS A 481 -29.61 -41.85 -28.87
N ILE A 482 -30.34 -41.02 -28.14
CA ILE A 482 -30.41 -41.14 -26.69
C ILE A 482 -30.86 -42.55 -26.28
N LEU A 483 -31.63 -43.21 -27.13
CA LEU A 483 -32.00 -44.60 -26.85
C LEU A 483 -30.77 -45.50 -26.85
N ASP A 484 -29.94 -45.41 -27.89
CA ASP A 484 -28.71 -46.18 -27.93
C ASP A 484 -27.91 -46.03 -26.64
N LEU A 485 -27.69 -44.78 -26.21
CA LEU A 485 -26.96 -44.55 -24.97
C LEU A 485 -27.69 -45.16 -23.79
N GLU A 486 -28.99 -44.88 -23.66
CA GLU A 486 -29.78 -45.48 -22.59
C GLU A 486 -29.65 -47.00 -22.63
N VAL A 487 -29.77 -47.58 -23.83
CA VAL A 487 -29.58 -49.02 -23.98
C VAL A 487 -28.16 -49.42 -23.60
N PHE A 488 -27.19 -48.54 -23.86
CA PHE A 488 -25.80 -48.85 -23.55
C PHE A 488 -25.56 -48.87 -22.05
N LEU A 489 -25.89 -47.77 -21.38
CA LEU A 489 -25.67 -47.67 -19.95
C LEU A 489 -26.34 -48.82 -19.20
N LEU A 490 -27.52 -49.24 -19.66
CA LEU A 490 -28.20 -50.37 -19.03
C LEU A 490 -27.31 -51.61 -19.02
N GLY A 491 -26.73 -51.94 -20.17
CA GLY A 491 -25.82 -53.08 -20.22
C GLY A 491 -24.57 -52.89 -19.39
N VAL A 492 -23.97 -51.69 -19.46
CA VAL A 492 -22.76 -51.42 -18.67
C VAL A 492 -23.01 -51.70 -17.20
N VAL A 493 -24.17 -51.28 -16.69
CA VAL A 493 -24.47 -51.50 -15.27
C VAL A 493 -24.89 -52.95 -15.03
N TYR A 494 -25.74 -53.50 -15.88
CA TYR A 494 -26.10 -54.91 -15.76
C TYR A 494 -24.86 -55.78 -15.85
N THR A 495 -23.92 -55.43 -16.73
CA THR A 495 -22.65 -56.14 -16.81
C THR A 495 -21.81 -55.89 -15.56
N SER A 496 -21.67 -54.63 -15.18
CA SER A 496 -20.82 -54.28 -14.04
C SER A 496 -21.30 -55.01 -12.80
N HIS A 497 -22.61 -54.98 -12.52
CA HIS A 497 -23.14 -55.63 -11.34
C HIS A 497 -22.73 -57.09 -11.30
N LEU A 498 -22.90 -57.80 -12.42
CA LEU A 498 -22.57 -59.22 -12.46
C LEU A 498 -21.07 -59.45 -12.25
N GLN A 499 -20.22 -58.60 -12.83
CA GLN A 499 -18.78 -58.79 -12.66
C GLN A 499 -18.38 -58.66 -11.19
N LEU A 500 -18.85 -57.61 -10.51
CA LEU A 500 -18.55 -57.44 -9.10
C LEU A 500 -19.18 -58.55 -8.27
N LYS A 501 -20.40 -58.97 -8.62
CA LYS A 501 -21.02 -60.09 -7.93
C LYS A 501 -20.12 -61.33 -7.98
N GLU A 502 -19.54 -61.61 -9.14
CA GLU A 502 -18.63 -62.74 -9.26
C GLU A 502 -17.39 -62.55 -8.40
N LYS A 503 -16.90 -61.30 -8.30
CA LYS A 503 -15.68 -61.03 -7.53
C LYS A 503 -15.90 -61.32 -6.05
N CYS A 504 -16.94 -60.74 -5.45
CA CYS A 504 -17.18 -60.93 -4.02
C CYS A 504 -17.49 -62.39 -3.70
N ASN A 505 -18.05 -63.13 -4.65
CA ASN A 505 -18.31 -64.55 -4.42
C ASN A 505 -17.01 -65.29 -4.13
N SER A 506 -15.93 -64.96 -4.84
CA SER A 506 -14.64 -65.57 -4.55
C SER A 506 -14.10 -65.10 -3.20
N HIS A 507 -14.38 -63.85 -2.83
CA HIS A 507 -13.92 -63.30 -1.56
C HIS A 507 -14.69 -63.92 -0.39
N GLN A 512 -21.99 -55.57 0.61
CA GLN A 512 -20.64 -54.99 0.56
C GLN A 512 -20.34 -54.31 -0.77
N PRO A 513 -20.64 -54.97 -1.89
CA PRO A 513 -20.38 -54.33 -3.19
C PRO A 513 -21.07 -52.99 -3.36
N LEU A 514 -22.29 -52.86 -2.85
CA LEU A 514 -22.99 -51.58 -2.94
C LEU A 514 -22.32 -50.51 -2.07
N CYS A 515 -21.69 -50.92 -0.97
CA CYS A 515 -21.25 -49.96 0.04
C CYS A 515 -20.03 -49.15 -0.37
N LEU A 516 -19.29 -49.59 -1.40
CA LEU A 516 -18.06 -48.88 -1.74
C LEU A 516 -18.37 -47.45 -2.20
N PRO A 517 -17.62 -46.46 -1.73
CA PRO A 517 -17.82 -45.08 -2.22
C PRO A 517 -17.22 -44.90 -3.61
N LEU A 518 -17.61 -43.81 -4.25
CA LEU A 518 -17.27 -43.62 -5.65
C LEU A 518 -15.76 -43.51 -5.89
N PRO A 519 -15.01 -42.72 -5.13
CA PRO A 519 -13.55 -42.66 -5.38
C PRO A 519 -12.82 -43.97 -5.14
N VAL A 520 -13.16 -44.69 -4.07
CA VAL A 520 -12.36 -45.84 -3.66
C VAL A 520 -12.42 -46.94 -4.71
N CYS A 521 -13.59 -47.18 -5.28
CA CYS A 521 -13.72 -48.30 -6.21
C CYS A 521 -12.94 -48.02 -7.48
N LYS A 522 -12.51 -49.10 -8.14
CA LYS A 522 -11.73 -49.01 -9.35
C LYS A 522 -12.67 -48.99 -10.56
N GLN A 523 -12.10 -49.04 -11.77
CA GLN A 523 -12.91 -49.06 -12.97
C GLN A 523 -13.93 -50.20 -12.89
N LEU A 524 -15.21 -49.84 -13.05
CA LEU A 524 -16.31 -50.78 -12.98
C LEU A 524 -16.79 -51.24 -14.33
N CYS A 525 -16.28 -50.67 -15.41
CA CYS A 525 -16.64 -51.03 -16.77
C CYS A 525 -15.41 -51.53 -17.50
N THR A 526 -15.64 -52.25 -18.59
CA THR A 526 -14.54 -52.74 -19.40
C THR A 526 -13.92 -51.58 -20.17
N GLU A 527 -12.58 -51.62 -20.33
CA GLU A 527 -11.89 -50.57 -21.04
C GLU A 527 -12.50 -50.35 -22.42
N ARG A 528 -13.04 -51.41 -23.02
CA ARG A 528 -13.76 -51.27 -24.29
C ARG A 528 -14.93 -50.32 -24.14
N GLN A 529 -15.82 -50.61 -23.17
CA GLN A 529 -16.97 -49.75 -22.93
C GLN A 529 -16.54 -48.32 -22.63
N LYS A 530 -15.54 -48.16 -21.75
CA LYS A 530 -15.08 -46.82 -21.41
C LYS A 530 -14.54 -46.08 -22.63
N SER A 531 -13.77 -46.77 -23.49
CA SER A 531 -13.27 -46.15 -24.69
C SER A 531 -14.40 -45.64 -25.58
N TRP A 532 -15.46 -46.45 -25.72
CA TRP A 532 -16.59 -46.05 -26.53
C TRP A 532 -17.24 -44.79 -25.99
N TRP A 533 -17.60 -44.80 -24.71
CA TRP A 533 -18.27 -43.65 -24.10
C TRP A 533 -17.43 -42.38 -24.25
N ASP A 534 -16.13 -42.47 -23.94
CA ASP A 534 -15.26 -41.31 -24.09
C ASP A 534 -15.23 -40.83 -25.54
N ALA A 535 -15.28 -41.75 -26.50
CA ALA A 535 -15.27 -41.37 -27.90
C ALA A 535 -16.55 -40.62 -28.26
N VAL A 536 -17.70 -41.28 -28.07
CA VAL A 536 -18.98 -40.65 -28.42
C VAL A 536 -19.17 -39.34 -27.67
N CYS A 537 -18.62 -39.23 -26.46
CA CYS A 537 -18.71 -37.99 -25.71
C CYS A 537 -17.90 -36.88 -26.39
N THR A 538 -16.62 -37.13 -26.63
CA THR A 538 -15.78 -36.16 -27.30
C THR A 538 -16.37 -35.77 -28.65
N LEU A 539 -16.93 -36.74 -29.37
CA LEU A 539 -17.53 -36.47 -30.67
C LEU A 539 -18.71 -35.51 -30.55
N ILE A 540 -19.69 -35.85 -29.69
CA ILE A 540 -20.92 -35.05 -29.62
C ILE A 540 -20.60 -33.62 -29.17
N HIS A 541 -19.90 -33.47 -28.06
CA HIS A 541 -19.60 -32.14 -27.51
C HIS A 541 -18.67 -31.33 -28.41
N ARG A 542 -18.20 -31.90 -29.52
CA ARG A 542 -17.30 -31.20 -30.44
C ARG A 542 -15.98 -30.84 -29.76
N LYS A 543 -15.37 -31.83 -29.13
CA LYS A 543 -14.02 -31.68 -28.59
C LYS A 543 -13.14 -32.84 -29.05
N ALA A 544 -13.30 -33.23 -30.31
CA ALA A 544 -12.49 -34.26 -30.94
C ALA A 544 -11.30 -33.61 -31.65
N VAL A 545 -10.59 -34.39 -32.47
CA VAL A 545 -9.43 -33.87 -33.20
C VAL A 545 -9.59 -34.18 -34.69
N PRO A 546 -9.50 -33.16 -35.58
CA PRO A 546 -9.68 -33.40 -37.02
C PRO A 546 -8.99 -34.65 -37.56
N GLY A 547 -7.76 -34.90 -37.09
CA GLY A 547 -7.07 -36.10 -37.51
C GLY A 547 -7.72 -37.37 -36.97
N ASN A 548 -8.02 -37.38 -35.67
CA ASN A 548 -8.61 -38.54 -35.02
C ASN A 548 -10.11 -38.69 -35.27
N VAL A 549 -10.73 -37.76 -36.00
CA VAL A 549 -12.17 -37.85 -36.23
C VAL A 549 -12.52 -39.21 -36.82
N ALA A 550 -11.82 -39.60 -37.89
CA ALA A 550 -12.15 -40.85 -38.56
C ALA A 550 -11.98 -42.03 -37.62
N LYS A 551 -10.96 -41.99 -36.76
CA LYS A 551 -10.74 -43.09 -35.82
C LYS A 551 -11.84 -43.12 -34.76
N LEU A 552 -12.05 -42.00 -34.08
CA LEU A 552 -13.15 -41.91 -33.13
C LEU A 552 -14.44 -42.37 -33.78
N ARG A 553 -14.73 -41.85 -34.97
CA ARG A 553 -15.97 -42.19 -35.67
C ARG A 553 -16.10 -43.70 -35.85
N LEU A 554 -15.03 -44.37 -36.27
CA LEU A 554 -15.09 -45.81 -36.48
C LEU A 554 -15.21 -46.57 -35.16
N LEU A 555 -14.50 -46.14 -34.12
CA LEU A 555 -14.61 -46.81 -32.83
C LEU A 555 -16.05 -46.91 -32.36
N VAL A 556 -16.81 -45.82 -32.49
CA VAL A 556 -18.23 -45.86 -32.15
C VAL A 556 -18.98 -46.80 -33.06
N GLN A 557 -18.79 -46.66 -34.38
CA GLN A 557 -19.52 -47.48 -35.34
C GLN A 557 -19.40 -48.96 -35.01
N HIS A 558 -18.24 -49.39 -34.51
CA HIS A 558 -18.00 -50.81 -34.28
C HIS A 558 -19.07 -51.40 -33.36
N GLU A 559 -19.44 -50.67 -32.31
CA GLU A 559 -20.34 -51.20 -31.30
C GLU A 559 -21.82 -50.96 -31.61
N ILE A 560 -22.13 -50.08 -32.55
CA ILE A 560 -23.53 -49.75 -32.81
C ILE A 560 -24.33 -51.01 -33.13
N ASN A 561 -23.78 -51.84 -34.01
CA ASN A 561 -24.50 -53.05 -34.44
C ASN A 561 -24.84 -53.93 -33.25
N THR A 562 -24.14 -53.76 -32.12
CA THR A 562 -24.46 -54.50 -30.91
C THR A 562 -25.54 -53.81 -30.08
N LEU A 563 -25.44 -52.49 -29.92
CA LEU A 563 -26.47 -51.73 -29.20
C LEU A 563 -27.84 -51.83 -29.86
N ARG A 564 -27.90 -52.17 -31.15
CA ARG A 564 -29.16 -52.30 -31.87
C ARG A 564 -29.50 -53.76 -32.17
N ALA A 565 -28.77 -54.70 -31.59
CA ALA A 565 -29.04 -56.13 -31.75
C ALA A 565 -29.12 -56.51 -33.22
N GLN A 566 -28.09 -56.15 -33.95
CA GLN A 566 -27.94 -56.45 -35.36
C GLN A 566 -26.91 -57.56 -35.54
N GLU A 567 -26.41 -57.72 -36.76
CA GLU A 567 -25.50 -58.80 -37.10
C GLU A 567 -24.42 -58.96 -36.03
N LYS A 568 -24.23 -60.20 -35.58
CA LYS A 568 -23.19 -60.54 -34.61
C LYS A 568 -23.21 -59.60 -33.40
N HIS A 569 -24.35 -59.58 -32.71
CA HIS A 569 -24.47 -58.86 -31.46
C HIS A 569 -23.95 -59.71 -30.31
N GLY A 570 -23.06 -59.15 -29.51
CA GLY A 570 -22.54 -59.86 -28.36
C GLY A 570 -23.47 -59.71 -27.16
N LEU A 571 -24.71 -60.19 -27.29
CA LEU A 571 -25.74 -59.96 -26.29
C LEU A 571 -26.26 -61.29 -25.77
N GLN A 572 -26.10 -61.51 -24.47
CA GLN A 572 -26.73 -62.64 -23.83
C GLN A 572 -28.25 -62.45 -23.83
N PRO A 573 -29.03 -63.51 -24.02
CA PRO A 573 -30.50 -63.33 -24.05
C PRO A 573 -31.04 -62.61 -22.83
N ALA A 574 -30.49 -62.88 -21.64
CA ALA A 574 -30.97 -62.21 -20.44
C ALA A 574 -30.80 -60.70 -20.54
N LEU A 575 -29.68 -60.25 -21.10
CA LEU A 575 -29.45 -58.81 -21.22
C LEU A 575 -30.44 -58.18 -22.20
N LEU A 576 -30.76 -58.88 -23.28
CA LEU A 576 -31.76 -58.38 -24.21
C LEU A 576 -33.11 -58.26 -23.51
N VAL A 577 -33.57 -59.36 -22.89
CA VAL A 577 -34.82 -59.31 -22.12
C VAL A 577 -34.80 -58.13 -21.15
N HIS A 578 -33.71 -58.01 -20.39
CA HIS A 578 -33.59 -56.88 -19.46
C HIS A 578 -33.75 -55.55 -20.19
N TRP A 579 -33.15 -55.41 -21.37
CA TRP A 579 -33.35 -54.20 -22.16
C TRP A 579 -34.81 -54.03 -22.55
N ALA A 580 -35.44 -55.11 -23.01
CA ALA A 580 -36.82 -55.03 -23.48
C ALA A 580 -37.76 -54.52 -22.40
N GLU A 581 -37.86 -55.25 -21.29
CA GLU A 581 -38.78 -54.84 -20.23
C GLU A 581 -38.41 -53.48 -19.66
N CYS A 582 -37.11 -53.23 -19.48
CA CYS A 582 -36.67 -51.95 -18.91
C CYS A 582 -37.09 -50.78 -19.80
N LEU A 583 -37.25 -51.01 -21.11
CA LEU A 583 -37.71 -49.95 -22.00
C LEU A 583 -39.24 -49.89 -22.07
N GLN A 584 -39.91 -51.04 -22.07
CA GLN A 584 -41.37 -51.05 -22.02
C GLN A 584 -41.86 -50.24 -20.83
N LYS A 585 -41.49 -50.68 -19.63
CA LYS A 585 -41.91 -49.99 -18.41
C LYS A 585 -41.40 -48.56 -18.36
N THR A 586 -40.21 -48.30 -18.92
CA THR A 586 -39.72 -46.93 -19.00
C THR A 586 -40.63 -46.09 -19.90
N GLY A 587 -41.07 -46.66 -21.03
CA GLY A 587 -41.91 -45.96 -21.96
C GLY A 587 -43.36 -45.94 -21.53
N SER A 588 -43.82 -47.05 -20.95
CA SER A 588 -45.21 -47.16 -20.52
C SER A 588 -45.60 -46.11 -19.48
N GLY A 589 -44.63 -45.50 -18.82
CA GLY A 589 -44.94 -44.48 -17.85
C GLY A 589 -44.85 -43.07 -18.41
N LEU A 590 -44.40 -42.96 -19.65
CA LEU A 590 -44.29 -41.66 -20.29
C LEU A 590 -45.66 -41.14 -20.72
N ASN A 591 -45.77 -39.81 -20.81
CA ASN A 591 -47.03 -39.17 -21.16
C ASN A 591 -47.21 -38.99 -22.67
N SER A 592 -46.17 -38.52 -23.35
CA SER A 592 -46.27 -38.20 -24.76
C SER A 592 -46.27 -39.46 -25.62
N PHE A 593 -46.84 -39.32 -26.82
CA PHE A 593 -46.92 -40.43 -27.76
C PHE A 593 -45.58 -40.66 -28.48
N TYR A 594 -44.89 -39.58 -28.89
CA TYR A 594 -43.61 -39.75 -29.55
C TYR A 594 -42.69 -40.65 -28.72
N ASP A 595 -42.51 -40.33 -27.44
CA ASP A 595 -41.62 -41.12 -26.61
C ASP A 595 -42.19 -42.51 -26.35
N GLN A 596 -43.49 -42.60 -26.04
CA GLN A 596 -44.11 -43.91 -25.89
C GLN A 596 -43.82 -44.78 -27.10
N ARG A 597 -44.08 -44.27 -28.29
CA ARG A 597 -43.87 -45.04 -29.51
C ARG A 597 -42.43 -45.50 -29.61
N GLU A 598 -41.49 -44.56 -29.48
CA GLU A 598 -40.07 -44.87 -29.63
C GLU A 598 -39.63 -45.96 -28.66
N TYR A 599 -39.79 -45.72 -27.36
CA TYR A 599 -39.33 -46.68 -26.37
C TYR A 599 -40.04 -48.03 -26.53
N MET A 600 -41.33 -48.01 -26.86
CA MET A 600 -42.05 -49.25 -27.08
C MET A 600 -41.57 -49.96 -28.33
N GLY A 601 -41.26 -49.22 -29.38
CA GLY A 601 -40.72 -49.81 -30.61
C GLY A 601 -39.45 -50.59 -30.35
N ARG A 602 -38.45 -49.92 -29.77
CA ARG A 602 -37.20 -50.59 -29.43
C ARG A 602 -37.44 -51.82 -28.56
N SER A 603 -38.35 -51.70 -27.60
CA SER A 603 -38.63 -52.85 -26.73
C SER A 603 -39.14 -54.02 -27.55
N VAL A 604 -40.08 -53.75 -28.46
CA VAL A 604 -40.56 -54.79 -29.36
C VAL A 604 -39.41 -55.34 -30.20
N HIS A 605 -38.54 -54.45 -30.69
CA HIS A 605 -37.40 -54.89 -31.48
C HIS A 605 -36.58 -55.94 -30.74
N TYR A 606 -36.09 -55.58 -29.55
CA TYR A 606 -35.31 -56.54 -28.77
C TYR A 606 -36.11 -57.80 -28.48
N TRP A 607 -37.39 -57.64 -28.15
CA TRP A 607 -38.23 -58.82 -27.95
C TRP A 607 -38.21 -59.72 -29.18
N LYS A 608 -38.42 -59.15 -30.35
CA LYS A 608 -38.45 -59.95 -31.58
C LYS A 608 -37.12 -60.67 -31.81
N LYS A 609 -36.03 -60.17 -31.24
CA LYS A 609 -34.74 -60.81 -31.38
C LYS A 609 -34.52 -61.91 -30.35
N VAL A 610 -35.17 -61.79 -29.18
CA VAL A 610 -34.98 -62.77 -28.11
C VAL A 610 -35.81 -64.02 -28.36
N LEU A 611 -37.09 -63.83 -28.69
CA LEU A 611 -38.01 -64.96 -28.76
C LEU A 611 -37.44 -66.14 -29.52
N PRO A 612 -36.75 -65.96 -30.66
CA PRO A 612 -36.10 -67.11 -31.29
C PRO A 612 -35.13 -67.82 -30.35
N LEU A 613 -34.37 -67.07 -29.56
CA LEU A 613 -33.46 -67.67 -28.60
C LEU A 613 -34.21 -68.41 -27.50
N LEU A 614 -35.26 -67.80 -26.94
CA LEU A 614 -36.00 -68.42 -25.86
C LEU A 614 -36.59 -69.76 -26.28
N LYS A 615 -37.05 -69.87 -27.54
CA LYS A 615 -37.64 -71.10 -28.01
C LYS A 615 -36.62 -72.25 -28.01
N ILE A 616 -35.40 -71.98 -28.47
CA ILE A 616 -34.35 -72.99 -28.39
C ILE A 616 -34.02 -73.29 -26.92
N ILE A 617 -33.99 -72.26 -26.08
CA ILE A 617 -33.76 -72.49 -24.65
C ILE A 617 -34.96 -73.19 -24.03
N LYS A 618 -36.15 -73.00 -24.58
CA LYS A 618 -37.34 -73.62 -24.02
C LYS A 618 -37.28 -75.14 -24.11
N LYS A 619 -36.63 -75.67 -25.14
CA LYS A 619 -36.45 -77.10 -25.31
C LYS A 619 -35.10 -77.58 -24.75
N LYS A 620 -34.47 -76.79 -23.88
CA LYS A 620 -33.22 -77.18 -23.24
C LYS A 620 -32.16 -77.56 -24.27
N ASN A 621 -31.83 -76.59 -25.11
CA ASN A 621 -30.71 -76.67 -26.02
C ASN A 621 -29.63 -75.65 -25.63
N SER A 622 -28.59 -75.57 -26.46
CA SER A 622 -27.44 -74.73 -26.17
C SER A 622 -27.48 -73.47 -27.03
N ILE A 623 -27.13 -72.34 -26.42
CA ILE A 623 -27.04 -71.08 -27.16
C ILE A 623 -25.63 -70.95 -27.74
N PRO A 624 -25.48 -70.49 -28.99
CA PRO A 624 -24.12 -70.27 -29.52
C PRO A 624 -23.44 -69.10 -28.82
N GLU A 625 -22.41 -69.37 -28.03
CA GLU A 625 -21.76 -68.33 -27.26
C GLU A 625 -21.04 -67.35 -28.19
N PRO A 626 -20.75 -66.15 -27.71
CA PRO A 626 -20.27 -65.08 -28.60
C PRO A 626 -18.77 -65.09 -28.81
N ILE A 627 -18.34 -64.23 -29.72
CA ILE A 627 -16.94 -64.01 -30.05
C ILE A 627 -16.58 -62.62 -29.55
N ASP A 628 -15.77 -62.55 -28.50
CA ASP A 628 -15.33 -61.29 -27.92
C ASP A 628 -16.56 -60.37 -27.75
N PRO A 629 -17.50 -60.74 -26.90
CA PRO A 629 -18.72 -59.94 -26.80
C PRO A 629 -18.43 -58.58 -26.19
N LEU A 630 -19.32 -57.64 -26.49
CA LEU A 630 -19.20 -56.31 -25.92
C LEU A 630 -19.68 -56.29 -24.47
N PHE A 631 -20.68 -57.13 -24.16
CA PHE A 631 -21.24 -57.23 -22.82
C PHE A 631 -21.02 -58.66 -22.34
N LYS A 632 -20.14 -58.82 -21.34
CA LYS A 632 -19.71 -60.13 -20.87
C LYS A 632 -20.89 -61.05 -20.58
N HIS A 633 -20.81 -62.28 -21.09
CA HIS A 633 -21.80 -63.30 -20.76
C HIS A 633 -21.58 -63.82 -19.34
N PHE A 634 -22.66 -64.31 -18.73
CA PHE A 634 -22.61 -64.89 -17.39
C PHE A 634 -23.62 -66.03 -17.30
N HIS A 635 -23.19 -67.15 -16.72
CA HIS A 635 -24.13 -68.21 -16.36
C HIS A 635 -24.88 -67.90 -15.07
N SER A 636 -24.50 -66.82 -14.36
CA SER A 636 -25.23 -66.46 -13.15
C SER A 636 -26.68 -66.09 -13.46
N VAL A 637 -26.93 -65.52 -14.63
CA VAL A 637 -28.27 -65.07 -15.02
C VAL A 637 -28.75 -65.75 -16.29
N ASP A 638 -28.14 -66.88 -16.67
CA ASP A 638 -28.60 -67.59 -17.85
C ASP A 638 -30.06 -67.97 -17.69
N ILE A 639 -30.84 -67.75 -18.76
CA ILE A 639 -32.28 -67.94 -18.69
C ILE A 639 -32.60 -69.41 -18.49
N GLN A 640 -33.61 -69.68 -17.66
CA GLN A 640 -34.06 -71.03 -17.35
C GLN A 640 -35.49 -71.24 -17.86
N ALA A 641 -35.83 -72.50 -18.09
CA ALA A 641 -37.17 -72.83 -18.56
C ALA A 641 -38.25 -72.34 -17.60
N SER A 642 -37.93 -72.25 -16.31
CA SER A 642 -38.93 -71.81 -15.33
C SER A 642 -39.46 -70.42 -15.65
N GLU A 643 -38.67 -69.59 -16.33
CA GLU A 643 -39.03 -68.20 -16.58
C GLU A 643 -39.44 -67.92 -18.01
N ILE A 644 -39.38 -68.93 -18.90
CA ILE A 644 -39.63 -68.69 -20.32
C ILE A 644 -41.06 -68.23 -20.53
N VAL A 645 -42.02 -69.01 -20.04
CA VAL A 645 -43.43 -68.71 -20.29
C VAL A 645 -43.77 -67.30 -19.80
N GLU A 646 -43.11 -66.84 -18.73
CA GLU A 646 -43.35 -65.49 -18.25
C GLU A 646 -42.94 -64.45 -19.29
N TYR A 647 -41.73 -64.59 -19.84
CA TYR A 647 -41.23 -63.64 -20.82
C TYR A 647 -42.10 -63.62 -22.08
N GLU A 648 -42.43 -64.80 -22.60
CA GLU A 648 -43.36 -64.85 -23.74
C GLU A 648 -44.64 -64.07 -23.46
N GLU A 649 -45.17 -64.20 -22.24
CA GLU A 649 -46.35 -63.44 -21.87
C GLU A 649 -46.03 -61.96 -21.74
N ASP A 650 -45.03 -61.61 -20.94
CA ASP A 650 -44.66 -60.21 -20.76
C ASP A 650 -44.30 -59.56 -22.09
N ALA A 651 -43.72 -60.34 -23.02
CA ALA A 651 -43.42 -59.81 -24.34
C ALA A 651 -44.71 -59.55 -25.11
N HIS A 652 -45.63 -60.52 -25.08
CA HIS A 652 -46.90 -60.36 -25.78
C HIS A 652 -47.60 -59.08 -25.35
N ILE A 653 -47.44 -58.68 -24.09
CA ILE A 653 -47.96 -57.39 -23.64
C ILE A 653 -47.30 -56.28 -24.44
N THR A 654 -45.97 -56.30 -24.52
CA THR A 654 -45.25 -55.26 -25.25
C THR A 654 -45.71 -55.20 -26.70
N PHE A 655 -45.98 -56.36 -27.30
CA PHE A 655 -46.57 -56.36 -28.64
C PHE A 655 -47.91 -55.64 -28.63
N ALA A 656 -48.82 -56.05 -27.74
CA ALA A 656 -50.14 -55.44 -27.69
C ALA A 656 -50.05 -53.94 -27.48
N VAL A 657 -49.17 -53.50 -26.57
CA VAL A 657 -49.05 -52.06 -26.28
C VAL A 657 -48.73 -51.30 -27.56
N LEU A 658 -47.70 -51.74 -28.29
CA LEU A 658 -47.32 -51.06 -29.51
C LEU A 658 -48.44 -51.13 -30.55
N ASP A 659 -49.09 -52.30 -30.66
CA ASP A 659 -50.25 -52.41 -31.54
C ASP A 659 -51.28 -51.34 -31.20
N ALA A 660 -51.55 -51.12 -29.91
CA ALA A 660 -52.49 -50.09 -29.50
C ALA A 660 -52.01 -48.72 -29.93
N VAL A 661 -50.73 -48.43 -29.72
CA VAL A 661 -50.20 -47.11 -30.06
C VAL A 661 -50.22 -46.88 -31.56
N ASN A 662 -50.12 -47.95 -32.36
CA ASN A 662 -50.13 -47.78 -33.81
C ASN A 662 -51.54 -47.65 -34.35
N GLY A 663 -52.53 -48.27 -33.72
CA GLY A 663 -53.89 -48.13 -34.18
C GLY A 663 -54.65 -49.44 -34.25
N ASN A 664 -53.93 -50.56 -34.11
CA ASN A 664 -54.56 -51.88 -34.13
C ASN A 664 -55.20 -52.15 -32.77
N ILE A 665 -56.23 -51.36 -32.48
CA ILE A 665 -56.90 -51.47 -31.19
C ILE A 665 -57.56 -52.84 -31.09
N GLU A 666 -58.19 -53.29 -32.18
CA GLU A 666 -58.91 -54.55 -32.17
C GLU A 666 -57.99 -55.69 -31.75
N ASP A 667 -56.80 -55.75 -32.35
CA ASP A 667 -55.85 -56.80 -32.01
C ASP A 667 -55.21 -56.57 -30.64
N ALA A 668 -55.01 -55.30 -30.26
CA ALA A 668 -54.43 -55.01 -28.95
C ALA A 668 -55.36 -55.45 -27.82
N VAL A 669 -56.64 -55.07 -27.89
CA VAL A 669 -57.59 -55.47 -26.86
C VAL A 669 -57.72 -56.98 -26.81
N THR A 670 -57.86 -57.61 -27.98
CA THR A 670 -57.97 -59.06 -28.03
C THR A 670 -56.82 -59.71 -27.29
N ALA A 671 -55.62 -59.16 -27.41
CA ALA A 671 -54.47 -59.72 -26.69
C ALA A 671 -54.50 -59.33 -25.22
N PHE A 672 -54.63 -58.04 -24.93
CA PHE A 672 -54.69 -57.59 -23.54
C PHE A 672 -55.73 -58.38 -22.75
N GLU A 673 -56.94 -58.52 -23.30
CA GLU A 673 -57.97 -59.22 -22.56
C GLU A 673 -57.60 -60.67 -22.34
N SER A 674 -56.75 -61.23 -23.21
CA SER A 674 -56.38 -62.62 -23.11
C SER A 674 -55.64 -62.88 -21.81
N ILE A 675 -54.89 -61.89 -21.33
CA ILE A 675 -54.07 -62.02 -20.13
C ILE A 675 -54.60 -61.05 -19.09
N LYS A 676 -54.94 -61.59 -17.91
CA LYS A 676 -55.48 -60.80 -16.80
C LYS A 676 -54.31 -60.27 -15.98
N SER A 677 -53.70 -59.20 -16.48
CA SER A 677 -52.56 -58.58 -15.82
C SER A 677 -52.89 -57.17 -15.35
N VAL A 678 -52.23 -56.76 -14.28
CA VAL A 678 -52.45 -55.42 -13.72
C VAL A 678 -52.13 -54.35 -14.75
N VAL A 679 -51.03 -54.52 -15.50
CA VAL A 679 -50.63 -53.53 -16.48
C VAL A 679 -51.66 -53.43 -17.61
N SER A 680 -52.20 -54.57 -18.04
CA SER A 680 -53.20 -54.55 -19.10
C SER A 680 -54.45 -53.78 -18.71
N TYR A 681 -54.78 -53.74 -17.42
CA TYR A 681 -55.91 -52.93 -16.98
C TYR A 681 -55.64 -51.45 -17.24
N TRP A 682 -54.51 -50.95 -16.75
CA TRP A 682 -54.18 -49.54 -16.95
C TRP A 682 -54.15 -49.16 -18.42
N ASN A 683 -53.73 -50.08 -19.29
CA ASN A 683 -53.77 -49.81 -20.73
C ASN A 683 -55.20 -49.87 -21.25
N LEU A 684 -55.91 -50.96 -20.97
CA LEU A 684 -57.32 -51.06 -21.34
C LEU A 684 -58.11 -49.84 -20.89
N ALA A 685 -57.97 -49.47 -19.62
CA ALA A 685 -58.68 -48.31 -19.09
C ALA A 685 -58.28 -47.02 -19.81
N LEU A 686 -56.99 -46.79 -20.00
CA LEU A 686 -56.54 -45.52 -20.58
C LEU A 686 -57.09 -45.34 -21.98
N ILE A 687 -57.24 -46.42 -22.74
CA ILE A 687 -57.73 -46.31 -24.10
C ILE A 687 -59.25 -46.30 -24.14
N PHE A 688 -59.92 -46.97 -23.19
CA PHE A 688 -61.36 -46.87 -23.09
C PHE A 688 -61.77 -45.47 -22.67
N HIS A 689 -60.99 -44.83 -21.80
CA HIS A 689 -61.29 -43.48 -21.36
C HIS A 689 -61.23 -42.50 -22.53
N ARG A 690 -60.24 -42.67 -23.42
CA ARG A 690 -60.10 -41.75 -24.54
C ARG A 690 -61.25 -41.88 -25.54
N LYS A 691 -61.68 -43.11 -25.82
CA LYS A 691 -62.80 -43.30 -26.72
C LYS A 691 -64.08 -42.68 -26.16
N ALA A 692 -64.20 -42.62 -24.84
CA ALA A 692 -65.36 -42.02 -24.21
C ALA A 692 -65.26 -40.49 -24.14
N GLU A 693 -64.13 -39.98 -23.65
CA GLU A 693 -64.02 -38.55 -23.36
C GLU A 693 -64.27 -37.70 -24.60
N ASP A 694 -63.71 -38.10 -25.75
CA ASP A 694 -63.87 -37.28 -26.95
C ASP A 694 -65.32 -37.20 -27.39
N ILE A 695 -66.03 -38.34 -27.38
CA ILE A 695 -67.41 -38.43 -27.84
C ILE A 695 -68.44 -38.08 -26.78
N GLU A 696 -68.01 -37.74 -25.56
CA GLU A 696 -68.95 -37.67 -24.43
C GLU A 696 -69.87 -36.45 -24.44
N ASN A 697 -69.46 -35.31 -25.00
CA ASN A 697 -70.24 -34.10 -24.85
C ASN A 697 -70.66 -33.40 -26.13
N ASP A 698 -70.13 -33.78 -27.30
CA ASP A 698 -70.56 -33.13 -28.52
C ASP A 698 -71.94 -33.61 -28.94
N ALA A 699 -72.69 -32.72 -29.60
CA ALA A 699 -73.97 -33.10 -30.16
C ALA A 699 -73.77 -34.21 -31.17
N LEU A 700 -74.49 -35.32 -30.96
CA LEU A 700 -74.27 -36.52 -31.75
C LEU A 700 -75.41 -37.50 -31.47
N SER A 701 -75.53 -38.48 -32.35
CA SER A 701 -76.62 -39.45 -32.26
C SER A 701 -76.78 -39.96 -30.83
N PRO A 702 -78.00 -39.96 -30.27
CA PRO A 702 -78.16 -40.37 -28.88
C PRO A 702 -77.73 -41.80 -28.62
N GLU A 703 -78.07 -42.73 -29.52
CA GLU A 703 -77.63 -44.11 -29.36
C GLU A 703 -76.12 -44.19 -29.22
N GLU A 704 -75.39 -43.45 -30.06
CA GLU A 704 -73.93 -43.42 -29.93
C GLU A 704 -73.51 -42.89 -28.58
N GLN A 705 -74.20 -41.85 -28.09
CA GLN A 705 -73.83 -41.28 -26.79
C GLN A 705 -73.92 -42.35 -25.69
N GLU A 706 -74.95 -43.20 -25.72
CA GLU A 706 -75.05 -44.26 -24.74
C GLU A 706 -73.87 -45.23 -24.88
N GLU A 707 -73.49 -45.55 -26.12
CA GLU A 707 -72.33 -46.40 -26.35
C GLU A 707 -71.06 -45.73 -25.86
N CYS A 708 -70.97 -44.41 -25.99
CA CYS A 708 -69.81 -43.68 -25.49
C CYS A 708 -69.73 -43.81 -23.98
N LYS A 709 -70.84 -43.53 -23.29
CA LYS A 709 -70.90 -43.69 -21.84
C LYS A 709 -70.49 -45.10 -21.44
N ASN A 710 -70.90 -46.11 -22.22
CA ASN A 710 -70.59 -47.49 -21.87
C ASN A 710 -69.09 -47.71 -21.71
N TYR A 711 -68.28 -47.03 -22.53
CA TYR A 711 -66.83 -47.15 -22.39
C TYR A 711 -66.36 -46.53 -21.08
N LEU A 712 -66.84 -45.33 -20.76
CA LEU A 712 -66.47 -44.71 -19.50
C LEU A 712 -66.83 -45.62 -18.33
N ARG A 713 -67.89 -46.41 -18.47
CA ARG A 713 -68.25 -47.38 -17.44
C ARG A 713 -67.19 -48.47 -17.32
N LYS A 714 -66.62 -48.90 -18.45
CA LYS A 714 -65.55 -49.90 -18.42
C LYS A 714 -64.28 -49.33 -17.79
N THR A 715 -63.92 -48.09 -18.13
CA THR A 715 -62.77 -47.44 -17.51
C THR A 715 -62.85 -47.49 -15.99
N ARG A 716 -63.97 -47.02 -15.43
CA ARG A 716 -64.16 -47.04 -13.99
C ARG A 716 -63.90 -48.42 -13.41
N ASP A 717 -64.43 -49.46 -14.05
CA ASP A 717 -64.32 -50.81 -13.50
C ASP A 717 -62.86 -51.28 -13.47
N TYR A 718 -62.11 -51.05 -14.55
CA TYR A 718 -60.74 -51.52 -14.61
C TYR A 718 -59.84 -50.81 -13.59
N LEU A 719 -60.02 -49.49 -13.42
CA LEU A 719 -59.27 -48.79 -12.38
C LEU A 719 -59.58 -49.34 -11.00
N ILE A 720 -60.84 -49.75 -10.78
CA ILE A 720 -61.22 -50.30 -9.49
C ILE A 720 -60.57 -51.67 -9.27
N LYS A 721 -60.50 -52.48 -10.33
CA LYS A 721 -59.80 -53.76 -10.22
C LYS A 721 -58.34 -53.55 -9.85
N ILE A 722 -57.72 -52.49 -10.37
CA ILE A 722 -56.35 -52.16 -10.03
C ILE A 722 -56.20 -51.90 -8.53
N ILE A 723 -57.04 -51.00 -8.00
CA ILE A 723 -56.90 -50.62 -6.60
C ILE A 723 -57.29 -51.78 -5.69
N ASP A 724 -58.33 -52.52 -6.05
CA ASP A 724 -58.73 -53.67 -5.26
C ASP A 724 -57.59 -54.68 -5.15
N ASP A 725 -57.04 -55.08 -6.30
CA ASP A 725 -55.93 -56.02 -6.30
C ASP A 725 -54.66 -55.38 -5.74
N SER A 726 -54.53 -54.06 -5.88
CA SER A 726 -53.34 -53.38 -5.40
C SER A 726 -53.26 -53.39 -3.87
N ASP A 727 -54.32 -52.92 -3.21
CA ASP A 727 -54.30 -52.84 -1.75
C ASP A 727 -54.12 -54.22 -1.12
N SER A 728 -54.54 -55.28 -1.79
CA SER A 728 -54.50 -56.61 -1.19
C SER A 728 -53.08 -57.17 -1.16
N ASN A 729 -52.31 -56.97 -2.23
CA ASN A 729 -51.01 -57.61 -2.38
C ASN A 729 -49.97 -56.56 -2.74
N LEU A 730 -48.77 -56.70 -2.16
CA LEU A 730 -47.69 -55.76 -2.41
C LEU A 730 -47.00 -56.02 -3.74
N SER A 731 -46.84 -57.30 -4.12
CA SER A 731 -46.16 -57.62 -5.37
C SER A 731 -46.84 -56.94 -6.56
N VAL A 732 -48.17 -56.82 -6.51
CA VAL A 732 -48.89 -56.16 -7.59
C VAL A 732 -48.61 -54.65 -7.57
N VAL A 733 -48.42 -54.06 -6.39
CA VAL A 733 -48.15 -52.63 -6.32
C VAL A 733 -46.90 -52.28 -7.11
N LYS A 734 -45.92 -53.17 -7.11
CA LYS A 734 -44.67 -52.96 -7.84
C LYS A 734 -44.83 -53.16 -9.33
N LYS A 735 -45.85 -53.92 -9.75
CA LYS A 735 -46.10 -54.14 -11.17
C LYS A 735 -46.82 -52.97 -11.82
N LEU A 736 -47.36 -52.05 -11.03
CA LEU A 736 -48.09 -50.94 -11.60
C LEU A 736 -47.21 -50.21 -12.60
N PRO A 737 -47.68 -49.98 -13.83
CA PRO A 737 -46.86 -49.22 -14.79
C PRO A 737 -46.71 -47.76 -14.39
N VAL A 738 -47.60 -47.26 -13.53
CA VAL A 738 -47.53 -45.90 -13.00
C VAL A 738 -47.77 -45.97 -11.49
N PRO A 739 -47.57 -44.89 -10.75
CA PRO A 739 -47.77 -44.95 -9.29
C PRO A 739 -49.22 -45.23 -8.94
N LEU A 740 -49.41 -45.84 -7.76
CA LEU A 740 -50.75 -46.14 -7.28
C LEU A 740 -51.57 -44.87 -7.15
N GLU A 741 -51.00 -43.83 -6.54
CA GLU A 741 -51.71 -42.57 -6.37
C GLU A 741 -52.12 -41.98 -7.71
N SER A 742 -51.34 -42.22 -8.77
CA SER A 742 -51.73 -41.74 -10.09
C SER A 742 -52.96 -42.47 -10.60
N VAL A 743 -53.06 -43.78 -10.33
CA VAL A 743 -54.24 -44.54 -10.73
C VAL A 743 -55.47 -43.99 -10.02
N LYS A 744 -55.35 -43.76 -8.71
CA LYS A 744 -56.47 -43.20 -7.96
C LYS A 744 -56.82 -41.80 -8.44
N GLU A 745 -55.82 -41.00 -8.81
CA GLU A 745 -56.07 -39.65 -9.29
C GLU A 745 -57.01 -39.64 -10.50
N MET A 746 -56.71 -40.47 -11.50
CA MET A 746 -57.59 -40.56 -12.66
C MET A 746 -58.99 -40.96 -12.24
N LEU A 747 -59.11 -41.97 -11.36
CA LEU A 747 -60.41 -42.48 -10.99
C LEU A 747 -61.31 -41.37 -10.43
N ASN A 748 -60.75 -40.51 -9.58
CA ASN A 748 -61.53 -39.38 -9.06
C ASN A 748 -62.16 -38.57 -10.18
N SER A 749 -61.35 -38.22 -11.20
CA SER A 749 -61.88 -37.45 -12.32
C SER A 749 -62.80 -38.29 -13.18
N VAL A 750 -62.50 -39.57 -13.34
CA VAL A 750 -63.32 -40.44 -14.19
C VAL A 750 -64.76 -40.48 -13.71
N MET A 751 -64.97 -40.59 -12.39
CA MET A 751 -66.33 -40.76 -11.87
C MET A 751 -67.09 -39.45 -11.78
N GLN A 752 -66.40 -38.35 -11.48
CA GLN A 752 -67.07 -37.04 -11.47
C GLN A 752 -67.52 -36.64 -12.86
N GLU A 753 -66.96 -37.26 -13.90
CA GLU A 753 -67.38 -37.03 -15.27
C GLU A 753 -68.79 -37.56 -15.52
N ASP B 146 -11.13 44.74 4.27
CA ASP B 146 -10.88 45.09 5.66
C ASP B 146 -11.03 43.88 6.58
N GLY B 147 -11.94 42.97 6.24
CA GLY B 147 -12.14 41.78 7.06
C GLY B 147 -10.96 40.84 7.05
N TRP B 148 -10.42 40.56 5.86
CA TRP B 148 -9.26 39.68 5.76
C TRP B 148 -8.05 40.26 6.48
N ASN B 149 -7.77 41.55 6.23
CA ASN B 149 -6.67 42.20 6.91
C ASN B 149 -6.86 42.17 8.42
N LYS B 150 -8.10 42.29 8.89
CA LYS B 150 -8.37 42.20 10.32
C LYS B 150 -7.97 40.84 10.90
N LEU B 151 -8.39 39.75 10.25
CA LEU B 151 -7.98 38.42 10.72
C LEU B 151 -6.47 38.24 10.73
N PHE B 152 -5.78 38.73 9.70
CA PHE B 152 -4.32 38.65 9.67
C PHE B 152 -3.64 39.32 10.85
N ASP B 153 -4.09 40.51 11.24
CA ASP B 153 -3.45 41.20 12.35
C ASP B 153 -3.59 40.42 13.66
N LEU B 154 -4.75 39.81 13.89
CA LEU B 154 -4.92 38.98 15.08
C LEU B 154 -3.88 37.85 15.14
N ILE B 155 -3.75 37.08 14.07
CA ILE B 155 -2.78 36.00 14.06
C ILE B 155 -1.36 36.52 14.28
N GLN B 156 -1.01 37.62 13.61
CA GLN B 156 0.35 38.16 13.75
C GLN B 156 0.61 38.59 15.19
N SER B 157 -0.32 39.35 15.77
CA SER B 157 -0.20 39.77 17.17
C SER B 157 -0.11 38.55 18.08
N GLU B 158 -0.79 37.46 17.71
CA GLU B 158 -0.74 36.22 18.46
C GLU B 158 0.59 35.48 18.28
N LEU B 159 1.19 35.53 17.09
CA LEU B 159 2.45 34.81 16.87
C LEU B 159 3.63 35.53 17.52
N TYR B 160 3.52 36.84 17.75
CA TYR B 160 4.60 37.61 18.37
C TYR B 160 5.03 36.98 19.69
N VAL B 161 4.06 36.81 20.60
CA VAL B 161 4.32 36.29 21.93
C VAL B 161 4.23 34.77 22.03
N ARG B 162 3.61 34.10 21.05
CA ARG B 162 3.47 32.64 21.06
C ARG B 162 3.91 32.12 19.70
N PRO B 163 5.21 32.13 19.41
CA PRO B 163 5.68 31.57 18.13
C PRO B 163 5.63 30.06 18.03
N ASP B 164 5.44 29.32 19.12
CA ASP B 164 5.41 27.86 19.05
C ASP B 164 4.01 27.31 18.86
N ASP B 165 3.02 28.17 18.70
CA ASP B 165 1.65 27.72 18.51
C ASP B 165 1.43 27.10 17.14
N VAL B 166 1.11 25.80 17.12
CA VAL B 166 0.94 25.11 15.85
C VAL B 166 -0.34 25.60 15.17
N HIS B 167 -1.45 25.58 15.90
CA HIS B 167 -2.76 25.87 15.31
C HIS B 167 -2.80 27.30 14.75
N VAL B 168 -2.30 28.27 15.50
CA VAL B 168 -2.40 29.67 15.07
C VAL B 168 -1.61 29.87 13.78
N ASN B 169 -0.36 29.41 13.77
CA ASN B 169 0.47 29.58 12.58
C ASN B 169 -0.14 28.83 11.39
N ILE B 170 -0.75 27.67 11.63
CA ILE B 170 -1.39 26.91 10.56
C ILE B 170 -2.45 27.75 9.85
N ARG B 171 -3.33 28.40 10.63
CA ARG B 171 -4.37 29.22 10.02
C ARG B 171 -3.79 30.38 9.24
N LEU B 172 -2.67 30.94 9.69
CA LEU B 172 -2.06 32.07 9.01
C LEU B 172 -1.68 31.70 7.58
N VAL B 173 -1.08 30.53 7.38
CA VAL B 173 -0.69 30.11 6.04
C VAL B 173 -1.93 29.95 5.16
N GLU B 174 -3.03 29.47 5.75
CA GLU B 174 -4.26 29.31 4.97
C GLU B 174 -4.80 30.66 4.54
N VAL B 175 -4.68 31.68 5.40
CA VAL B 175 -5.17 33.01 5.06
C VAL B 175 -4.29 33.67 4.01
N TYR B 176 -2.96 33.55 4.14
CA TYR B 176 -2.05 34.17 3.19
C TYR B 176 -2.36 33.80 1.74
N ARG B 177 -2.53 32.50 1.47
CA ARG B 177 -2.69 32.04 0.10
C ARG B 177 -4.01 32.45 -0.53
N SER B 178 -5.05 32.70 0.26
CA SER B 178 -6.34 33.07 -0.33
C SER B 178 -6.27 34.42 -1.04
N THR B 179 -5.47 35.35 -0.52
CA THR B 179 -5.21 36.63 -1.17
C THR B 179 -4.11 36.57 -2.23
N LYS B 180 -3.66 35.37 -2.62
CA LYS B 180 -2.63 35.19 -3.64
C LYS B 180 -1.29 35.81 -3.23
N ARG B 181 -1.02 35.88 -1.93
CA ARG B 181 0.32 36.21 -1.44
C ARG B 181 1.15 34.94 -1.26
N LEU B 182 1.38 34.24 -2.37
CA LEU B 182 1.97 32.91 -2.30
C LEU B 182 3.41 32.96 -1.82
N LYS B 183 4.21 33.89 -2.33
CA LYS B 183 5.60 33.99 -1.87
C LYS B 183 5.66 34.40 -0.40
N ASP B 184 4.81 35.35 0.01
CA ASP B 184 4.79 35.74 1.42
C ASP B 184 4.34 34.59 2.31
N ALA B 185 3.43 33.74 1.82
CA ALA B 185 3.03 32.57 2.59
C ALA B 185 4.22 31.64 2.82
N VAL B 186 4.99 31.38 1.76
CA VAL B 186 6.17 30.52 1.88
C VAL B 186 7.24 31.20 2.71
N ALA B 187 7.42 32.51 2.54
CA ALA B 187 8.44 33.23 3.31
C ALA B 187 8.26 33.00 4.80
N HIS B 188 7.06 33.23 5.32
CA HIS B 188 6.79 32.95 6.72
C HIS B 188 6.95 31.45 7.02
N CYS B 189 6.49 30.60 6.10
CA CYS B 189 6.67 29.16 6.27
C CYS B 189 8.16 28.81 6.37
N HIS B 190 8.99 29.48 5.58
CA HIS B 190 10.42 29.19 5.59
C HIS B 190 11.06 29.65 6.89
N GLU B 191 10.84 30.92 7.27
CA GLU B 191 11.39 31.41 8.52
C GLU B 191 10.85 30.68 9.73
N ALA B 192 9.67 30.07 9.62
CA ALA B 192 9.08 29.33 10.73
C ALA B 192 9.38 27.84 10.71
N GLU B 193 9.75 27.28 9.56
CA GLU B 193 10.13 25.88 9.51
C GLU B 193 11.45 25.60 10.21
N ARG B 194 12.15 26.65 10.67
CA ARG B 194 13.32 26.42 11.51
C ARG B 194 12.92 26.11 12.94
N ASN B 195 11.72 26.51 13.35
CA ASN B 195 11.22 26.15 14.67
C ASN B 195 11.12 24.63 14.79
N ILE B 196 11.71 24.10 15.87
CA ILE B 196 11.75 22.66 16.05
C ILE B 196 10.36 22.09 16.34
N ALA B 197 9.50 22.87 17.00
CA ALA B 197 8.16 22.38 17.31
C ALA B 197 7.31 22.28 16.05
N LEU B 198 7.28 23.34 15.24
CA LEU B 198 6.49 23.33 14.00
C LEU B 198 6.94 22.19 13.08
N ARG B 199 8.26 21.94 13.01
CA ARG B 199 8.76 20.85 12.18
C ARG B 199 8.16 19.50 12.60
N SER B 200 7.74 19.37 13.85
CA SER B 200 7.17 18.14 14.36
C SER B 200 5.65 18.08 14.18
N SER B 201 5.05 19.11 13.60
CA SER B 201 3.60 19.18 13.43
C SER B 201 3.20 18.55 12.11
N LEU B 202 2.36 17.52 12.18
CA LEU B 202 1.92 16.82 10.97
C LEU B 202 1.20 17.78 10.02
N GLU B 203 0.23 18.54 10.54
CA GLU B 203 -0.55 19.43 9.70
C GLU B 203 0.27 20.61 9.19
N TRP B 204 1.22 21.09 9.99
CA TRP B 204 2.04 22.22 9.54
C TRP B 204 2.82 21.90 8.29
N ASN B 205 3.60 20.81 8.33
CA ASN B 205 4.39 20.43 7.15
C ASN B 205 3.49 20.15 5.96
N SER B 206 2.33 19.50 6.19
CA SER B 206 1.38 19.31 5.12
C SER B 206 0.94 20.63 4.52
N CYS B 207 0.61 21.60 5.39
CA CYS B 207 0.23 22.92 4.91
C CYS B 207 1.37 23.58 4.15
N VAL B 208 2.62 23.36 4.58
CA VAL B 208 3.76 23.94 3.89
C VAL B 208 3.86 23.41 2.47
N VAL B 209 3.59 22.12 2.27
CA VAL B 209 3.64 21.53 0.95
C VAL B 209 2.62 22.20 0.04
N GLN B 210 1.43 22.50 0.57
CA GLN B 210 0.37 23.06 -0.25
C GLN B 210 0.74 24.47 -0.72
N THR B 211 1.05 25.37 0.21
CA THR B 211 1.39 26.74 -0.15
C THR B 211 2.55 26.77 -1.15
N LEU B 212 3.45 25.79 -1.09
CA LEU B 212 4.53 25.71 -2.07
C LEU B 212 4.01 25.24 -3.42
N LYS B 213 3.25 24.13 -3.43
CA LYS B 213 2.69 23.61 -4.67
C LYS B 213 1.91 24.69 -5.41
N GLU B 214 1.08 25.44 -4.70
CA GLU B 214 0.33 26.52 -5.33
C GLU B 214 1.26 27.49 -6.04
N TYR B 215 2.40 27.82 -5.44
CA TYR B 215 3.34 28.72 -6.10
C TYR B 215 4.05 28.05 -7.27
N LEU B 216 4.41 26.76 -7.12
CA LEU B 216 5.02 26.04 -8.24
C LEU B 216 4.10 26.00 -9.45
N GLU B 217 2.85 25.60 -9.23
CA GLU B 217 1.84 25.49 -10.28
C GLU B 217 1.37 26.84 -10.77
N SER B 218 1.44 27.87 -9.93
CA SER B 218 1.02 29.20 -10.35
C SER B 218 1.88 29.79 -11.45
N LEU B 219 1.20 30.59 -12.27
CA LEU B 219 1.79 31.37 -13.34
C LEU B 219 2.84 32.33 -12.79
N GLN B 220 2.64 32.80 -11.56
CA GLN B 220 3.55 33.79 -10.97
C GLN B 220 4.94 33.22 -10.75
N CYS B 221 5.07 31.91 -10.57
CA CYS B 221 6.40 31.32 -10.38
C CYS B 221 7.23 31.42 -11.67
N LEU B 222 6.59 31.19 -12.82
CA LEU B 222 7.31 31.23 -14.09
C LEU B 222 7.62 32.67 -14.51
N GLU B 223 6.60 33.52 -14.57
CA GLU B 223 6.81 34.89 -15.02
C GLU B 223 7.87 35.60 -14.17
N SER B 224 7.81 35.41 -12.85
CA SER B 224 8.62 36.24 -11.95
C SER B 224 10.10 36.11 -12.25
N ASP B 225 10.63 34.89 -12.11
CA ASP B 225 12.04 34.62 -12.37
C ASP B 225 12.28 33.14 -12.11
N LYS B 226 13.44 32.67 -12.52
CA LYS B 226 13.87 31.30 -12.29
C LYS B 226 15.03 31.22 -11.29
N SER B 227 15.33 32.30 -10.60
CA SER B 227 16.41 32.34 -9.62
C SER B 227 15.95 31.89 -8.24
N ASP B 228 14.86 32.50 -7.73
CA ASP B 228 14.31 32.06 -6.44
C ASP B 228 13.60 30.72 -6.55
N TRP B 229 13.51 30.19 -7.78
CA TRP B 229 12.90 28.89 -8.03
C TRP B 229 13.55 27.85 -7.13
N ARG B 230 14.87 27.94 -6.99
CA ARG B 230 15.61 27.01 -6.14
C ARG B 230 15.16 27.12 -4.69
N ALA B 231 14.90 28.33 -4.19
CA ALA B 231 14.51 28.47 -2.80
C ALA B 231 13.26 27.64 -2.52
N THR B 232 12.22 27.81 -3.34
CA THR B 232 10.97 27.09 -3.12
C THR B 232 11.19 25.57 -3.20
N ASN B 233 12.03 25.12 -4.14
CA ASN B 233 12.25 23.69 -4.31
C ASN B 233 12.90 23.07 -3.07
N THR B 234 13.83 23.79 -2.43
CA THR B 234 14.45 23.27 -1.21
C THR B 234 13.39 23.05 -0.14
N ASP B 235 12.55 24.06 0.11
CA ASP B 235 11.54 23.94 1.15
C ASP B 235 10.57 22.80 0.87
N LEU B 236 10.21 22.61 -0.40
CA LEU B 236 9.33 21.49 -0.76
C LEU B 236 9.96 20.15 -0.38
N LEU B 237 11.21 19.93 -0.79
CA LEU B 237 11.89 18.70 -0.43
C LEU B 237 11.99 18.55 1.08
N LEU B 238 12.45 19.60 1.77
CA LEU B 238 12.51 19.56 3.22
C LEU B 238 11.15 19.20 3.83
N ALA B 239 10.11 19.90 3.41
CA ALA B 239 8.77 19.62 3.91
C ALA B 239 8.38 18.17 3.66
N TYR B 240 8.60 17.67 2.44
CA TYR B 240 8.28 16.28 2.15
C TYR B 240 8.99 15.32 3.10
N ALA B 241 10.28 15.57 3.35
CA ALA B 241 11.02 14.70 4.26
C ALA B 241 10.40 14.69 5.64
N ASN B 242 10.19 15.88 6.23
CA ASN B 242 9.53 15.94 7.53
C ASN B 242 8.15 15.30 7.48
N LEU B 243 7.34 15.68 6.48
CA LEU B 243 6.00 15.11 6.36
C LEU B 243 6.07 13.59 6.22
N MET B 244 7.08 13.08 5.51
CA MET B 244 7.21 11.64 5.34
C MET B 244 7.51 10.96 6.67
N LEU B 245 8.47 11.50 7.42
CA LEU B 245 8.80 10.96 8.73
C LEU B 245 7.55 10.87 9.61
N LEU B 246 6.70 11.90 9.56
CA LEU B 246 5.51 11.94 10.40
C LEU B 246 4.43 11.01 9.85
N THR B 247 4.19 11.05 8.54
CA THR B 247 3.14 10.22 7.95
C THR B 247 3.40 8.74 8.24
N LEU B 248 4.65 8.30 8.17
CA LEU B 248 4.95 6.89 8.39
C LEU B 248 4.58 6.44 9.79
N SER B 249 4.79 7.30 10.79
CA SER B 249 4.58 6.88 12.18
C SER B 249 3.10 6.80 12.53
N THR B 250 2.35 7.88 12.27
CA THR B 250 0.96 7.96 12.71
C THR B 250 -0.01 7.32 11.71
N ARG B 251 0.06 7.73 10.45
CA ARG B 251 -0.94 7.34 9.46
C ARG B 251 -0.76 5.87 9.07
N ASP B 252 -1.71 5.38 8.28
CA ASP B 252 -1.74 3.97 7.92
C ASP B 252 -0.82 3.67 6.74
N VAL B 253 -0.68 2.38 6.43
CA VAL B 253 0.21 1.95 5.36
C VAL B 253 -0.12 2.66 4.05
N GLN B 254 -1.41 2.76 3.73
CA GLN B 254 -1.82 3.31 2.44
C GLN B 254 -1.39 4.76 2.28
N GLU B 255 -1.71 5.60 3.28
CA GLU B 255 -1.47 7.03 3.16
C GLU B 255 0.02 7.34 3.01
N SER B 256 0.87 6.68 3.79
CA SER B 256 2.31 6.89 3.67
C SER B 256 2.80 6.55 2.27
N ARG B 257 2.38 5.41 1.73
CA ARG B 257 2.78 5.01 0.39
C ARG B 257 2.43 6.11 -0.61
N GLU B 258 1.25 6.71 -0.47
CA GLU B 258 0.84 7.76 -1.37
C GLU B 258 1.79 8.96 -1.29
N LEU B 259 2.21 9.31 -0.08
CA LEU B 259 3.13 10.44 0.07
C LEU B 259 4.48 10.15 -0.57
N LEU B 260 4.97 8.91 -0.46
CA LEU B 260 6.24 8.56 -1.08
C LEU B 260 6.20 8.81 -2.59
N GLN B 261 5.04 8.53 -3.20
CA GLN B 261 4.88 8.80 -4.63
C GLN B 261 5.05 10.27 -4.93
N SER B 262 4.51 11.14 -4.06
CA SER B 262 4.75 12.57 -4.20
C SER B 262 6.24 12.88 -4.04
N PHE B 263 6.93 12.14 -3.17
CA PHE B 263 8.35 12.41 -2.93
C PHE B 263 9.21 12.14 -4.16
N ASP B 264 9.13 10.94 -4.74
CA ASP B 264 9.97 10.65 -5.89
C ASP B 264 9.58 11.47 -7.11
N SER B 265 8.29 11.77 -7.28
CA SER B 265 7.88 12.65 -8.36
C SER B 265 8.58 14.00 -8.25
N ALA B 266 8.61 14.55 -7.04
CA ALA B 266 9.33 15.81 -6.84
C ALA B 266 10.82 15.63 -7.08
N LEU B 267 11.41 14.57 -6.51
CA LEU B 267 12.84 14.35 -6.66
C LEU B 267 13.23 14.20 -8.14
N GLN B 268 12.50 13.38 -8.88
CA GLN B 268 12.84 13.16 -10.29
C GLN B 268 12.79 14.46 -11.07
N SER B 269 11.88 15.36 -10.68
CA SER B 269 11.81 16.68 -11.31
C SER B 269 13.00 17.56 -10.93
N VAL B 270 13.68 17.23 -9.84
CA VAL B 270 14.79 18.07 -9.35
C VAL B 270 16.11 17.66 -9.99
N LYS B 271 16.30 16.35 -10.24
CA LYS B 271 17.61 15.87 -10.67
C LYS B 271 18.10 16.60 -11.90
N SER B 272 17.19 17.10 -12.73
CA SER B 272 17.59 17.70 -13.99
C SER B 272 18.33 19.02 -13.80
N LEU B 273 17.97 19.80 -12.78
CA LEU B 273 18.55 21.14 -12.65
C LEU B 273 20.01 21.07 -12.21
N GLY B 274 20.31 20.30 -11.18
CA GLY B 274 21.71 20.16 -10.77
C GLY B 274 22.29 21.51 -10.42
N GLY B 275 23.46 21.81 -11.00
CA GLY B 275 24.14 23.07 -10.79
C GLY B 275 25.16 23.10 -9.68
N ASN B 276 25.17 22.10 -8.79
CA ASN B 276 26.10 22.06 -7.66
C ASN B 276 26.05 23.38 -6.90
N ASP B 277 24.89 23.62 -6.31
CA ASP B 277 24.62 24.77 -5.46
C ASP B 277 23.83 24.29 -4.26
N GLU B 278 23.47 25.23 -3.38
CA GLU B 278 22.68 24.88 -2.21
C GLU B 278 21.53 23.95 -2.58
N LEU B 279 20.84 24.25 -3.68
CA LEU B 279 19.74 23.39 -4.13
C LEU B 279 20.23 21.97 -4.41
N SER B 280 21.35 21.84 -5.13
CA SER B 280 21.88 20.52 -5.44
C SER B 280 22.24 19.76 -4.17
N ALA B 281 22.88 20.43 -3.21
CA ALA B 281 23.24 19.77 -1.97
C ALA B 281 22.00 19.27 -1.24
N THR B 282 20.92 20.06 -1.25
CA THR B 282 19.68 19.62 -0.61
C THR B 282 19.16 18.34 -1.28
N PHE B 283 19.13 18.33 -2.61
CA PHE B 283 18.72 17.13 -3.32
C PHE B 283 19.52 15.92 -2.86
N LEU B 284 20.83 16.11 -2.63
CA LEU B 284 21.67 15.01 -2.19
C LEU B 284 21.18 14.41 -0.89
N GLU B 285 21.08 15.24 0.16
CA GLU B 285 20.68 14.72 1.46
C GLU B 285 19.26 14.16 1.42
N MET B 286 18.33 14.87 0.79
CA MET B 286 16.96 14.39 0.69
C MET B 286 16.87 13.07 -0.07
N LYS B 287 17.72 12.89 -1.09
CA LYS B 287 17.76 11.61 -1.79
C LYS B 287 17.96 10.47 -0.80
N GLY B 288 18.92 10.63 0.12
CA GLY B 288 19.13 9.61 1.13
C GLY B 288 17.91 9.40 2.01
N HIS B 289 17.36 10.50 2.54
CA HIS B 289 16.14 10.41 3.33
C HIS B 289 15.09 9.58 2.62
N PHE B 290 14.91 9.82 1.31
CA PHE B 290 13.91 9.11 0.54
C PHE B 290 14.04 7.60 0.71
N TYR B 291 15.24 7.07 0.46
CA TYR B 291 15.45 5.63 0.60
C TYR B 291 15.27 5.18 2.05
N MET B 292 15.86 5.92 2.99
CA MET B 292 15.71 5.58 4.40
C MET B 292 14.24 5.43 4.78
N HIS B 293 13.46 6.47 4.50
CA HIS B 293 12.02 6.41 4.77
C HIS B 293 11.37 5.27 3.97
N ALA B 294 11.76 5.10 2.71
CA ALA B 294 11.24 3.98 1.93
C ALA B 294 11.56 2.65 2.61
N GLY B 295 12.76 2.51 3.16
CA GLY B 295 13.06 1.31 3.93
C GLY B 295 12.18 1.19 5.16
N SER B 296 12.05 2.27 5.93
CA SER B 296 11.10 2.29 7.04
C SER B 296 9.70 1.94 6.55
N LEU B 297 9.29 2.52 5.41
CA LEU B 297 8.00 2.18 4.83
C LEU B 297 7.90 0.69 4.52
N LEU B 298 8.94 0.13 3.90
CA LEU B 298 8.94 -1.29 3.59
C LEU B 298 8.76 -2.13 4.85
N LEU B 299 9.52 -1.83 5.90
CA LEU B 299 9.45 -2.61 7.13
C LEU B 299 8.07 -2.55 7.79
N LYS B 300 7.34 -1.45 7.61
CA LYS B 300 6.01 -1.34 8.20
C LYS B 300 5.08 -2.41 7.66
N MET B 301 5.09 -2.61 6.35
CA MET B 301 4.19 -3.59 5.74
C MET B 301 4.46 -4.99 6.28
N GLY B 302 5.73 -5.38 6.34
CA GLY B 302 6.08 -6.71 6.82
C GLY B 302 5.69 -6.96 8.26
N GLN B 303 5.70 -5.91 9.09
CA GLN B 303 5.38 -6.06 10.50
C GLN B 303 4.10 -6.85 10.71
N HIS B 304 3.02 -6.45 10.03
CA HIS B 304 1.75 -7.12 10.21
C HIS B 304 1.73 -8.52 9.61
N SER B 305 2.55 -8.77 8.60
CA SER B 305 2.43 -9.98 7.79
C SER B 305 3.31 -11.11 8.32
N SER B 306 3.39 -12.19 7.54
CA SER B 306 4.12 -13.40 7.90
C SER B 306 5.61 -13.23 7.67
N ASN B 307 6.36 -14.31 7.89
CA ASN B 307 7.81 -14.26 7.75
C ASN B 307 8.23 -14.14 6.29
N VAL B 308 7.53 -14.83 5.39
CA VAL B 308 7.92 -14.82 3.98
C VAL B 308 7.99 -13.39 3.47
N GLN B 309 6.98 -12.58 3.80
CA GLN B 309 7.02 -11.17 3.45
C GLN B 309 8.09 -10.43 4.24
N TRP B 310 8.28 -10.81 5.50
CA TRP B 310 9.28 -10.15 6.35
C TRP B 310 10.67 -10.21 5.72
N ARG B 311 11.16 -11.41 5.43
CA ARG B 311 12.50 -11.55 4.88
C ARG B 311 12.64 -10.74 3.59
N ALA B 312 11.69 -10.90 2.67
CA ALA B 312 11.76 -10.19 1.40
C ALA B 312 11.76 -8.68 1.60
N LEU B 313 10.91 -8.19 2.51
CA LEU B 313 10.84 -6.75 2.75
C LEU B 313 12.08 -6.26 3.49
N SER B 314 12.48 -6.98 4.53
CA SER B 314 13.70 -6.59 5.25
C SER B 314 14.92 -6.59 4.33
N GLU B 315 15.03 -7.61 3.47
CA GLU B 315 16.07 -7.62 2.44
C GLU B 315 15.99 -6.37 1.58
N LEU B 316 14.81 -6.04 1.07
CA LEU B 316 14.67 -4.84 0.26
C LEU B 316 14.95 -3.57 1.07
N ALA B 317 14.45 -3.51 2.31
CA ALA B 317 14.72 -2.36 3.15
C ALA B 317 16.21 -2.22 3.43
N ALA B 318 16.90 -3.33 3.71
CA ALA B 318 18.35 -3.27 3.91
C ALA B 318 19.04 -2.56 2.76
N LEU B 319 18.63 -2.83 1.53
CA LEU B 319 19.17 -2.11 0.39
C LEU B 319 18.84 -0.62 0.46
N CYS B 320 17.60 -0.29 0.82
CA CYS B 320 17.20 1.10 0.93
C CYS B 320 18.05 1.83 1.97
N TYR B 321 18.07 1.33 3.19
CA TYR B 321 18.89 1.92 4.24
C TYR B 321 20.35 2.05 3.78
N LEU B 322 20.87 1.00 3.13
CA LEU B 322 22.24 1.06 2.62
C LEU B 322 22.42 2.24 1.67
N ILE B 323 21.58 2.33 0.64
CA ILE B 323 21.65 3.44 -0.30
C ILE B 323 21.69 4.77 0.46
N ALA B 324 20.79 4.92 1.44
CA ALA B 324 20.76 6.15 2.21
C ALA B 324 22.09 6.38 2.92
N PHE B 325 22.57 5.37 3.65
CA PHE B 325 23.81 5.52 4.40
C PHE B 325 24.96 5.92 3.48
N GLN B 326 25.00 5.36 2.26
CA GLN B 326 26.11 5.63 1.36
C GLN B 326 26.22 7.12 1.07
N VAL B 327 25.09 7.79 0.89
CA VAL B 327 25.08 9.19 0.49
C VAL B 327 25.98 9.99 1.43
N PRO B 328 26.91 10.78 0.93
CA PRO B 328 27.87 11.46 1.79
C PRO B 328 27.27 12.66 2.49
N ARG B 329 27.97 13.11 3.53
CA ARG B 329 27.58 14.34 4.21
C ARG B 329 27.61 15.50 3.23
N PRO B 330 26.55 16.30 3.14
CA PRO B 330 26.52 17.37 2.14
C PRO B 330 27.55 18.45 2.45
N LYS B 331 27.87 19.23 1.42
CA LYS B 331 28.89 20.27 1.51
C LYS B 331 28.39 21.40 2.42
N ILE B 332 29.01 21.53 3.59
CA ILE B 332 28.48 22.40 4.65
C ILE B 332 28.58 23.86 4.26
N LYS B 333 29.72 24.28 3.70
CA LYS B 333 29.90 25.69 3.35
C LYS B 333 28.90 26.16 2.29
N LEU B 334 28.43 25.27 1.43
CA LEU B 334 27.69 25.65 0.24
C LEU B 334 26.25 26.06 0.50
N ILE B 335 25.79 26.00 1.75
CA ILE B 335 24.42 26.36 2.07
C ILE B 335 24.37 27.83 2.46
N LYS B 336 23.21 28.45 2.25
CA LYS B 336 23.11 29.90 2.28
C LYS B 336 23.40 30.47 3.67
N GLY B 337 22.82 29.88 4.71
CA GLY B 337 22.83 30.48 6.02
C GLY B 337 23.34 29.55 7.09
N GLU B 338 23.68 30.14 8.24
CA GLU B 338 24.14 29.37 9.39
C GLU B 338 23.01 28.49 9.91
N ALA B 339 21.81 29.06 10.05
CA ALA B 339 20.64 28.26 10.43
C ALA B 339 20.40 27.14 9.43
N GLY B 340 20.39 27.49 8.14
CA GLY B 340 20.12 26.49 7.12
C GLY B 340 21.12 25.35 7.14
N GLN B 341 22.42 25.68 7.15
CA GLN B 341 23.45 24.65 7.08
C GLN B 341 23.43 23.77 8.33
N ASN B 342 23.30 24.36 9.51
CA ASN B 342 23.25 23.56 10.73
C ASN B 342 22.11 22.55 10.68
N LEU B 343 20.93 23.00 10.24
CA LEU B 343 19.80 22.10 10.05
C LEU B 343 20.17 20.95 9.12
N LEU B 344 20.60 21.27 7.89
CA LEU B 344 20.89 20.25 6.90
C LEU B 344 21.88 19.22 7.43
N GLU B 345 22.95 19.68 8.09
CA GLU B 345 23.89 18.74 8.67
C GLU B 345 23.23 17.90 9.75
N MET B 346 22.42 18.55 10.60
CA MET B 346 21.70 17.83 11.65
C MET B 346 20.91 16.66 11.05
N MET B 347 20.22 16.90 9.94
CA MET B 347 19.46 15.83 9.31
C MET B 347 20.38 14.74 8.77
N ALA B 348 21.52 15.14 8.19
CA ALA B 348 22.48 14.17 7.68
C ALA B 348 22.87 13.18 8.79
N CYS B 349 23.26 13.71 9.95
CA CYS B 349 23.60 12.84 11.06
C CYS B 349 22.44 11.92 11.42
N ASP B 350 21.21 12.45 11.43
CA ASP B 350 20.05 11.61 11.70
C ASP B 350 19.94 10.47 10.70
N ARG B 351 20.09 10.78 9.41
CA ARG B 351 20.03 9.75 8.38
C ARG B 351 21.06 8.66 8.64
N LEU B 352 22.33 9.05 8.79
CA LEU B 352 23.39 8.07 8.97
C LEU B 352 23.18 7.24 10.23
N SER B 353 22.71 7.89 11.30
CA SER B 353 22.52 7.18 12.57
C SER B 353 21.37 6.20 12.48
N GLN B 354 20.18 6.68 12.15
CA GLN B 354 19.00 5.83 12.10
C GLN B 354 19.20 4.69 11.10
N SER B 355 19.49 5.03 9.85
CA SER B 355 19.76 3.99 8.86
C SER B 355 20.91 3.09 9.29
N GLY B 356 21.94 3.66 9.89
CA GLY B 356 23.07 2.88 10.34
C GLY B 356 22.71 1.72 11.25
N HIS B 357 22.08 2.03 12.39
CA HIS B 357 21.67 0.98 13.31
C HIS B 357 20.78 -0.05 12.63
N MET B 358 19.87 0.41 11.77
CA MET B 358 19.04 -0.52 11.01
C MET B 358 19.91 -1.47 10.20
N LEU B 359 20.85 -0.90 9.44
CA LEU B 359 21.80 -1.70 8.69
C LEU B 359 22.45 -2.74 9.57
N LEU B 360 22.83 -2.35 10.79
CA LEU B 360 23.46 -3.27 11.72
C LEU B 360 22.50 -4.34 12.20
N ASN B 361 21.36 -3.93 12.77
CA ASN B 361 20.40 -4.89 13.32
C ASN B 361 19.95 -5.92 12.28
N LEU B 362 19.86 -5.54 11.01
CA LEU B 362 19.52 -6.50 9.98
C LEU B 362 20.71 -7.36 9.58
N SER B 363 21.92 -6.81 9.67
CA SER B 363 23.12 -7.54 9.29
C SER B 363 23.68 -8.39 10.42
N ARG B 364 23.40 -8.03 11.68
CA ARG B 364 23.85 -8.87 12.78
C ARG B 364 23.11 -10.21 12.80
N GLY B 365 21.93 -10.26 12.19
CA GLY B 365 21.19 -11.51 12.15
C GLY B 365 21.97 -12.63 11.48
N LYS B 366 22.69 -12.32 10.41
CA LYS B 366 23.38 -13.31 9.61
C LYS B 366 24.78 -12.82 9.29
N GLN B 367 25.59 -13.71 8.70
CA GLN B 367 26.98 -13.41 8.39
C GLN B 367 27.12 -12.78 7.01
N ASP B 368 27.76 -11.61 6.94
CA ASP B 368 27.89 -10.86 5.71
C ASP B 368 26.58 -10.89 4.93
N PHE B 369 25.46 -10.79 5.64
CA PHE B 369 24.16 -10.69 4.98
C PHE B 369 24.14 -9.51 4.00
N LEU B 370 24.88 -8.45 4.30
CA LEU B 370 24.88 -7.28 3.44
C LEU B 370 25.39 -7.60 2.05
N LYS B 371 26.49 -8.35 1.95
CA LYS B 371 27.09 -8.66 0.66
C LYS B 371 26.07 -9.29 -0.29
N GLU B 372 25.35 -10.30 0.19
CA GLU B 372 24.36 -10.96 -0.64
C GLU B 372 23.32 -9.99 -1.16
N ILE B 373 22.80 -9.13 -0.27
CA ILE B 373 21.74 -8.20 -0.64
C ILE B 373 22.14 -7.33 -1.83
N VAL B 374 23.36 -6.79 -1.81
CA VAL B 374 23.79 -5.88 -2.87
C VAL B 374 24.01 -6.62 -4.18
N GLU B 375 24.73 -7.73 -4.14
CA GLU B 375 25.07 -8.44 -5.38
C GLU B 375 23.83 -8.95 -6.10
N THR B 376 22.71 -9.16 -5.40
CA THR B 376 21.51 -9.71 -6.00
C THR B 376 20.45 -8.67 -6.36
N PHE B 377 20.22 -7.66 -5.52
CA PHE B 377 19.16 -6.69 -5.76
C PHE B 377 19.63 -5.32 -6.25
N ALA B 378 20.94 -5.02 -6.17
CA ALA B 378 21.47 -3.83 -6.83
C ALA B 378 21.25 -3.84 -8.33
N ASN B 379 21.12 -5.02 -8.93
CA ASN B 379 20.73 -5.15 -10.32
C ASN B 379 19.53 -4.29 -10.68
N LYS B 380 19.56 -3.75 -11.91
CA LYS B 380 18.44 -2.94 -12.39
C LYS B 380 17.14 -3.72 -12.35
N SER B 381 17.22 -5.05 -12.43
CA SER B 381 16.03 -5.88 -12.26
C SER B 381 15.40 -5.58 -10.90
N GLY B 382 16.21 -5.41 -9.86
CA GLY B 382 15.69 -5.02 -8.57
C GLY B 382 15.07 -3.64 -8.60
N GLN B 383 15.68 -2.71 -9.34
CA GLN B 383 15.13 -1.36 -9.44
C GLN B 383 13.70 -1.41 -9.97
N SER B 384 13.43 -2.26 -10.96
CA SER B 384 12.06 -2.43 -11.44
C SER B 384 11.24 -3.29 -10.50
N ALA B 385 11.86 -4.29 -9.86
CA ALA B 385 11.16 -5.07 -8.85
C ALA B 385 10.90 -4.26 -7.59
N LEU B 386 11.75 -3.28 -7.29
CA LEU B 386 11.49 -2.37 -6.18
C LEU B 386 10.37 -1.42 -6.55
N TYR B 387 10.48 -0.78 -7.72
CA TYR B 387 9.37 0.03 -8.22
C TYR B 387 8.10 -0.79 -8.17
N ASP B 388 8.20 -2.09 -8.45
CA ASP B 388 7.05 -2.96 -8.40
C ASP B 388 6.48 -3.02 -6.98
N ALA B 389 7.35 -3.29 -6.00
CA ALA B 389 6.89 -3.44 -4.62
C ALA B 389 6.28 -2.15 -4.09
N LEU B 390 6.87 -1.01 -4.43
CA LEU B 390 6.38 0.26 -3.92
C LEU B 390 5.13 0.74 -4.64
N PHE B 391 5.20 0.85 -5.96
CA PHE B 391 4.17 1.47 -6.77
C PHE B 391 3.45 0.45 -7.62
N SER B 392 2.35 0.91 -8.23
CA SER B 392 1.71 0.16 -9.31
C SER B 392 2.41 0.48 -10.61
N SER B 393 2.74 -0.55 -11.39
CA SER B 393 3.53 -0.37 -12.60
C SER B 393 2.86 0.55 -13.61
N GLN B 394 1.58 0.87 -13.43
CA GLN B 394 0.88 1.70 -14.41
C GLN B 394 1.51 3.07 -14.55
N SER B 395 2.04 3.64 -13.47
CA SER B 395 2.67 4.95 -13.55
C SER B 395 3.90 4.90 -14.44
N PRO B 396 4.23 6.00 -15.12
CA PRO B 396 5.38 6.01 -16.02
C PRO B 396 6.69 5.84 -15.26
N LYS B 397 7.47 4.83 -15.65
CA LYS B 397 8.76 4.59 -15.02
C LYS B 397 9.82 5.59 -15.46
N ASP B 398 9.43 6.59 -16.26
CA ASP B 398 10.36 7.60 -16.75
C ASP B 398 10.46 8.79 -15.80
N THR B 399 9.31 9.29 -15.34
CA THR B 399 9.28 10.45 -14.44
C THR B 399 9.42 10.06 -12.97
N SER B 400 9.62 8.78 -12.66
CA SER B 400 9.80 8.34 -11.28
C SER B 400 11.29 8.29 -10.95
N PHE B 401 11.70 9.03 -9.91
CA PHE B 401 13.10 9.03 -9.55
C PHE B 401 13.61 7.62 -9.28
N LEU B 402 12.78 6.79 -8.63
CA LEU B 402 13.21 5.44 -8.28
C LEU B 402 13.68 4.67 -9.52
N GLY B 403 12.94 4.76 -10.62
CA GLY B 403 13.30 4.00 -11.81
C GLY B 403 14.48 4.51 -12.61
N SER B 404 14.94 5.74 -12.35
CA SER B 404 16.01 6.33 -13.13
C SER B 404 17.33 6.47 -12.36
N ASP B 405 17.35 6.15 -11.08
CA ASP B 405 18.57 6.30 -10.30
C ASP B 405 19.63 5.30 -10.74
N ASP B 406 20.89 5.74 -10.72
CA ASP B 406 22.03 4.93 -11.12
C ASP B 406 22.58 4.22 -9.89
N ILE B 407 22.15 2.97 -9.68
CA ILE B 407 22.64 2.17 -8.56
C ILE B 407 24.01 1.63 -8.95
N GLY B 408 25.04 2.45 -8.77
CA GLY B 408 26.37 2.06 -9.19
C GLY B 408 27.36 1.84 -8.07
N ASN B 409 27.81 0.59 -7.92
CA ASN B 409 28.86 0.23 -6.97
C ASN B 409 28.53 0.70 -5.56
N ILE B 410 27.44 0.15 -5.02
CA ILE B 410 27.10 0.40 -3.62
C ILE B 410 28.24 -0.12 -2.75
N ASP B 411 28.75 0.75 -1.87
CA ASP B 411 29.97 0.43 -1.13
C ASP B 411 29.89 -0.91 -0.43
N VAL B 412 28.70 -1.33 -0.01
CA VAL B 412 28.50 -2.58 0.72
C VAL B 412 29.56 -2.69 1.81
N ARG B 413 29.76 -1.59 2.55
CA ARG B 413 30.68 -1.54 3.67
C ARG B 413 29.85 -1.27 4.92
N GLU B 414 29.86 -2.23 5.85
CA GLU B 414 29.13 -2.04 7.09
C GLU B 414 29.67 -0.80 7.81
N PRO B 415 28.83 -0.14 8.61
CA PRO B 415 29.28 1.10 9.25
C PRO B 415 30.25 0.83 10.39
N GLU B 416 31.15 1.79 10.59
CA GLU B 416 32.10 1.72 11.69
C GLU B 416 31.49 2.36 12.92
N LEU B 417 31.66 1.69 14.07
CA LEU B 417 31.04 2.17 15.30
C LEU B 417 31.46 3.61 15.61
N GLU B 418 32.74 3.92 15.46
CA GLU B 418 33.22 5.28 15.74
C GLU B 418 32.48 6.31 14.89
N ASP B 419 32.29 6.02 13.60
CA ASP B 419 31.52 6.93 12.75
C ASP B 419 30.08 7.04 13.26
N LEU B 420 29.49 5.91 13.67
CA LEU B 420 28.10 5.93 14.14
C LEU B 420 27.95 6.81 15.37
N THR B 421 28.86 6.68 16.33
CA THR B 421 28.78 7.50 17.54
C THR B 421 28.73 8.99 17.18
N ARG B 422 29.67 9.44 16.36
CA ARG B 422 29.72 10.86 15.99
C ARG B 422 28.50 11.27 15.17
N TYR B 423 27.86 10.32 14.49
CA TYR B 423 26.60 10.61 13.81
C TYR B 423 25.48 10.81 14.84
N ASP B 424 25.36 9.87 15.77
CA ASP B 424 24.34 9.99 16.82
C ASP B 424 24.49 11.32 17.55
N VAL B 425 25.68 11.56 18.11
CA VAL B 425 25.91 12.79 18.87
C VAL B 425 25.52 14.02 18.06
N GLY B 426 25.83 14.01 16.76
CA GLY B 426 25.46 15.13 15.92
C GLY B 426 23.98 15.20 15.61
N ALA B 427 23.26 14.10 15.81
CA ALA B 427 21.84 14.01 15.49
C ALA B 427 20.96 13.99 16.74
N ILE B 428 21.52 14.27 17.91
CA ILE B 428 20.70 14.33 19.12
C ILE B 428 19.60 15.36 18.97
N ARG B 429 19.89 16.48 18.32
CA ARG B 429 18.91 17.54 18.14
C ARG B 429 17.99 17.30 16.94
N ALA B 430 18.02 16.10 16.36
CA ALA B 430 17.18 15.83 15.20
C ALA B 430 15.71 15.96 15.55
N HIS B 431 15.28 15.30 16.62
CA HIS B 431 13.88 15.33 17.06
C HIS B 431 13.74 16.03 18.41
N ASN B 432 14.53 17.08 18.62
CA ASN B 432 14.47 17.89 19.85
C ASN B 432 14.65 17.04 21.10
N GLY B 433 15.46 15.99 21.00
CA GLY B 433 15.77 15.19 22.17
C GLY B 433 14.55 14.59 22.83
N SER B 434 13.51 14.29 22.06
CA SER B 434 12.37 13.57 22.62
C SER B 434 12.85 12.27 23.22
N LEU B 435 12.36 11.95 24.42
CA LEU B 435 12.75 10.71 25.07
C LEU B 435 12.55 9.51 24.16
N GLN B 436 11.62 9.60 23.21
CA GLN B 436 11.49 8.57 22.19
C GLN B 436 12.79 8.42 21.39
N HIS B 437 13.33 9.54 20.91
CA HIS B 437 14.56 9.50 20.13
C HIS B 437 15.68 8.78 20.88
N LEU B 438 15.94 9.22 22.11
CA LEU B 438 17.06 8.67 22.87
C LEU B 438 16.80 7.22 23.26
N THR B 439 15.59 6.92 23.73
CA THR B 439 15.27 5.54 24.09
C THR B 439 15.44 4.59 22.92
N TRP B 440 15.20 5.08 21.70
CA TRP B 440 15.47 4.28 20.51
C TRP B 440 16.96 4.01 20.36
N LEU B 441 17.76 5.07 20.27
CA LEU B 441 19.21 4.93 20.17
C LEU B 441 19.77 4.03 21.27
N GLY B 442 19.43 4.34 22.53
CA GLY B 442 19.91 3.53 23.64
C GLY B 442 19.64 2.06 23.46
N LEU B 443 18.49 1.73 22.87
CA LEU B 443 18.16 0.33 22.62
C LEU B 443 18.99 -0.21 21.46
N GLN B 444 19.19 0.61 20.42
CA GLN B 444 19.97 0.17 19.28
C GLN B 444 21.39 -0.16 19.70
N TRP B 445 21.95 0.61 20.64
CA TRP B 445 23.27 0.32 21.18
C TRP B 445 23.25 -0.81 22.20
N ASN B 446 22.07 -1.23 22.66
CA ASN B 446 22.00 -2.31 23.64
C ASN B 446 22.47 -3.64 23.07
N SER B 447 22.43 -3.79 21.75
CA SER B 447 22.86 -5.01 21.09
C SER B 447 24.28 -4.92 20.56
N LEU B 448 24.90 -3.75 20.64
CA LEU B 448 26.22 -3.53 20.10
C LEU B 448 27.27 -3.74 21.18
N PRO B 449 28.53 -3.97 20.80
CA PRO B 449 29.57 -4.20 21.81
C PRO B 449 30.09 -2.94 22.45
N ALA B 450 29.91 -1.78 21.82
CA ALA B 450 30.29 -0.50 22.38
C ALA B 450 29.06 0.24 22.86
N LEU B 451 29.20 0.91 23.94
CA LEU B 451 28.08 1.61 24.55
C LEU B 451 28.12 3.08 24.15
N PRO B 452 26.99 3.77 24.15
CA PRO B 452 26.97 5.15 23.66
C PRO B 452 27.48 6.13 24.68
N GLY B 453 28.04 7.23 24.18
CA GLY B 453 28.49 8.30 25.05
C GLY B 453 27.31 9.15 25.46
N ILE B 454 26.48 8.58 26.34
CA ILE B 454 25.27 9.27 26.78
C ILE B 454 25.61 10.64 27.36
N ARG B 455 26.63 10.70 28.21
CA ARG B 455 27.01 11.96 28.83
C ARG B 455 27.28 13.05 27.81
N LYS B 456 27.71 12.68 26.60
CA LYS B 456 27.88 13.66 25.54
C LYS B 456 26.54 14.05 24.91
N TRP B 457 25.62 13.09 24.82
CA TRP B 457 24.26 13.43 24.40
C TRP B 457 23.66 14.50 25.31
N LEU B 458 23.73 14.28 26.62
CA LEU B 458 23.16 15.22 27.57
C LEU B 458 23.87 16.57 27.52
N LYS B 459 25.19 16.56 27.31
CA LYS B 459 25.92 17.81 27.17
C LYS B 459 25.45 18.59 25.95
N GLN B 460 25.04 17.89 24.89
CA GLN B 460 24.55 18.58 23.71
C GLN B 460 23.17 19.19 23.96
N LEU B 461 22.38 18.60 24.85
CA LEU B 461 21.03 19.09 25.10
C LEU B 461 20.99 20.08 26.25
N PHE B 462 21.46 19.65 27.43
CA PHE B 462 21.44 20.48 28.63
C PHE B 462 22.86 20.98 28.88
N HIS B 463 23.18 22.13 28.30
CA HIS B 463 24.50 22.73 28.46
C HIS B 463 24.66 23.37 29.83
N HIS B 464 25.87 23.27 30.38
CA HIS B 464 26.22 23.85 31.67
C HIS B 464 25.45 23.25 32.84
N LEU B 465 24.91 22.05 32.70
CA LEU B 465 24.33 21.34 33.84
C LEU B 465 25.43 20.56 34.55
N PRO B 466 25.75 20.86 35.80
CA PRO B 466 26.90 20.24 36.44
C PRO B 466 26.80 18.72 36.48
N HIS B 467 27.96 18.07 36.48
CA HIS B 467 28.01 16.61 36.44
C HIS B 467 27.33 16.01 37.67
N GLU B 468 27.62 16.54 38.85
CA GLU B 468 27.04 16.03 40.09
C GLU B 468 26.81 17.18 41.06
N THR B 469 25.66 17.15 41.73
CA THR B 469 25.32 18.16 42.73
C THR B 469 25.85 17.70 44.08
N SER B 470 26.44 18.65 44.82
CA SER B 470 26.94 18.33 46.15
C SER B 470 25.88 17.67 47.02
N ARG B 471 24.67 18.20 47.00
CA ARG B 471 23.59 17.73 47.87
C ARG B 471 22.85 16.56 47.22
N LEU B 472 23.48 15.38 47.28
CA LEU B 472 22.77 14.15 46.91
C LEU B 472 21.71 13.80 47.94
N GLU B 473 21.73 14.49 49.08
CA GLU B 473 20.82 14.19 50.17
C GLU B 473 19.38 14.56 49.84
N THR B 474 19.19 15.71 49.19
CA THR B 474 17.87 16.26 48.97
C THR B 474 17.37 15.94 47.55
N ASN B 475 16.07 16.15 47.36
CA ASN B 475 15.40 15.93 46.09
C ASN B 475 14.96 17.21 45.40
N ALA B 476 15.41 18.37 45.87
CA ALA B 476 15.06 19.63 45.21
C ALA B 476 15.40 19.56 43.73
N PRO B 477 14.49 19.94 42.83
CA PRO B 477 14.75 19.76 41.40
C PRO B 477 15.54 20.89 40.75
N GLU B 478 16.00 21.89 41.50
CA GLU B 478 17.05 22.77 41.00
C GLU B 478 18.42 22.12 41.03
N SER B 479 18.57 20.99 41.74
CA SER B 479 19.82 20.28 41.89
C SER B 479 20.00 19.17 40.85
N ILE B 480 19.30 19.25 39.72
CA ILE B 480 19.45 18.23 38.69
C ILE B 480 20.88 18.24 38.17
N CYS B 481 21.40 17.05 37.87
CA CYS B 481 22.75 16.87 37.40
C CYS B 481 22.77 15.93 36.20
N ILE B 482 23.77 16.11 35.34
CA ILE B 482 23.90 15.27 34.15
C ILE B 482 23.95 13.79 34.53
N LEU B 483 24.43 13.48 35.74
CA LEU B 483 24.40 12.09 36.20
C LEU B 483 22.96 11.60 36.38
N ASP B 484 22.12 12.38 37.08
CA ASP B 484 20.72 12.01 37.23
C ASP B 484 20.08 11.65 35.90
N LEU B 485 20.23 12.52 34.90
CA LEU B 485 19.67 12.24 33.58
C LEU B 485 20.30 10.99 32.99
N GLU B 486 21.63 10.90 33.00
CA GLU B 486 22.29 9.70 32.50
C GLU B 486 21.76 8.45 33.22
N VAL B 487 21.61 8.53 34.53
CA VAL B 487 21.03 7.42 35.29
C VAL B 487 19.58 7.19 34.85
N PHE B 488 18.87 8.24 34.48
CA PHE B 488 17.46 8.11 34.10
C PHE B 488 17.34 7.36 32.77
N LEU B 489 18.01 7.85 31.74
CA LEU B 489 17.91 7.21 30.43
C LEU B 489 18.28 5.73 30.50
N LEU B 490 19.26 5.38 31.34
CA LEU B 490 19.62 3.98 31.51
C LEU B 490 18.42 3.15 31.94
N GLY B 491 17.70 3.61 32.96
CA GLY B 491 16.52 2.88 33.40
C GLY B 491 15.43 2.85 32.35
N VAL B 492 15.19 3.98 31.68
CA VAL B 492 14.19 4.02 30.62
C VAL B 492 14.49 2.96 29.57
N VAL B 493 15.76 2.80 29.23
CA VAL B 493 16.16 1.81 28.23
C VAL B 493 16.14 0.41 28.82
N TYR B 494 16.67 0.24 30.03
CA TYR B 494 16.62 -1.06 30.69
C TYR B 494 15.17 -1.49 30.88
N THR B 495 14.29 -0.55 31.21
CA THR B 495 12.87 -0.87 31.35
C THR B 495 12.25 -1.21 30.00
N SER B 496 12.45 -0.36 29.00
CA SER B 496 11.84 -0.58 27.70
C SER B 496 12.26 -1.92 27.11
N HIS B 497 13.56 -2.21 27.12
CA HIS B 497 14.03 -3.45 26.53
C HIS B 497 13.34 -4.65 27.17
N LEU B 498 13.30 -4.69 28.50
CA LEU B 498 12.66 -5.81 29.19
C LEU B 498 11.16 -5.84 28.90
N GLN B 499 10.52 -4.66 28.86
CA GLN B 499 9.09 -4.62 28.56
C GLN B 499 8.80 -5.21 27.19
N LEU B 500 9.57 -4.81 26.18
CA LEU B 500 9.39 -5.36 24.84
C LEU B 500 9.76 -6.83 24.80
N LYS B 501 10.82 -7.22 25.51
CA LYS B 501 11.17 -8.63 25.61
C LYS B 501 10.00 -9.43 26.16
N GLU B 502 9.30 -8.90 27.16
CA GLU B 502 8.15 -9.59 27.73
C GLU B 502 7.05 -9.76 26.68
N LYS B 503 6.80 -8.74 25.86
CA LYS B 503 5.75 -8.85 24.86
C LYS B 503 6.12 -9.85 23.76
N CYS B 504 7.31 -9.70 23.18
CA CYS B 504 7.71 -10.58 22.07
C CYS B 504 7.82 -12.04 22.49
N ASN B 505 8.13 -12.29 23.76
CA ASN B 505 8.16 -13.68 24.23
C ASN B 505 6.79 -14.34 24.11
N SER B 506 5.72 -13.60 24.41
CA SER B 506 4.37 -14.17 24.24
C SER B 506 4.04 -14.35 22.76
N HIS B 507 4.40 -13.38 21.92
CA HIS B 507 4.10 -13.41 20.50
C HIS B 507 5.04 -14.34 19.74
N GLN B 512 15.84 -8.41 15.86
CA GLN B 512 14.67 -8.23 15.00
C GLN B 512 13.52 -7.50 15.70
N PRO B 513 13.10 -7.97 16.88
CA PRO B 513 12.04 -7.23 17.60
C PRO B 513 12.48 -5.84 17.98
N LEU B 514 13.74 -5.71 18.43
CA LEU B 514 14.29 -4.42 18.81
C LEU B 514 14.54 -3.52 17.59
N CYS B 515 14.77 -4.11 16.42
CA CYS B 515 15.33 -3.41 15.28
C CYS B 515 14.37 -2.44 14.61
N LEU B 516 13.09 -2.44 14.96
CA LEU B 516 12.12 -1.63 14.21
C LEU B 516 12.55 -0.16 14.17
N PRO B 517 12.37 0.50 13.03
CA PRO B 517 12.81 1.90 12.90
C PRO B 517 11.95 2.86 13.71
N LEU B 518 12.46 4.07 13.86
CA LEU B 518 11.88 5.03 14.80
C LEU B 518 10.45 5.43 14.45
N PRO B 519 10.11 5.74 13.19
CA PRO B 519 8.71 6.09 12.92
C PRO B 519 7.71 4.97 13.17
N VAL B 520 8.00 3.75 12.73
CA VAL B 520 7.02 2.67 12.79
C VAL B 520 6.72 2.29 14.24
N CYS B 521 7.76 2.24 15.07
CA CYS B 521 7.59 1.77 16.44
C CYS B 521 6.76 2.76 17.26
N LYS B 522 6.11 2.24 18.29
CA LYS B 522 5.26 3.04 19.16
C LYS B 522 6.08 3.64 20.30
N GLN B 523 5.40 4.35 21.20
CA GLN B 523 6.06 4.87 22.39
C GLN B 523 6.70 3.73 23.16
N LEU B 524 7.99 3.84 23.41
CA LEU B 524 8.75 2.78 24.08
C LEU B 524 8.97 3.06 25.55
N CYS B 525 8.55 4.21 26.05
CA CYS B 525 8.70 4.58 27.45
C CYS B 525 7.32 4.79 28.07
N THR B 526 7.26 4.73 29.39
CA THR B 526 6.00 4.98 30.07
C THR B 526 5.67 6.47 30.03
N GLU B 527 4.39 6.78 29.87
CA GLU B 527 3.98 8.18 29.79
C GLU B 527 4.47 8.99 30.98
N ARG B 528 4.60 8.35 32.15
CA ARG B 528 5.19 9.02 33.31
C ARG B 528 6.61 9.46 33.00
N GLN B 529 7.45 8.52 32.58
CA GLN B 529 8.83 8.84 32.26
C GLN B 529 8.88 9.93 31.19
N LYS B 530 8.07 9.78 30.13
CA LYS B 530 8.03 10.80 29.09
C LYS B 530 7.60 12.14 29.66
N SER B 531 6.59 12.13 30.53
CA SER B 531 6.16 13.38 31.16
C SER B 531 7.30 14.00 31.95
N TRP B 532 8.06 13.16 32.67
CA TRP B 532 9.19 13.67 33.44
C TRP B 532 10.22 14.30 32.51
N TRP B 533 10.65 13.55 31.48
CA TRP B 533 11.63 14.07 30.54
C TRP B 533 11.16 15.34 29.87
N ASP B 534 9.91 15.35 29.39
CA ASP B 534 9.36 16.55 28.78
C ASP B 534 9.33 17.70 29.77
N ALA B 535 9.06 17.41 31.05
CA ALA B 535 9.05 18.45 32.07
C ALA B 535 10.44 19.04 32.28
N VAL B 536 11.40 18.19 32.67
CA VAL B 536 12.76 18.66 32.92
C VAL B 536 13.34 19.34 31.69
N CYS B 537 12.96 18.90 30.49
CA CYS B 537 13.43 19.55 29.28
C CYS B 537 12.87 20.96 29.16
N THR B 538 11.54 21.08 29.19
CA THR B 538 10.92 22.40 29.14
C THR B 538 11.44 23.30 30.26
N LEU B 539 11.63 22.72 31.45
CA LEU B 539 12.14 23.50 32.56
C LEU B 539 13.53 24.03 32.28
N ILE B 540 14.46 23.15 31.91
CA ILE B 540 15.84 23.55 31.71
C ILE B 540 15.95 24.57 30.59
N HIS B 541 15.39 24.24 29.42
CA HIS B 541 15.49 25.10 28.25
C HIS B 541 14.77 26.43 28.43
N ARG B 542 14.10 26.64 29.56
CA ARG B 542 13.36 27.88 29.81
C ARG B 542 12.24 28.03 28.78
N LYS B 543 11.45 26.97 28.64
CA LYS B 543 10.27 26.95 27.79
C LYS B 543 9.07 26.46 28.59
N ALA B 544 9.00 26.86 29.86
CA ALA B 544 7.91 26.47 30.74
C ALA B 544 6.81 27.53 30.75
N VAL B 545 5.88 27.42 31.70
CA VAL B 545 4.76 28.33 31.82
C VAL B 545 4.76 28.87 33.24
N PRO B 546 4.79 30.20 33.45
CA PRO B 546 4.81 30.74 34.83
C PRO B 546 3.82 30.08 35.77
N GLY B 547 2.60 29.82 35.29
CA GLY B 547 1.62 29.15 36.12
C GLY B 547 1.98 27.70 36.40
N ASN B 548 2.32 26.96 35.35
CA ASN B 548 2.63 25.54 35.47
C ASN B 548 4.03 25.26 36.01
N VAL B 549 4.84 26.30 36.25
CA VAL B 549 6.19 26.09 36.77
C VAL B 549 6.15 25.25 38.03
N ALA B 550 5.31 25.64 38.99
CA ALA B 550 5.30 24.96 40.27
C ALA B 550 4.87 23.50 40.12
N LYS B 551 3.92 23.23 39.23
CA LYS B 551 3.47 21.85 39.04
C LYS B 551 4.54 21.02 38.35
N LEU B 552 5.03 21.49 37.20
CA LEU B 552 6.15 20.81 36.54
C LEU B 552 7.26 20.54 37.54
N ARG B 553 7.63 21.56 38.32
CA ARG B 553 8.70 21.41 39.29
C ARG B 553 8.44 20.23 40.22
N LEU B 554 7.19 20.09 40.69
CA LEU B 554 6.86 18.98 41.58
C LEU B 554 6.92 17.65 40.86
N LEU B 555 6.44 17.60 39.61
CA LEU B 555 6.51 16.35 38.84
C LEU B 555 7.94 15.84 38.79
N VAL B 556 8.90 16.74 38.56
CA VAL B 556 10.30 16.36 38.57
C VAL B 556 10.71 15.89 39.96
N GLN B 557 10.41 16.70 40.98
CA GLN B 557 10.80 16.37 42.35
C GLN B 557 10.37 14.96 42.74
N HIS B 558 9.20 14.53 42.29
CA HIS B 558 8.66 13.25 42.73
C HIS B 558 9.62 12.10 42.45
N GLU B 559 10.28 12.13 41.30
CA GLU B 559 11.10 11.01 40.86
C GLU B 559 12.53 11.08 41.37
N ILE B 560 12.97 12.24 41.88
CA ILE B 560 14.38 12.44 42.21
C ILE B 560 14.86 11.39 43.21
N ASN B 561 14.11 11.19 44.30
CA ASN B 561 14.56 10.27 45.34
C ASN B 561 14.81 8.86 44.79
N THR B 562 14.25 8.53 43.63
CA THR B 562 14.51 7.25 43.00
C THR B 562 15.77 7.28 42.13
N LEU B 563 15.95 8.35 41.34
CA LEU B 563 17.15 8.48 40.52
C LEU B 563 18.41 8.55 41.37
N ARG B 564 18.31 8.91 42.64
CA ARG B 564 19.46 9.00 43.53
C ARG B 564 19.48 7.87 44.57
N ALA B 565 18.60 6.88 44.43
CA ALA B 565 18.59 5.72 45.31
C ALA B 565 18.55 6.15 46.77
N GLN B 566 17.59 6.99 47.09
CA GLN B 566 17.36 7.48 48.44
C GLN B 566 16.17 6.73 49.04
N GLU B 567 15.69 7.23 50.17
CA GLU B 567 14.57 6.60 50.87
C GLU B 567 13.42 6.29 49.94
N LYS B 568 12.86 5.09 50.08
CA LYS B 568 11.71 4.65 49.30
C LYS B 568 11.93 4.79 47.80
N HIS B 569 12.99 4.15 47.31
CA HIS B 569 13.28 4.10 45.89
C HIS B 569 12.52 2.95 45.24
N GLY B 570 11.82 3.23 44.15
CA GLY B 570 11.12 2.20 43.40
C GLY B 570 12.03 1.50 42.40
N LEU B 571 13.09 0.86 42.89
CA LEU B 571 14.13 0.30 42.05
C LEU B 571 14.24 -1.19 42.31
N GLN B 572 14.02 -2.00 41.27
CA GLN B 572 14.32 -3.41 41.37
C GLN B 572 15.82 -3.61 41.53
N PRO B 573 16.26 -4.57 42.35
CA PRO B 573 17.71 -4.76 42.54
C PRO B 573 18.50 -4.91 41.26
N ALA B 574 17.97 -5.61 40.26
CA ALA B 574 18.70 -5.78 39.01
C ALA B 574 18.97 -4.42 38.34
N LEU B 575 18.00 -3.52 38.41
CA LEU B 575 18.17 -2.20 37.81
C LEU B 575 19.24 -1.41 38.53
N LEU B 576 19.32 -1.53 39.84
CA LEU B 576 20.38 -0.87 40.59
C LEU B 576 21.75 -1.38 40.16
N VAL B 577 21.94 -2.70 40.18
CA VAL B 577 23.20 -3.29 39.72
C VAL B 577 23.56 -2.78 38.33
N HIS B 578 22.61 -2.84 37.40
CA HIS B 578 22.87 -2.35 36.05
C HIS B 578 23.36 -0.91 36.06
N TRP B 579 22.73 -0.06 36.88
CA TRP B 579 23.21 1.32 37.01
C TRP B 579 24.64 1.34 37.57
N ALA B 580 24.89 0.55 38.61
CA ALA B 580 26.21 0.55 39.24
C ALA B 580 27.30 0.17 38.26
N GLU B 581 27.23 -1.04 37.71
CA GLU B 581 28.26 -1.50 36.78
C GLU B 581 28.33 -0.62 35.54
N CYS B 582 27.16 -0.21 35.02
CA CYS B 582 27.14 0.62 33.82
C CYS B 582 27.84 1.95 34.04
N LEU B 583 27.90 2.42 35.29
CA LEU B 583 28.63 3.64 35.62
C LEU B 583 30.10 3.37 35.90
N GLN B 584 30.40 2.26 36.56
CA GLN B 584 31.78 1.84 36.75
C GLN B 584 32.50 1.75 35.41
N LYS B 585 32.01 0.89 34.52
CA LYS B 585 32.66 0.73 33.22
C LYS B 585 32.66 2.03 32.43
N THR B 586 31.61 2.84 32.58
CA THR B 586 31.61 4.16 31.96
C THR B 586 32.72 5.03 32.52
N GLY B 587 32.91 4.98 33.85
CA GLY B 587 33.91 5.79 34.51
C GLY B 587 35.31 5.23 34.38
N SER B 588 35.43 3.90 34.44
CA SER B 588 36.75 3.28 34.34
C SER B 588 37.42 3.59 33.00
N GLY B 589 36.65 4.01 32.00
CA GLY B 589 37.17 4.38 30.72
C GLY B 589 37.38 5.86 30.52
N LEU B 590 36.98 6.68 31.48
CA LEU B 590 37.14 8.12 31.35
C LEU B 590 38.60 8.54 31.52
N ASN B 591 38.93 9.68 30.93
CA ASN B 591 40.28 10.23 30.94
C ASN B 591 40.57 11.10 32.15
N SER B 592 39.65 11.98 32.52
CA SER B 592 39.90 12.92 33.60
C SER B 592 39.85 12.23 34.96
N PHE B 593 40.57 12.79 35.93
CA PHE B 593 40.58 12.22 37.26
C PHE B 593 39.33 12.64 38.04
N TYR B 594 38.98 13.93 38.00
CA TYR B 594 37.78 14.40 38.67
C TYR B 594 36.55 13.64 38.21
N ASP B 595 36.37 13.50 36.88
CA ASP B 595 35.19 12.84 36.36
C ASP B 595 35.17 11.37 36.75
N GLN B 596 36.33 10.70 36.70
CA GLN B 596 36.41 9.33 37.17
C GLN B 596 35.79 9.19 38.55
N ARG B 597 36.20 10.05 39.49
CA ARG B 597 35.67 9.99 40.85
C ARG B 597 34.15 10.12 40.86
N GLU B 598 33.61 11.12 40.15
CA GLU B 598 32.18 11.36 40.17
C GLU B 598 31.39 10.10 39.81
N TYR B 599 31.64 9.55 38.63
CA TYR B 599 30.90 8.38 38.19
C TYR B 599 31.12 7.19 39.13
N MET B 600 32.34 7.05 39.67
CA MET B 600 32.61 5.96 40.61
C MET B 600 31.87 6.17 41.92
N GLY B 601 31.75 7.41 42.38
CA GLY B 601 31.02 7.69 43.61
C GLY B 601 29.59 7.21 43.55
N ARG B 602 28.84 7.67 42.55
CA ARG B 602 27.46 7.21 42.38
C ARG B 602 27.39 5.69 42.31
N SER B 603 28.33 5.07 41.59
CA SER B 603 28.31 3.61 41.48
C SER B 603 28.45 2.96 42.84
N VAL B 604 29.39 3.45 43.66
CA VAL B 604 29.55 2.94 45.02
C VAL B 604 28.26 3.16 45.80
N HIS B 605 27.64 4.32 45.65
CA HIS B 605 26.38 4.60 46.34
C HIS B 605 25.34 3.53 46.02
N TYR B 606 25.04 3.35 44.73
CA TYR B 606 24.06 2.34 44.33
C TYR B 606 24.46 0.95 44.82
N TRP B 607 25.76 0.61 44.76
CA TRP B 607 26.21 -0.66 45.30
C TRP B 607 25.85 -0.79 46.77
N LYS B 608 26.16 0.25 47.56
CA LYS B 608 25.88 0.18 48.99
C LYS B 608 24.39 0.00 49.28
N LYS B 609 23.52 0.39 48.36
CA LYS B 609 22.08 0.13 48.52
C LYS B 609 21.68 -1.26 48.06
N VAL B 610 22.43 -1.87 47.15
CA VAL B 610 22.05 -3.17 46.64
C VAL B 610 22.43 -4.25 47.64
N LEU B 611 23.67 -4.24 48.10
CA LEU B 611 24.20 -5.32 48.92
C LEU B 611 23.28 -5.68 50.08
N PRO B 612 22.68 -4.74 50.80
CA PRO B 612 21.70 -5.15 51.83
C PRO B 612 20.57 -5.99 51.28
N LEU B 613 20.06 -5.63 50.09
CA LEU B 613 19.00 -6.43 49.48
C LEU B 613 19.50 -7.80 49.08
N LEU B 614 20.67 -7.87 48.43
CA LEU B 614 21.20 -9.15 47.99
C LEU B 614 21.42 -10.11 49.14
N LYS B 615 21.88 -9.61 50.29
CA LYS B 615 22.12 -10.47 51.44
C LYS B 615 20.81 -11.07 51.93
N ILE B 616 19.75 -10.25 52.00
CA ILE B 616 18.43 -10.79 52.31
C ILE B 616 17.98 -11.76 51.24
N ILE B 617 18.27 -11.45 49.98
CA ILE B 617 17.97 -12.36 48.88
C ILE B 617 18.84 -13.61 48.94
N LYS B 618 20.04 -13.51 49.51
CA LYS B 618 20.92 -14.67 49.58
C LYS B 618 20.31 -15.79 50.41
N LYS B 619 19.53 -15.45 51.43
CA LYS B 619 18.81 -16.42 52.24
C LYS B 619 17.38 -16.63 51.74
N LYS B 620 17.08 -16.17 50.52
CA LYS B 620 15.78 -16.34 49.88
C LYS B 620 14.65 -15.89 50.79
N ASN B 621 14.66 -14.60 51.09
CA ASN B 621 13.56 -13.93 51.77
C ASN B 621 12.86 -13.01 50.78
N SER B 622 11.88 -12.26 51.26
CA SER B 622 11.05 -11.45 50.39
C SER B 622 11.45 -9.99 50.49
N ILE B 623 11.59 -9.34 49.34
CA ILE B 623 11.83 -7.90 49.28
C ILE B 623 10.46 -7.23 49.18
N PRO B 624 10.21 -6.13 49.90
CA PRO B 624 8.92 -5.47 49.72
C PRO B 624 8.88 -4.77 48.37
N GLU B 625 8.12 -5.33 47.43
CA GLU B 625 8.03 -4.74 46.10
C GLU B 625 7.27 -3.42 46.18
N PRO B 626 7.46 -2.54 45.20
CA PRO B 626 6.89 -1.20 45.29
C PRO B 626 5.47 -1.13 44.73
N ILE B 627 4.84 0.02 44.98
CA ILE B 627 3.51 0.32 44.49
C ILE B 627 3.62 1.47 43.50
N ASP B 628 3.24 1.21 42.24
CA ASP B 628 3.34 2.19 41.19
C ASP B 628 4.77 2.69 41.07
N PRO B 629 5.71 1.81 40.78
CA PRO B 629 7.11 2.23 40.67
C PRO B 629 7.33 3.06 39.41
N LEU B 630 8.42 3.83 39.43
CA LEU B 630 8.78 4.61 38.25
C LEU B 630 9.40 3.72 37.19
N PHE B 631 10.11 2.66 37.60
CA PHE B 631 10.76 1.75 36.68
C PHE B 631 10.16 0.37 36.89
N LYS B 632 9.41 -0.09 35.89
CA LYS B 632 8.65 -1.33 35.98
C LYS B 632 9.52 -2.48 36.47
N HIS B 633 9.01 -3.19 37.48
CA HIS B 633 9.67 -4.40 37.94
C HIS B 633 9.42 -5.55 36.96
N PHE B 634 10.33 -6.52 36.99
CA PHE B 634 10.19 -7.72 36.17
C PHE B 634 10.74 -8.90 36.93
N HIS B 635 10.00 -10.00 36.91
CA HIS B 635 10.50 -11.28 37.39
C HIS B 635 11.43 -11.94 36.37
N SER B 636 11.51 -11.39 35.15
CA SER B 636 12.42 -11.92 34.15
C SER B 636 13.87 -11.81 34.60
N VAL B 637 14.20 -10.77 35.37
CA VAL B 637 15.58 -10.50 35.77
C VAL B 637 15.73 -10.52 37.30
N ASP B 638 14.80 -11.14 38.01
CA ASP B 638 14.96 -11.26 39.46
C ASP B 638 16.28 -11.95 39.77
N ILE B 639 17.01 -11.41 40.74
CA ILE B 639 18.35 -11.90 41.04
C ILE B 639 18.29 -13.33 41.56
N GLN B 640 19.23 -14.14 41.09
CA GLN B 640 19.33 -15.55 41.47
C GLN B 640 20.64 -15.79 42.21
N ALA B 641 20.66 -16.86 43.01
CA ALA B 641 21.86 -17.21 43.76
C ALA B 641 23.06 -17.42 42.83
N SER B 642 22.82 -17.87 41.60
CA SER B 642 23.93 -18.08 40.67
C SER B 642 24.74 -16.81 40.45
N GLU B 643 24.11 -15.64 40.59
CA GLU B 643 24.76 -14.38 40.28
C GLU B 643 25.11 -13.58 41.53
N ILE B 644 24.73 -14.07 42.73
CA ILE B 644 24.93 -13.30 43.95
C ILE B 644 26.41 -13.13 44.23
N VAL B 645 27.14 -14.25 44.32
CA VAL B 645 28.54 -14.19 44.69
C VAL B 645 29.33 -13.34 43.70
N GLU B 646 28.93 -13.35 42.42
CA GLU B 646 29.64 -12.56 41.42
C GLU B 646 29.47 -11.07 41.70
N TYR B 647 28.23 -10.63 41.95
CA TYR B 647 27.98 -9.21 42.20
C TYR B 647 28.73 -8.72 43.43
N GLU B 648 28.67 -9.49 44.53
CA GLU B 648 29.45 -9.13 45.71
C GLU B 648 30.91 -8.89 45.35
N GLU B 649 31.46 -9.74 44.47
CA GLU B 649 32.82 -9.55 44.00
C GLU B 649 32.92 -8.29 43.15
N ASP B 650 32.06 -8.19 42.13
CA ASP B 650 32.08 -7.01 41.27
C ASP B 650 31.91 -5.72 42.05
N ALA B 651 31.13 -5.75 43.14
CA ALA B 651 30.97 -4.57 43.98
C ALA B 651 32.26 -4.22 44.71
N HIS B 652 32.90 -5.22 45.33
CA HIS B 652 34.16 -4.98 46.04
C HIS B 652 35.21 -4.33 45.15
N ILE B 653 35.21 -4.67 43.86
CA ILE B 653 36.08 -4.00 42.90
C ILE B 653 35.77 -2.51 42.86
N THR B 654 34.49 -2.18 42.68
CA THR B 654 34.10 -0.78 42.58
C THR B 654 34.51 -0.02 43.84
N PHE B 655 34.38 -0.66 45.01
CA PHE B 655 34.89 -0.07 46.25
C PHE B 655 36.38 0.19 46.14
N ALA B 656 37.16 -0.84 45.81
CA ALA B 656 38.61 -0.68 45.71
C ALA B 656 38.97 0.44 44.74
N VAL B 657 38.28 0.48 43.60
CA VAL B 657 38.56 1.50 42.59
C VAL B 657 38.49 2.89 43.21
N LEU B 658 37.38 3.19 43.89
CA LEU B 658 37.22 4.52 44.49
C LEU B 658 38.27 4.75 45.57
N ASP B 659 38.57 3.72 46.37
CA ASP B 659 39.65 3.84 47.33
C ASP B 659 40.94 4.27 46.64
N ALA B 660 41.24 3.65 45.50
CA ALA B 660 42.42 4.03 44.73
C ALA B 660 42.33 5.47 44.24
N VAL B 661 41.16 5.87 43.71
CA VAL B 661 41.02 7.21 43.17
C VAL B 661 41.11 8.26 44.28
N ASN B 662 40.72 7.92 45.50
CA ASN B 662 40.76 8.88 46.59
C ASN B 662 42.16 9.01 47.20
N GLY B 663 42.94 7.94 47.16
CA GLY B 663 44.30 8.00 47.67
C GLY B 663 44.65 6.82 48.56
N ASN B 664 43.66 6.04 48.96
CA ASN B 664 43.87 4.86 49.78
C ASN B 664 44.32 3.69 48.90
N ILE B 665 45.52 3.86 48.33
CA ILE B 665 46.03 2.87 47.38
C ILE B 665 46.29 1.55 48.09
N GLU B 666 46.91 1.61 49.26
CA GLU B 666 47.29 0.39 49.97
C GLU B 666 46.08 -0.50 50.23
N ASP B 667 44.97 0.09 50.68
CA ASP B 667 43.77 -0.71 50.92
C ASP B 667 43.14 -1.18 49.61
N ALA B 668 43.27 -0.37 48.55
CA ALA B 668 42.74 -0.78 47.26
C ALA B 668 43.47 -2.01 46.74
N VAL B 669 44.81 -1.99 46.80
CA VAL B 669 45.60 -3.11 46.30
C VAL B 669 45.25 -4.40 47.03
N THR B 670 45.19 -4.35 48.37
CA THR B 670 44.86 -5.55 49.14
C THR B 670 43.58 -6.21 48.65
N ALA B 671 42.59 -5.41 48.25
CA ALA B 671 41.33 -5.95 47.73
C ALA B 671 41.50 -6.47 46.31
N PHE B 672 42.07 -5.66 45.42
CA PHE B 672 42.29 -6.08 44.04
C PHE B 672 42.96 -7.45 43.98
N GLU B 673 44.05 -7.62 44.73
CA GLU B 673 44.80 -8.88 44.69
C GLU B 673 43.99 -10.05 45.22
N SER B 674 43.01 -9.79 46.10
CA SER B 674 42.26 -10.88 46.71
C SER B 674 41.44 -11.68 45.71
N ILE B 675 41.09 -11.10 44.56
CA ILE B 675 40.21 -11.74 43.59
C ILE B 675 40.89 -11.78 42.23
N LYS B 676 40.99 -12.97 41.65
CA LYS B 676 41.65 -13.16 40.36
C LYS B 676 40.61 -12.91 39.27
N SER B 677 40.38 -11.62 39.02
CA SER B 677 39.41 -11.17 38.03
C SER B 677 40.11 -10.39 36.93
N VAL B 678 39.53 -10.44 35.73
CA VAL B 678 40.10 -9.72 34.60
C VAL B 678 40.17 -8.22 34.89
N VAL B 679 39.10 -7.66 35.45
CA VAL B 679 39.06 -6.23 35.72
C VAL B 679 40.10 -5.85 36.78
N SER B 680 40.24 -6.68 37.83
CA SER B 680 41.20 -6.38 38.88
C SER B 680 42.63 -6.38 38.35
N TYR B 681 42.91 -7.18 37.32
CA TYR B 681 44.23 -7.18 36.71
C TYR B 681 44.53 -5.81 36.10
N TRP B 682 43.65 -5.35 35.22
CA TRP B 682 43.88 -4.08 34.54
C TRP B 682 44.04 -2.94 35.54
N ASN B 683 43.35 -3.02 36.67
CA ASN B 683 43.53 -2.03 37.72
C ASN B 683 44.87 -2.21 38.41
N LEU B 684 45.17 -3.44 38.84
CA LEU B 684 46.48 -3.73 39.43
C LEU B 684 47.59 -3.22 38.52
N ALA B 685 47.52 -3.56 37.24
CA ALA B 685 48.53 -3.09 36.28
C ALA B 685 48.54 -1.58 36.20
N LEU B 686 47.37 -0.97 36.07
CA LEU B 686 47.31 0.48 35.88
C LEU B 686 47.90 1.22 37.07
N ILE B 687 47.74 0.70 38.28
CA ILE B 687 48.25 1.36 39.46
C ILE B 687 49.71 1.00 39.71
N PHE B 688 50.13 -0.21 39.33
CA PHE B 688 51.55 -0.54 39.40
C PHE B 688 52.34 0.29 38.40
N HIS B 689 51.75 0.56 37.23
CA HIS B 689 52.42 1.40 36.25
C HIS B 689 52.64 2.81 36.79
N ARG B 690 51.66 3.34 37.51
CA ARG B 690 51.80 4.67 38.08
C ARG B 690 52.85 4.69 39.19
N LYS B 691 52.85 3.67 40.04
CA LYS B 691 53.88 3.58 41.07
C LYS B 691 55.26 3.43 40.44
N ALA B 692 55.34 2.86 39.23
CA ALA B 692 56.62 2.79 38.54
C ALA B 692 56.99 4.14 37.94
N GLU B 693 56.07 4.72 37.18
CA GLU B 693 56.32 6.01 36.55
C GLU B 693 56.63 7.08 37.59
N ASP B 694 55.90 7.06 38.71
CA ASP B 694 56.13 8.06 39.76
C ASP B 694 57.53 7.91 40.33
N ILE B 695 57.98 6.66 40.52
CA ILE B 695 59.31 6.43 41.09
C ILE B 695 60.37 6.57 40.02
N GLU B 696 59.98 6.62 38.75
CA GLU B 696 60.93 6.86 37.68
C GLU B 696 61.24 8.34 37.56
N ASN B 697 60.27 9.19 37.91
CA ASN B 697 60.42 10.63 37.74
C ASN B 697 61.51 11.21 38.63
N ASP B 698 61.93 10.48 39.66
CA ASP B 698 63.02 10.92 40.51
C ASP B 698 64.35 10.64 39.82
N ALA B 699 65.36 11.46 40.13
CA ALA B 699 66.69 11.21 39.61
C ALA B 699 67.15 9.83 40.04
N LEU B 700 67.51 8.99 39.08
CA LEU B 700 67.76 7.58 39.35
C LEU B 700 68.70 7.38 40.53
N SER B 701 68.59 6.21 41.15
CA SER B 701 69.37 5.77 42.31
C SER B 701 69.28 4.26 42.26
N PRO B 702 70.37 3.52 42.46
CA PRO B 702 70.34 2.08 42.14
C PRO B 702 69.26 1.30 42.88
N GLU B 703 69.17 1.45 44.20
CA GLU B 703 68.13 0.72 44.93
C GLU B 703 66.74 1.10 44.44
N GLU B 704 66.47 2.41 44.30
CA GLU B 704 65.18 2.86 43.78
C GLU B 704 64.96 2.42 42.34
N GLN B 705 66.01 2.49 41.51
CA GLN B 705 65.87 2.09 40.12
C GLN B 705 65.46 0.63 39.98
N GLU B 706 66.06 -0.27 40.76
CA GLU B 706 65.69 -1.67 40.71
C GLU B 706 64.24 -1.87 41.12
N GLU B 707 63.80 -1.15 42.16
CA GLU B 707 62.41 -1.23 42.58
C GLU B 707 61.47 -0.72 41.50
N CYS B 708 61.89 0.29 40.74
CA CYS B 708 61.07 0.79 39.65
C CYS B 708 60.88 -0.27 38.57
N LYS B 709 61.97 -0.89 38.12
CA LYS B 709 61.86 -1.95 37.14
C LYS B 709 60.90 -3.03 37.62
N ASN B 710 60.96 -3.39 38.90
CA ASN B 710 60.11 -4.45 39.42
C ASN B 710 58.63 -4.11 39.21
N TYR B 711 58.28 -2.83 39.36
CA TYR B 711 56.89 -2.43 39.16
C TYR B 711 56.49 -2.55 37.69
N LEU B 712 57.33 -2.04 36.78
CA LEU B 712 57.02 -2.13 35.36
C LEU B 712 56.87 -3.57 34.90
N ARG B 713 57.64 -4.49 35.49
CA ARG B 713 57.49 -5.90 35.14
C ARG B 713 56.16 -6.45 35.67
N LYS B 714 55.71 -5.98 36.83
CA LYS B 714 54.41 -6.40 37.32
C LYS B 714 53.29 -5.92 36.41
N THR B 715 53.38 -4.66 35.96
CA THR B 715 52.43 -4.16 34.98
C THR B 715 52.39 -5.07 33.76
N ARG B 716 53.56 -5.32 33.18
CA ARG B 716 53.66 -6.20 32.01
C ARG B 716 52.99 -7.55 32.27
N ASP B 717 53.25 -8.14 33.44
CA ASP B 717 52.73 -9.48 33.73
C ASP B 717 51.21 -9.47 33.79
N TYR B 718 50.63 -8.50 34.49
CA TYR B 718 49.18 -8.44 34.64
C TYR B 718 48.51 -8.16 33.30
N LEU B 719 49.09 -7.27 32.48
CA LEU B 719 48.53 -6.99 31.16
C LEU B 719 48.51 -8.25 30.30
N ILE B 720 49.54 -9.08 30.41
CA ILE B 720 49.60 -10.31 29.64
C ILE B 720 48.58 -11.31 30.18
N LYS B 721 48.42 -11.36 31.50
CA LYS B 721 47.40 -12.24 32.08
C LYS B 721 46.03 -11.91 31.52
N ILE B 722 45.76 -10.62 31.27
CA ILE B 722 44.52 -10.22 30.63
C ILE B 722 44.41 -10.84 29.24
N ILE B 723 45.46 -10.68 28.44
CA ILE B 723 45.43 -11.13 27.05
C ILE B 723 45.38 -12.66 26.96
N ASP B 724 46.12 -13.34 27.84
CA ASP B 724 46.10 -14.80 27.85
C ASP B 724 44.70 -15.33 28.09
N ASP B 725 44.05 -14.87 29.16
CA ASP B 725 42.69 -15.30 29.46
C ASP B 725 41.71 -14.76 28.42
N SER B 726 42.02 -13.60 27.83
CA SER B 726 41.12 -13.01 26.84
C SER B 726 41.09 -13.84 25.56
N ASP B 727 42.26 -14.10 24.97
CA ASP B 727 42.30 -14.84 23.71
C ASP B 727 41.69 -16.24 23.87
N SER B 728 41.79 -16.81 25.06
CA SER B 728 41.36 -18.19 25.26
C SER B 728 39.84 -18.31 25.32
N ASN B 729 39.17 -17.39 26.00
CA ASN B 729 37.75 -17.52 26.30
C ASN B 729 37.02 -16.24 25.93
N LEU B 730 35.82 -16.38 25.36
CA LEU B 730 35.03 -15.23 24.97
C LEU B 730 34.34 -14.60 26.17
N SER B 731 33.88 -15.43 27.12
CA SER B 731 33.21 -14.89 28.30
C SER B 731 34.10 -13.89 29.03
N VAL B 732 35.42 -14.14 29.04
CA VAL B 732 36.34 -13.19 29.66
C VAL B 732 36.45 -11.92 28.82
N VAL B 733 36.36 -12.03 27.50
CA VAL B 733 36.42 -10.84 26.64
C VAL B 733 35.29 -9.88 26.97
N LYS B 734 34.13 -10.41 27.37
CA LYS B 734 32.99 -9.55 27.65
C LYS B 734 33.14 -8.78 28.95
N LYS B 735 33.94 -9.29 29.89
CA LYS B 735 34.15 -8.63 31.16
C LYS B 735 35.21 -7.55 31.09
N LEU B 736 35.96 -7.47 29.99
CA LEU B 736 37.05 -6.51 29.89
C LEU B 736 36.53 -5.11 30.22
N PRO B 737 37.15 -4.41 31.17
CA PRO B 737 36.70 -3.04 31.46
C PRO B 737 37.03 -2.03 30.37
N VAL B 738 38.00 -2.32 29.51
CA VAL B 738 38.36 -1.46 28.38
C VAL B 738 38.56 -2.36 27.17
N PRO B 739 38.72 -1.81 25.96
CA PRO B 739 38.87 -2.67 24.79
C PRO B 739 40.16 -3.48 24.85
N LEU B 740 40.12 -4.66 24.21
CA LEU B 740 41.30 -5.54 24.18
C LEU B 740 42.46 -4.84 23.49
N GLU B 741 42.20 -4.22 22.33
CA GLU B 741 43.26 -3.55 21.61
C GLU B 741 43.88 -2.44 22.44
N SER B 742 43.09 -1.82 23.33
CA SER B 742 43.65 -0.81 24.21
C SER B 742 44.59 -1.44 25.22
N VAL B 743 44.25 -2.62 25.73
CA VAL B 743 45.12 -3.31 26.67
C VAL B 743 46.45 -3.65 26.00
N LYS B 744 46.40 -4.21 24.79
CA LYS B 744 47.63 -4.50 24.06
C LYS B 744 48.41 -3.24 23.72
N GLU B 745 47.70 -2.15 23.43
CA GLU B 745 48.37 -0.90 23.11
C GLU B 745 49.28 -0.46 24.26
N MET B 746 48.75 -0.47 25.48
CA MET B 746 49.56 -0.13 26.65
C MET B 746 50.75 -1.06 26.78
N LEU B 747 50.53 -2.37 26.62
CA LEU B 747 51.60 -3.34 26.81
C LEU B 747 52.78 -3.06 25.89
N ASN B 748 52.53 -2.73 24.63
CA ASN B 748 53.62 -2.38 23.71
C ASN B 748 54.47 -1.25 24.27
N SER B 749 53.82 -0.19 24.76
CA SER B 749 54.56 0.94 25.31
C SER B 749 55.21 0.57 26.65
N VAL B 750 54.53 -0.26 27.44
CA VAL B 750 55.06 -0.63 28.76
C VAL B 750 56.42 -1.29 28.61
N MET B 751 56.57 -2.18 27.64
CA MET B 751 57.80 -2.95 27.49
C MET B 751 58.91 -2.18 26.81
N GLN B 752 58.57 -1.28 25.89
CA GLN B 752 59.60 -0.47 25.26
C GLN B 752 60.28 0.47 26.25
N GLU B 753 59.66 0.72 27.41
CA GLU B 753 60.29 1.52 28.46
C GLU B 753 61.49 0.75 29.03
N GLU C 4 -38.58 -28.93 -41.92
CA GLU C 4 -38.32 -29.15 -40.51
C GLU C 4 -36.91 -28.71 -40.14
N VAL C 5 -36.06 -28.57 -41.16
CA VAL C 5 -34.66 -28.21 -40.99
C VAL C 5 -34.45 -26.78 -41.48
N GLN C 6 -33.82 -25.96 -40.65
CA GLN C 6 -33.67 -24.54 -40.98
C GLN C 6 -32.53 -23.95 -40.17
N LEU C 7 -32.04 -22.80 -40.64
CA LEU C 7 -31.04 -22.00 -39.93
C LEU C 7 -31.55 -20.57 -39.80
N VAL C 8 -31.48 -20.02 -38.60
CA VAL C 8 -31.97 -18.68 -38.31
C VAL C 8 -30.79 -17.82 -37.84
N GLU C 9 -30.58 -16.70 -38.51
CA GLU C 9 -29.54 -15.75 -38.14
C GLU C 9 -30.13 -14.65 -37.28
N SER C 10 -29.38 -14.24 -36.26
CA SER C 10 -29.80 -13.14 -35.41
C SER C 10 -28.55 -12.46 -34.84
N GLY C 11 -28.77 -11.35 -34.14
CA GLY C 11 -27.68 -10.59 -33.57
C GLY C 11 -27.05 -9.59 -34.52
N GLY C 12 -27.80 -9.12 -35.51
CA GLY C 12 -27.25 -8.17 -36.45
C GLY C 12 -27.47 -6.73 -36.01
N GLY C 13 -27.97 -5.90 -36.93
CA GLY C 13 -28.21 -4.50 -36.64
C GLY C 13 -26.99 -3.64 -36.90
N LEU C 14 -27.18 -2.35 -36.69
CA LEU C 14 -26.12 -1.38 -36.93
C LEU C 14 -25.21 -1.22 -35.72
N VAL C 15 -24.01 -0.70 -35.98
CA VAL C 15 -23.00 -0.48 -34.95
C VAL C 15 -22.05 0.59 -35.45
N GLN C 16 -21.36 1.25 -34.52
CA GLN C 16 -20.37 2.26 -34.90
C GLN C 16 -19.04 1.60 -35.25
N PRO C 17 -18.30 2.17 -36.20
CA PRO C 17 -16.96 1.66 -36.50
C PRO C 17 -16.13 1.54 -35.22
N GLY C 18 -15.24 0.56 -35.21
CA GLY C 18 -14.48 0.22 -34.03
C GLY C 18 -15.27 -0.43 -32.93
N GLY C 19 -16.56 -0.68 -33.13
CA GLY C 19 -17.41 -1.32 -32.15
C GLY C 19 -17.34 -2.83 -32.25
N SER C 20 -18.38 -3.47 -31.71
CA SER C 20 -18.46 -4.92 -31.68
C SER C 20 -19.91 -5.35 -31.84
N LEU C 21 -20.09 -6.55 -32.40
CA LEU C 21 -21.40 -7.18 -32.50
C LEU C 21 -21.22 -8.68 -32.30
N ARG C 22 -22.34 -9.39 -32.20
CA ARG C 22 -22.32 -10.85 -32.10
C ARG C 22 -23.54 -11.41 -32.81
N LEU C 23 -23.29 -12.22 -33.84
CA LEU C 23 -24.34 -12.87 -34.60
C LEU C 23 -24.61 -14.27 -34.07
N SER C 24 -25.87 -14.72 -34.20
CA SER C 24 -26.29 -16.02 -33.71
C SER C 24 -26.94 -16.79 -34.85
N CYS C 25 -26.42 -18.00 -35.13
CA CYS C 25 -26.93 -18.88 -36.17
C CYS C 25 -27.55 -20.11 -35.48
N ALA C 26 -28.86 -20.08 -35.32
CA ALA C 26 -29.58 -21.15 -34.63
C ALA C 26 -29.95 -22.26 -35.59
N ALA C 27 -29.53 -23.49 -35.27
CA ALA C 27 -29.72 -24.65 -36.14
C ALA C 27 -30.72 -25.60 -35.51
N SER C 28 -31.45 -26.32 -36.36
CA SER C 28 -32.41 -27.31 -35.88
C SER C 28 -32.71 -28.32 -36.98
N GLY C 29 -32.75 -29.60 -36.61
CA GLY C 29 -33.13 -30.67 -37.50
C GLY C 29 -32.01 -31.59 -37.92
N PHE C 30 -30.76 -31.16 -37.75
CA PHE C 30 -29.59 -31.95 -38.05
C PHE C 30 -28.65 -31.90 -36.85
N ASN C 31 -27.95 -33.01 -36.62
CA ASN C 31 -27.06 -33.08 -35.47
C ASN C 31 -25.95 -32.03 -35.58
N PHE C 32 -26.01 -31.04 -34.68
CA PHE C 32 -25.10 -29.90 -34.73
C PHE C 32 -23.66 -30.33 -34.55
N SER C 33 -23.43 -31.51 -33.97
CA SER C 33 -22.08 -31.96 -33.68
C SER C 33 -21.33 -32.34 -34.95
N SER C 34 -22.01 -33.02 -35.88
CA SER C 34 -21.38 -33.56 -37.08
C SER C 34 -21.36 -32.58 -38.25
N SER C 35 -21.82 -31.35 -38.05
CA SER C 35 -21.90 -30.35 -39.11
C SER C 35 -20.81 -29.31 -38.93
N SER C 36 -20.17 -28.91 -40.03
CA SER C 36 -19.24 -27.79 -40.02
C SER C 36 -20.02 -26.51 -40.31
N ILE C 37 -19.69 -25.45 -39.58
CA ILE C 37 -20.42 -24.19 -39.66
C ILE C 37 -19.56 -23.13 -40.33
N HIS C 38 -20.16 -22.36 -41.23
CA HIS C 38 -19.47 -21.32 -41.98
C HIS C 38 -20.25 -20.02 -41.90
N TRP C 39 -19.56 -18.92 -42.16
CA TRP C 39 -20.18 -17.61 -42.31
C TRP C 39 -19.72 -16.97 -43.62
N VAL C 40 -20.66 -16.37 -44.36
CA VAL C 40 -20.39 -15.81 -45.68
C VAL C 40 -21.14 -14.48 -45.79
N ARG C 41 -20.38 -13.38 -45.85
CA ARG C 41 -20.97 -12.06 -45.95
C ARG C 41 -21.04 -11.62 -47.42
N GLN C 42 -21.86 -10.60 -47.66
CA GLN C 42 -22.06 -10.07 -49.02
C GLN C 42 -22.47 -8.61 -48.87
N ALA C 43 -21.60 -7.70 -49.29
CA ALA C 43 -21.92 -6.29 -49.29
C ALA C 43 -22.97 -6.02 -50.37
N PRO C 44 -23.59 -4.84 -50.35
CA PRO C 44 -24.63 -4.56 -51.35
C PRO C 44 -24.07 -4.55 -52.76
N GLY C 45 -24.71 -5.31 -53.65
CA GLY C 45 -24.27 -5.39 -55.02
C GLY C 45 -22.97 -6.12 -55.26
N LYS C 46 -22.43 -6.76 -54.23
CA LYS C 46 -21.14 -7.46 -54.31
C LYS C 46 -21.37 -8.96 -54.24
N GLY C 47 -20.27 -9.71 -54.36
CA GLY C 47 -20.32 -11.16 -54.37
C GLY C 47 -20.16 -11.76 -52.98
N LEU C 48 -20.09 -13.09 -52.96
CA LEU C 48 -19.97 -13.84 -51.72
C LEU C 48 -18.53 -13.88 -51.23
N GLU C 49 -18.35 -13.58 -49.95
CA GLU C 49 -17.04 -13.60 -49.30
C GLU C 49 -17.07 -14.53 -48.11
N TRP C 50 -16.26 -15.59 -48.16
CA TRP C 50 -16.12 -16.48 -47.02
C TRP C 50 -15.32 -15.79 -45.92
N VAL C 51 -15.84 -15.84 -44.69
CA VAL C 51 -15.22 -15.15 -43.57
C VAL C 51 -14.82 -16.08 -42.43
N ALA C 52 -15.41 -17.27 -42.31
CA ALA C 52 -15.12 -18.12 -41.16
C ALA C 52 -15.61 -19.53 -41.43
N SER C 53 -15.02 -20.49 -40.71
CA SER C 53 -15.40 -21.88 -40.80
C SER C 53 -15.07 -22.60 -39.50
N ILE C 54 -15.79 -23.69 -39.25
CA ILE C 54 -15.64 -24.50 -38.04
C ILE C 54 -15.69 -25.97 -38.45
N TYR C 55 -14.58 -26.68 -38.23
CA TYR C 55 -14.55 -28.09 -38.63
C TYR C 55 -15.62 -28.88 -37.87
N SER C 56 -16.13 -29.92 -38.53
CA SER C 56 -17.38 -30.53 -38.10
C SER C 56 -17.35 -30.98 -36.65
N TYR C 57 -16.44 -31.90 -36.31
CA TYR C 57 -16.53 -32.64 -35.05
C TYR C 57 -15.62 -32.10 -33.96
N SER C 58 -14.84 -31.05 -34.22
CA SER C 58 -13.90 -30.57 -33.23
C SER C 58 -13.99 -29.05 -33.08
N GLY C 59 -13.94 -28.34 -34.20
CA GLY C 59 -14.19 -26.91 -34.17
C GLY C 59 -12.95 -26.05 -34.27
N TYR C 60 -11.97 -26.49 -35.06
CA TYR C 60 -10.83 -25.64 -35.34
C TYR C 60 -11.22 -24.51 -36.27
N THR C 61 -10.82 -23.30 -35.90
CA THR C 61 -11.24 -22.11 -36.63
C THR C 61 -10.36 -21.89 -37.86
N SER C 62 -10.86 -21.05 -38.76
CA SER C 62 -10.11 -20.63 -39.94
C SER C 62 -10.81 -19.41 -40.53
N TYR C 63 -10.05 -18.32 -40.70
CA TYR C 63 -10.64 -17.06 -41.12
C TYR C 63 -9.92 -16.54 -42.36
N ALA C 64 -10.62 -15.70 -43.11
CA ALA C 64 -10.02 -14.97 -44.22
C ALA C 64 -9.18 -13.82 -43.69
N ASP C 65 -8.09 -13.54 -44.41
CA ASP C 65 -7.18 -12.49 -43.98
C ASP C 65 -7.85 -11.12 -43.85
N SER C 66 -8.96 -10.90 -44.54
CA SER C 66 -9.66 -9.62 -44.43
C SER C 66 -10.22 -9.37 -43.03
N VAL C 67 -10.42 -10.42 -42.24
CA VAL C 67 -11.00 -10.29 -40.91
C VAL C 67 -10.20 -11.04 -39.85
N LYS C 68 -9.09 -11.68 -40.22
CA LYS C 68 -8.33 -12.49 -39.30
C LYS C 68 -7.97 -11.71 -38.04
N GLY C 69 -8.09 -12.38 -36.89
CA GLY C 69 -7.77 -11.78 -35.61
C GLY C 69 -8.85 -10.90 -35.01
N ARG C 70 -9.75 -10.35 -35.82
CA ARG C 70 -10.82 -9.50 -35.31
C ARG C 70 -12.09 -10.28 -35.01
N PHE C 71 -12.51 -11.15 -35.92
CA PHE C 71 -13.71 -11.95 -35.73
C PHE C 71 -13.38 -13.25 -34.98
N THR C 72 -14.41 -13.81 -34.34
CA THR C 72 -14.27 -15.09 -33.65
C THR C 72 -15.56 -15.86 -33.78
N ILE C 73 -15.49 -17.05 -34.38
CA ILE C 73 -16.64 -17.91 -34.62
C ILE C 73 -16.60 -19.07 -33.63
N SER C 74 -17.77 -19.42 -33.08
CA SER C 74 -17.85 -20.42 -32.03
C SER C 74 -19.10 -21.28 -32.21
N ALA C 75 -19.08 -22.46 -31.58
CA ALA C 75 -20.18 -23.42 -31.67
C ALA C 75 -20.44 -24.01 -30.30
N ASP C 76 -21.72 -24.07 -29.90
CA ASP C 76 -22.14 -24.55 -28.59
C ASP C 76 -23.05 -25.77 -28.76
N THR C 77 -22.64 -26.90 -28.20
CA THR C 77 -23.45 -28.12 -28.31
C THR C 77 -24.70 -28.03 -27.45
N SER C 78 -24.57 -27.47 -26.24
CA SER C 78 -25.72 -27.39 -25.34
C SER C 78 -26.81 -26.53 -25.94
N LYS C 79 -26.45 -25.38 -26.51
CA LYS C 79 -27.40 -24.46 -27.11
C LYS C 79 -27.69 -24.76 -28.57
N ASN C 80 -26.97 -25.71 -29.18
CA ASN C 80 -27.19 -26.07 -30.58
C ASN C 80 -27.21 -24.84 -31.47
N THR C 81 -26.20 -23.99 -31.30
CA THR C 81 -26.16 -22.70 -31.99
C THR C 81 -24.71 -22.28 -32.20
N ALA C 82 -24.45 -21.67 -33.35
CA ALA C 82 -23.14 -21.09 -33.65
C ALA C 82 -23.25 -19.57 -33.67
N TYR C 83 -22.12 -18.90 -33.46
CA TYR C 83 -22.08 -17.45 -33.37
C TYR C 83 -20.85 -16.92 -34.09
N LEU C 84 -20.95 -15.66 -34.52
CA LEU C 84 -19.82 -14.95 -35.13
C LEU C 84 -19.57 -13.65 -34.36
N GLN C 85 -18.63 -13.70 -33.42
CA GLN C 85 -18.23 -12.50 -32.67
C GLN C 85 -17.35 -11.62 -33.55
N MET C 86 -17.72 -10.36 -33.67
CA MET C 86 -17.03 -9.40 -34.53
C MET C 86 -16.55 -8.22 -33.69
N ASN C 87 -15.25 -7.92 -33.80
CA ASN C 87 -14.63 -6.82 -33.08
C ASN C 87 -13.94 -5.90 -34.08
N SER C 88 -13.62 -4.70 -33.62
CA SER C 88 -12.92 -3.70 -34.45
C SER C 88 -13.60 -3.56 -35.82
N LEU C 89 -14.94 -3.55 -35.80
CA LEU C 89 -15.70 -3.49 -37.05
C LEU C 89 -15.35 -2.22 -37.82
N ARG C 90 -15.16 -2.37 -39.11
CA ARG C 90 -14.86 -1.27 -40.01
C ARG C 90 -16.03 -1.07 -40.98
N ALA C 91 -16.08 0.12 -41.57
CA ALA C 91 -17.15 0.41 -42.53
C ALA C 91 -17.16 -0.64 -43.64
N GLU C 92 -16.00 -1.22 -43.94
CA GLU C 92 -15.91 -2.24 -44.98
C GLU C 92 -16.69 -3.49 -44.62
N ASP C 93 -16.89 -3.76 -43.32
CA ASP C 93 -17.60 -4.97 -42.92
C ASP C 93 -19.11 -4.88 -43.11
N THR C 94 -19.63 -3.73 -43.52
CA THR C 94 -21.06 -3.61 -43.81
C THR C 94 -21.45 -4.59 -44.92
N ALA C 95 -22.31 -5.55 -44.59
CA ALA C 95 -22.64 -6.61 -45.53
C ALA C 95 -23.72 -7.49 -44.92
N VAL C 96 -24.36 -8.28 -45.77
CA VAL C 96 -25.34 -9.27 -45.33
C VAL C 96 -24.60 -10.55 -44.98
N TYR C 97 -24.72 -10.99 -43.73
CA TYR C 97 -23.98 -12.13 -43.23
C TYR C 97 -24.87 -13.37 -43.21
N TYR C 98 -24.49 -14.38 -43.98
CA TYR C 98 -25.16 -15.68 -44.02
C TYR C 98 -24.34 -16.72 -43.27
N CYS C 99 -25.01 -17.72 -42.72
CA CYS C 99 -24.38 -18.93 -42.20
C CYS C 99 -24.89 -20.15 -42.95
N ALA C 100 -24.12 -21.23 -42.87
CA ALA C 100 -24.44 -22.46 -43.60
C ALA C 100 -23.63 -23.61 -43.01
N ARG C 101 -24.08 -24.84 -43.27
CA ARG C 101 -23.44 -26.04 -42.74
C ARG C 101 -22.85 -26.89 -43.85
N SER C 102 -21.90 -27.75 -43.46
CA SER C 102 -21.36 -28.78 -44.34
C SER C 102 -21.16 -30.08 -43.56
N PRO C 103 -21.94 -31.13 -43.84
CA PRO C 103 -21.86 -32.34 -43.00
C PRO C 103 -20.46 -32.94 -43.02
N TRP C 104 -20.21 -33.80 -42.03
CA TRP C 104 -18.97 -34.58 -42.04
C TRP C 104 -18.82 -35.40 -43.31
N ARG C 105 -19.93 -35.78 -43.94
CA ARG C 105 -19.86 -36.48 -45.22
C ARG C 105 -19.14 -35.65 -46.26
N TRP C 106 -19.21 -34.32 -46.14
CA TRP C 106 -18.57 -33.40 -47.07
C TRP C 106 -17.36 -32.70 -46.47
N SER C 107 -16.95 -33.08 -45.26
CA SER C 107 -15.85 -32.43 -44.56
C SER C 107 -14.67 -33.38 -44.51
N GLY C 108 -13.65 -33.09 -45.30
CA GLY C 108 -12.45 -33.91 -45.35
C GLY C 108 -11.25 -33.11 -44.85
N VAL C 109 -10.40 -33.77 -44.08
CA VAL C 109 -9.20 -33.16 -43.51
C VAL C 109 -8.00 -33.70 -44.27
N SER C 110 -7.11 -32.81 -44.70
CA SER C 110 -5.95 -33.19 -45.49
C SER C 110 -4.70 -32.50 -44.94
N ASP C 111 -3.55 -33.03 -45.34
CA ASP C 111 -2.27 -32.45 -44.97
C ASP C 111 -2.17 -31.00 -45.43
N GLY C 112 -2.08 -30.09 -44.47
CA GLY C 112 -1.98 -28.68 -44.75
C GLY C 112 -3.28 -27.91 -44.61
N GLY C 113 -4.33 -28.55 -44.12
CA GLY C 113 -5.62 -27.92 -43.95
C GLY C 113 -6.74 -28.81 -44.49
N PHE C 114 -7.96 -28.42 -44.14
CA PHE C 114 -9.17 -29.17 -44.44
C PHE C 114 -10.02 -28.47 -45.50
N TYR C 115 -10.93 -29.24 -46.09
CA TYR C 115 -11.76 -28.78 -47.20
C TYR C 115 -13.20 -29.23 -46.99
N TYR C 116 -14.13 -28.45 -47.52
CA TYR C 116 -15.57 -28.73 -47.46
C TYR C 116 -16.13 -28.76 -48.87
N LYS C 117 -16.87 -29.82 -49.19
CA LYS C 117 -17.26 -30.05 -50.58
C LYS C 117 -18.26 -29.00 -51.07
N ALA C 118 -19.21 -28.61 -50.22
CA ALA C 118 -20.16 -27.56 -50.58
C ALA C 118 -20.97 -27.18 -49.36
N LEU C 119 -21.79 -26.13 -49.51
CA LEU C 119 -22.65 -25.62 -48.46
C LEU C 119 -24.09 -25.95 -48.83
N ASP C 120 -24.68 -26.93 -48.13
CA ASP C 120 -26.03 -27.37 -48.48
C ASP C 120 -27.10 -26.45 -47.88
N TYR C 121 -27.11 -26.29 -46.56
CA TYR C 121 -28.14 -25.52 -45.88
C TYR C 121 -27.66 -24.10 -45.64
N TRP C 122 -28.44 -23.12 -46.09
CA TRP C 122 -28.14 -21.70 -45.87
C TRP C 122 -29.25 -21.05 -45.06
N GLY C 123 -28.91 -19.93 -44.41
CA GLY C 123 -29.85 -19.16 -43.64
C GLY C 123 -30.46 -18.00 -44.43
N GLN C 124 -31.39 -17.31 -43.77
CA GLN C 124 -32.03 -16.15 -44.40
C GLN C 124 -31.04 -15.01 -44.60
N GLY C 125 -30.09 -14.85 -43.67
CA GLY C 125 -29.11 -13.80 -43.76
C GLY C 125 -29.49 -12.56 -42.96
N THR C 126 -28.69 -12.23 -41.95
CA THR C 126 -28.94 -11.08 -41.09
C THR C 126 -28.04 -9.92 -41.51
N LEU C 127 -28.63 -8.72 -41.57
CA LEU C 127 -27.89 -7.55 -42.00
C LEU C 127 -27.05 -6.95 -40.88
N VAL C 128 -25.85 -6.49 -41.25
CA VAL C 128 -24.96 -5.78 -40.34
C VAL C 128 -24.47 -4.54 -41.07
N THR C 129 -24.79 -3.37 -40.54
CA THR C 129 -24.35 -2.09 -41.09
C THR C 129 -23.33 -1.46 -40.15
N VAL C 130 -22.21 -1.01 -40.71
CA VAL C 130 -21.13 -0.39 -39.94
C VAL C 130 -20.88 0.99 -40.54
N SER C 131 -21.31 2.03 -39.83
CA SER C 131 -21.16 3.40 -40.31
C SER C 131 -21.33 4.33 -39.13
N SER C 132 -20.37 5.24 -38.94
CA SER C 132 -20.45 6.19 -37.84
C SER C 132 -21.54 7.23 -38.03
N ALA C 133 -22.21 7.24 -39.17
CA ALA C 133 -23.32 8.16 -39.36
C ALA C 133 -24.48 7.76 -38.46
N SER C 134 -25.10 8.76 -37.82
CA SER C 134 -26.21 8.52 -36.91
C SER C 134 -27.54 8.52 -37.67
N THR C 135 -28.52 7.84 -37.09
CA THR C 135 -29.83 7.75 -37.69
C THR C 135 -30.36 9.14 -38.02
N LYS C 136 -31.13 9.22 -39.10
CA LYS C 136 -31.61 10.49 -39.61
C LYS C 136 -32.75 10.22 -40.59
N GLY C 137 -33.69 11.15 -40.65
CA GLY C 137 -34.83 11.01 -41.52
C GLY C 137 -34.53 11.59 -42.89
N PRO C 138 -35.30 11.20 -43.89
CA PRO C 138 -35.04 11.68 -45.25
C PRO C 138 -35.61 13.06 -45.48
N SER C 139 -34.92 13.81 -46.34
CA SER C 139 -35.40 15.10 -46.83
C SER C 139 -35.85 14.90 -48.27
N VAL C 140 -37.09 15.25 -48.55
CA VAL C 140 -37.70 15.00 -49.85
C VAL C 140 -37.71 16.29 -50.63
N PHE C 141 -37.09 16.27 -51.81
CA PHE C 141 -37.08 17.39 -52.74
C PHE C 141 -37.83 16.96 -54.00
N PRO C 142 -38.82 17.72 -54.46
CA PRO C 142 -39.59 17.27 -55.61
C PRO C 142 -38.80 17.40 -56.90
N LEU C 143 -39.18 16.59 -57.88
CA LEU C 143 -38.60 16.60 -59.22
C LEU C 143 -39.77 16.51 -60.19
N ALA C 144 -40.21 17.66 -60.66
CA ALA C 144 -41.34 17.79 -61.57
C ALA C 144 -40.83 18.01 -62.99
N PRO C 145 -41.70 17.89 -63.99
CA PRO C 145 -41.24 18.01 -65.38
C PRO C 145 -41.22 19.45 -65.87
N SER C 146 -40.04 19.94 -66.26
CA SER C 146 -39.95 21.22 -66.95
C SER C 146 -40.18 20.98 -68.45
N SER C 147 -41.24 20.23 -68.76
CA SER C 147 -41.55 19.82 -70.12
C SER C 147 -43.01 20.15 -70.40
N LYS C 148 -43.29 20.56 -71.63
CA LYS C 148 -44.65 20.84 -72.08
C LYS C 148 -44.95 19.85 -73.21
N SER C 149 -45.39 18.65 -72.82
CA SER C 149 -45.61 17.54 -73.75
C SER C 149 -44.39 17.29 -74.61
N THR C 150 -43.24 17.10 -73.95
CA THR C 150 -42.00 16.83 -74.66
C THR C 150 -42.06 15.49 -75.41
N SER C 151 -42.28 14.40 -74.68
CA SER C 151 -42.31 13.07 -75.28
C SER C 151 -43.73 12.68 -75.67
N GLY C 152 -44.31 13.52 -76.55
CA GLY C 152 -45.67 13.29 -77.01
C GLY C 152 -46.70 13.42 -75.91
N GLY C 153 -47.37 12.32 -75.58
CA GLY C 153 -48.42 12.33 -74.59
C GLY C 153 -48.02 12.01 -73.18
N THR C 154 -46.76 11.66 -72.92
CA THR C 154 -46.30 11.22 -71.61
C THR C 154 -45.18 12.12 -71.09
N ALA C 155 -45.23 12.41 -69.79
CA ALA C 155 -44.20 13.18 -69.10
C ALA C 155 -43.70 12.39 -67.90
N ALA C 156 -42.59 12.85 -67.32
CA ALA C 156 -41.92 12.15 -66.23
C ALA C 156 -41.75 13.07 -65.02
N LEU C 157 -42.14 12.58 -63.84
CA LEU C 157 -41.96 13.29 -62.57
C LEU C 157 -41.30 12.34 -61.58
N GLY C 158 -40.80 12.91 -60.48
CA GLY C 158 -40.13 12.09 -59.49
C GLY C 158 -39.88 12.85 -58.20
N CYS C 159 -39.32 12.13 -57.22
CA CYS C 159 -39.00 12.65 -55.91
C CYS C 159 -37.60 12.22 -55.50
N LEU C 160 -36.87 13.12 -54.84
CA LEU C 160 -35.51 12.87 -54.39
C LEU C 160 -35.54 12.67 -52.88
N VAL C 161 -35.21 11.45 -52.44
CA VAL C 161 -35.08 11.12 -51.03
C VAL C 161 -33.60 11.16 -50.70
N LYS C 162 -33.21 12.06 -49.79
CA LYS C 162 -31.81 12.39 -49.59
C LYS C 162 -31.52 12.61 -48.12
N ASP C 163 -30.26 12.41 -47.74
CA ASP C 163 -29.78 12.71 -46.40
C ASP C 163 -30.55 11.92 -45.34
N TYR C 164 -30.61 10.59 -45.54
CA TYR C 164 -31.21 9.71 -44.55
C TYR C 164 -30.21 8.61 -44.18
N PHE C 165 -30.43 8.02 -43.00
CA PHE C 165 -29.63 6.90 -42.55
C PHE C 165 -30.40 6.15 -41.47
N PRO C 166 -30.40 4.81 -41.48
CA PRO C 166 -29.84 3.92 -42.49
C PRO C 166 -30.91 3.40 -43.45
N GLU C 167 -30.48 2.62 -44.44
CA GLU C 167 -31.40 1.85 -45.28
C GLU C 167 -32.31 1.04 -44.38
N PRO C 168 -33.58 0.80 -44.75
CA PRO C 168 -34.26 1.12 -45.99
C PRO C 168 -35.24 2.28 -45.96
N VAL C 169 -35.56 2.82 -47.13
CA VAL C 169 -36.65 3.75 -47.32
C VAL C 169 -37.63 3.11 -48.29
N THR C 170 -38.92 3.36 -48.07
CA THR C 170 -39.98 2.85 -48.91
C THR C 170 -40.76 4.01 -49.49
N VAL C 171 -41.14 3.89 -50.76
CA VAL C 171 -41.82 4.97 -51.47
C VAL C 171 -43.06 4.41 -52.16
N SER C 172 -44.09 5.25 -52.24
CA SER C 172 -45.30 4.94 -52.97
C SER C 172 -45.84 6.24 -53.52
N TRP C 173 -46.66 6.13 -54.56
CA TRP C 173 -47.21 7.29 -55.26
C TRP C 173 -48.72 7.31 -55.11
N ASN C 174 -49.25 8.48 -54.73
CA ASN C 174 -50.67 8.63 -54.43
C ASN C 174 -51.13 7.53 -53.47
N SER C 175 -50.27 7.20 -52.51
CA SER C 175 -50.57 6.19 -51.50
C SER C 175 -50.91 4.85 -52.15
N GLY C 176 -50.19 4.53 -53.22
CA GLY C 176 -50.39 3.27 -53.92
C GLY C 176 -51.37 3.31 -55.07
N ALA C 177 -52.00 4.45 -55.32
CA ALA C 177 -52.92 4.56 -56.45
C ALA C 177 -52.17 4.49 -57.78
N LEU C 178 -51.06 5.22 -57.89
CA LEU C 178 -50.22 5.23 -59.09
C LEU C 178 -49.17 4.12 -58.95
N THR C 179 -49.56 2.91 -59.35
CA THR C 179 -48.69 1.74 -59.20
C THR C 179 -47.80 1.50 -60.42
N SER C 180 -48.36 1.57 -61.63
CA SER C 180 -47.58 1.24 -62.82
C SER C 180 -46.75 2.43 -63.29
N GLY C 181 -45.73 2.13 -64.08
CA GLY C 181 -44.81 3.13 -64.60
C GLY C 181 -43.76 3.61 -63.63
N VAL C 182 -43.83 3.21 -62.35
CA VAL C 182 -42.90 3.73 -61.35
C VAL C 182 -41.61 2.93 -61.36
N HIS C 183 -40.50 3.63 -61.07
CA HIS C 183 -39.19 3.00 -60.92
C HIS C 183 -38.43 3.72 -59.81
N THR C 184 -38.26 3.04 -58.67
CA THR C 184 -37.52 3.56 -57.53
C THR C 184 -36.12 2.95 -57.52
N PHE C 185 -35.09 3.82 -57.60
CA PHE C 185 -33.71 3.35 -57.76
C PHE C 185 -33.07 3.05 -56.42
N PRO C 186 -32.15 2.09 -56.36
CA PRO C 186 -31.37 1.87 -55.14
C PRO C 186 -30.66 3.14 -54.70
N ALA C 187 -30.28 3.17 -53.43
CA ALA C 187 -29.62 4.33 -52.87
C ALA C 187 -28.11 4.21 -53.02
N VAL C 188 -27.42 5.33 -52.84
CA VAL C 188 -25.98 5.42 -52.94
C VAL C 188 -25.44 6.04 -51.66
N LEU C 189 -24.30 5.54 -51.19
CA LEU C 189 -23.65 6.07 -50.00
C LEU C 189 -22.91 7.35 -50.37
N GLN C 190 -23.48 8.49 -49.99
CA GLN C 190 -22.76 9.76 -50.13
C GLN C 190 -21.60 9.78 -49.14
N SER C 191 -20.47 10.34 -49.58
CA SER C 191 -19.27 10.35 -48.75
C SER C 191 -19.55 10.83 -47.33
N SER C 192 -20.55 11.69 -47.15
CA SER C 192 -20.89 12.16 -45.82
C SER C 192 -21.24 10.99 -44.90
N GLY C 193 -22.00 10.03 -45.39
CA GLY C 193 -22.41 8.88 -44.60
C GLY C 193 -23.87 8.58 -44.75
N LEU C 194 -24.63 9.51 -45.32
CA LEU C 194 -26.07 9.35 -45.52
C LEU C 194 -26.36 8.85 -46.93
N TYR C 195 -27.40 8.03 -47.03
CA TYR C 195 -27.81 7.48 -48.32
C TYR C 195 -28.75 8.43 -49.03
N SER C 196 -28.96 8.17 -50.32
CA SER C 196 -29.84 9.00 -51.13
C SER C 196 -30.27 8.21 -52.36
N LEU C 197 -31.54 8.35 -52.73
CA LEU C 197 -32.08 7.68 -53.90
C LEU C 197 -33.07 8.60 -54.59
N SER C 198 -33.58 8.15 -55.74
CA SER C 198 -34.61 8.85 -56.48
C SER C 198 -35.73 7.89 -56.84
N SER C 199 -36.94 8.43 -56.92
CA SER C 199 -38.12 7.69 -57.37
C SER C 199 -38.82 8.51 -58.43
N VAL C 200 -39.19 7.85 -59.54
CA VAL C 200 -39.75 8.53 -60.70
C VAL C 200 -40.88 7.68 -61.29
N VAL C 201 -41.72 8.33 -62.09
CA VAL C 201 -42.84 7.68 -62.76
C VAL C 201 -43.16 8.43 -64.04
N THR C 202 -43.55 7.69 -65.08
CA THR C 202 -43.96 8.26 -66.35
C THR C 202 -45.49 8.31 -66.41
N VAL C 203 -46.04 9.50 -66.61
CA VAL C 203 -47.49 9.70 -66.63
C VAL C 203 -47.91 10.50 -67.85
N PRO C 204 -49.11 10.28 -68.39
CA PRO C 204 -49.57 11.07 -69.54
C PRO C 204 -49.51 12.57 -69.27
N SER C 205 -48.90 13.31 -70.20
CA SER C 205 -48.82 14.76 -70.06
C SER C 205 -50.21 15.40 -70.09
N SER C 206 -51.15 14.80 -70.82
CA SER C 206 -52.49 15.37 -70.90
C SER C 206 -53.17 15.35 -69.53
N SER C 207 -52.82 14.40 -68.68
CA SER C 207 -53.36 14.33 -67.33
C SER C 207 -52.56 15.18 -66.34
N LEU C 208 -51.36 15.64 -66.72
CA LEU C 208 -50.59 16.49 -65.84
C LEU C 208 -51.38 17.74 -65.48
N GLY C 209 -51.32 18.12 -64.20
CA GLY C 209 -52.09 19.23 -63.69
C GLY C 209 -53.52 18.88 -63.30
N THR C 210 -54.06 17.76 -63.77
CA THR C 210 -55.39 17.31 -63.40
C THR C 210 -55.33 16.32 -62.24
N GLN C 211 -54.55 15.26 -62.38
CA GLN C 211 -54.38 14.27 -61.32
C GLN C 211 -53.25 14.72 -60.41
N THR C 212 -53.56 14.96 -59.14
CA THR C 212 -52.59 15.41 -58.16
C THR C 212 -51.60 14.28 -57.88
N TYR C 213 -50.32 14.53 -58.10
CA TYR C 213 -49.27 13.53 -57.95
C TYR C 213 -48.50 13.76 -56.66
N ILE C 214 -48.45 12.74 -55.80
CA ILE C 214 -47.82 12.82 -54.49
C ILE C 214 -47.03 11.55 -54.24
N CYS C 215 -45.78 11.70 -53.81
CA CYS C 215 -44.95 10.56 -53.42
C CYS C 215 -44.96 10.43 -51.91
N ASN C 216 -45.14 9.21 -51.43
CA ASN C 216 -45.25 8.92 -50.00
C ASN C 216 -44.04 8.10 -49.60
N VAL C 217 -43.16 8.69 -48.82
CA VAL C 217 -41.95 8.03 -48.35
C VAL C 217 -42.11 7.73 -46.86
N ASN C 218 -41.59 6.57 -46.45
CA ASN C 218 -41.63 6.16 -45.05
C ASN C 218 -40.27 5.61 -44.68
N HIS C 219 -39.60 6.27 -43.74
CA HIS C 219 -38.32 5.82 -43.22
C HIS C 219 -38.59 5.34 -41.80
N LYS C 220 -38.90 4.05 -41.67
CA LYS C 220 -39.28 3.51 -40.37
C LYS C 220 -38.16 3.58 -39.34
N PRO C 221 -36.87 3.41 -39.69
CA PRO C 221 -35.84 3.40 -38.64
C PRO C 221 -35.78 4.70 -37.85
N SER C 222 -36.26 5.81 -38.42
CA SER C 222 -36.29 7.08 -37.71
C SER C 222 -37.71 7.58 -37.47
N ASN C 223 -38.71 6.73 -37.70
CA ASN C 223 -40.11 7.08 -37.45
C ASN C 223 -40.49 8.36 -38.20
N THR C 224 -40.18 8.38 -39.50
CA THR C 224 -40.45 9.53 -40.34
C THR C 224 -41.46 9.16 -41.42
N LYS C 225 -42.37 10.10 -41.68
CA LYS C 225 -43.36 9.96 -42.75
C LYS C 225 -43.51 11.31 -43.42
N VAL C 226 -43.39 11.34 -44.75
CA VAL C 226 -43.43 12.58 -45.51
C VAL C 226 -44.14 12.33 -46.83
N ASP C 227 -45.18 13.12 -47.09
CA ASP C 227 -45.83 13.17 -48.39
C ASP C 227 -45.45 14.48 -49.07
N LYS C 228 -45.15 14.41 -50.37
CA LYS C 228 -44.65 15.55 -51.13
C LYS C 228 -45.30 15.56 -52.51
N LYS C 229 -45.97 16.66 -52.84
CA LYS C 229 -46.57 16.84 -54.16
C LYS C 229 -45.56 17.39 -55.15
N VAL C 230 -45.80 17.10 -56.42
CA VAL C 230 -44.95 17.56 -57.50
C VAL C 230 -45.75 18.32 -58.56
N ASP D 2 -1.55 -17.44 -52.50
CA ASP D 2 -2.97 -17.68 -52.32
C ASP D 2 -3.63 -18.13 -53.61
N ILE D 3 -4.59 -19.05 -53.48
CA ILE D 3 -5.32 -19.56 -54.63
C ILE D 3 -6.44 -18.59 -54.99
N GLN D 4 -6.71 -18.45 -56.29
CA GLN D 4 -7.73 -17.54 -56.80
C GLN D 4 -8.61 -18.25 -57.82
N MET D 5 -9.92 -18.03 -57.72
CA MET D 5 -10.90 -18.55 -58.67
C MET D 5 -11.40 -17.41 -59.55
N THR D 6 -10.93 -17.37 -60.80
CA THR D 6 -11.31 -16.33 -61.74
C THR D 6 -12.51 -16.79 -62.55
N GLN D 7 -13.66 -16.13 -62.38
CA GLN D 7 -14.91 -16.52 -63.02
C GLN D 7 -15.13 -15.68 -64.27
N SER D 8 -15.60 -16.33 -65.34
CA SER D 8 -15.83 -15.64 -66.61
C SER D 8 -17.00 -16.27 -67.35
N PRO D 9 -17.87 -15.48 -67.98
CA PRO D 9 -17.89 -14.01 -68.04
C PRO D 9 -18.47 -13.37 -66.78
N SER D 10 -18.26 -12.06 -66.62
CA SER D 10 -18.82 -11.37 -65.46
C SER D 10 -20.33 -11.16 -65.60
N SER D 11 -20.78 -10.80 -66.81
CA SER D 11 -22.20 -10.60 -67.08
C SER D 11 -22.52 -11.26 -68.41
N LEU D 12 -23.52 -12.13 -68.40
CA LEU D 12 -23.94 -12.87 -69.57
C LEU D 12 -25.38 -12.52 -69.92
N SER D 13 -25.67 -12.54 -71.22
CA SER D 13 -27.01 -12.26 -71.73
C SER D 13 -27.43 -13.40 -72.64
N ALA D 14 -28.57 -14.02 -72.34
CA ALA D 14 -29.07 -15.13 -73.13
C ALA D 14 -30.59 -15.17 -73.04
N SER D 15 -31.19 -16.03 -73.85
CA SER D 15 -32.64 -16.24 -73.88
C SER D 15 -32.97 -17.68 -73.52
N VAL D 16 -34.27 -17.96 -73.42
CA VAL D 16 -34.72 -19.28 -73.01
C VAL D 16 -34.29 -20.34 -74.01
N GLY D 17 -34.09 -21.56 -73.51
CA GLY D 17 -33.70 -22.69 -74.34
C GLY D 17 -32.23 -22.76 -74.68
N ASP D 18 -31.49 -21.68 -74.48
CA ASP D 18 -30.07 -21.67 -74.83
C ASP D 18 -29.26 -22.62 -73.94
N ARG D 19 -28.19 -23.15 -74.52
CA ARG D 19 -27.20 -23.93 -73.77
C ARG D 19 -26.12 -22.98 -73.27
N VAL D 20 -26.14 -22.69 -71.98
CA VAL D 20 -25.30 -21.65 -71.39
C VAL D 20 -24.11 -22.30 -70.70
N THR D 21 -23.01 -21.56 -70.62
CA THR D 21 -21.77 -22.06 -70.06
C THR D 21 -21.08 -20.96 -69.26
N ILE D 22 -20.64 -21.31 -68.06
CA ILE D 22 -19.85 -20.42 -67.21
C ILE D 22 -18.61 -21.19 -66.76
N THR D 23 -17.50 -20.49 -66.63
CA THR D 23 -16.21 -21.13 -66.39
C THR D 23 -15.45 -20.41 -65.30
N CYS D 24 -14.71 -21.18 -64.49
CA CYS D 24 -13.85 -20.66 -63.45
C CYS D 24 -12.49 -21.36 -63.54
N ARG D 25 -11.43 -20.57 -63.42
CA ARG D 25 -10.06 -21.07 -63.50
C ARG D 25 -9.41 -20.96 -62.13
N ALA D 26 -8.76 -22.04 -61.70
CA ALA D 26 -8.00 -22.04 -60.45
C ALA D 26 -6.55 -21.73 -60.76
N SER D 27 -5.99 -20.75 -60.05
CA SER D 27 -4.62 -20.33 -60.31
C SER D 27 -3.65 -21.49 -60.14
N GLN D 28 -3.65 -22.11 -58.97
CA GLN D 28 -2.82 -23.28 -58.72
C GLN D 28 -3.58 -24.55 -59.06
N SER D 29 -2.85 -25.64 -59.25
CA SER D 29 -3.48 -26.92 -59.50
C SER D 29 -4.29 -27.34 -58.28
N VAL D 30 -5.60 -27.44 -58.46
CA VAL D 30 -6.53 -27.72 -57.37
C VAL D 30 -7.23 -29.03 -57.65
N SER D 31 -7.50 -29.79 -56.58
CA SER D 31 -8.24 -31.04 -56.69
C SER D 31 -9.73 -30.77 -56.86
N SER D 32 -10.49 -31.84 -57.11
CA SER D 32 -11.91 -31.72 -57.40
C SER D 32 -12.67 -31.52 -56.08
N ALA D 33 -12.57 -30.30 -55.56
CA ALA D 33 -13.28 -29.87 -54.37
C ALA D 33 -13.90 -28.50 -54.62
N VAL D 34 -14.55 -28.39 -55.77
CA VAL D 34 -15.16 -27.14 -56.24
C VAL D 34 -16.67 -27.31 -56.19
N ALA D 35 -17.36 -26.19 -56.03
CA ALA D 35 -18.82 -26.21 -55.94
C ALA D 35 -19.38 -25.06 -56.76
N TRP D 36 -20.69 -25.09 -56.97
CA TRP D 36 -21.40 -24.09 -57.74
C TRP D 36 -22.67 -23.70 -56.99
N TYR D 37 -23.04 -22.43 -57.08
CA TYR D 37 -24.18 -21.91 -56.34
C TYR D 37 -25.01 -21.00 -57.22
N GLN D 38 -26.31 -20.97 -56.93
CA GLN D 38 -27.24 -20.04 -57.55
C GLN D 38 -27.77 -19.11 -56.46
N GLN D 39 -27.68 -17.80 -56.70
CA GLN D 39 -28.14 -16.80 -55.76
C GLN D 39 -29.08 -15.85 -56.50
N LYS D 40 -30.35 -15.90 -56.15
CA LYS D 40 -31.30 -14.97 -56.74
C LYS D 40 -31.27 -13.66 -55.96
N PRO D 41 -31.64 -12.54 -56.58
CA PRO D 41 -31.44 -11.23 -55.94
C PRO D 41 -32.00 -11.15 -54.54
N GLY D 42 -31.11 -10.92 -53.57
CA GLY D 42 -31.49 -10.74 -52.18
C GLY D 42 -31.72 -12.01 -51.40
N LYS D 43 -31.99 -13.13 -52.06
CA LYS D 43 -32.25 -14.37 -51.37
C LYS D 43 -30.93 -15.06 -51.01
N ALA D 44 -31.04 -16.22 -50.46
CA ALA D 44 -29.82 -16.89 -50.04
C ALA D 44 -29.25 -17.72 -51.20
N PRO D 45 -27.95 -17.94 -51.21
CA PRO D 45 -27.36 -18.79 -52.25
C PRO D 45 -27.74 -20.25 -52.04
N LYS D 46 -28.02 -20.94 -53.14
CA LYS D 46 -28.41 -22.34 -53.13
C LYS D 46 -27.37 -23.17 -53.88
N LEU D 47 -27.17 -24.40 -53.43
CA LEU D 47 -26.14 -25.28 -53.95
C LEU D 47 -26.66 -26.03 -55.16
N LEU D 48 -25.90 -25.95 -56.26
CA LEU D 48 -26.24 -26.62 -57.51
C LEU D 48 -25.41 -27.88 -57.73
N ILE D 49 -24.09 -27.77 -57.69
CA ILE D 49 -23.18 -28.88 -57.95
C ILE D 49 -22.14 -28.94 -56.85
N TYR D 50 -21.79 -30.15 -56.42
CA TYR D 50 -20.74 -30.35 -55.43
C TYR D 50 -19.74 -31.37 -55.97
N SER D 51 -18.52 -31.31 -55.44
CA SER D 51 -17.45 -32.19 -55.87
C SER D 51 -17.29 -32.14 -57.40
N ALA D 52 -17.37 -30.92 -57.94
CA ALA D 52 -17.06 -30.66 -59.34
C ALA D 52 -18.17 -31.09 -60.30
N SER D 53 -18.53 -32.36 -60.31
CA SER D 53 -19.50 -32.88 -61.28
C SER D 53 -20.64 -33.67 -60.66
N SER D 54 -20.81 -33.64 -59.34
CA SER D 54 -21.91 -34.35 -58.70
C SER D 54 -23.04 -33.38 -58.44
N LEU D 55 -24.26 -33.80 -58.77
CA LEU D 55 -25.43 -32.94 -58.69
C LEU D 55 -26.01 -33.02 -57.28
N TYR D 56 -26.31 -31.85 -56.71
CA TYR D 56 -26.91 -31.82 -55.38
C TYR D 56 -28.35 -32.30 -55.45
N SER D 57 -28.72 -33.18 -54.51
CA SER D 57 -30.05 -33.77 -54.52
C SER D 57 -31.10 -32.67 -54.56
N GLY D 58 -32.01 -32.78 -55.53
CA GLY D 58 -33.08 -31.82 -55.70
C GLY D 58 -32.85 -30.82 -56.81
N VAL D 59 -31.62 -30.70 -57.30
CA VAL D 59 -31.30 -29.76 -58.38
C VAL D 59 -31.82 -30.33 -59.70
N PRO D 60 -32.35 -29.50 -60.60
CA PRO D 60 -32.80 -30.03 -61.89
C PRO D 60 -31.68 -30.71 -62.65
N SER D 61 -32.07 -31.65 -63.52
CA SER D 61 -31.10 -32.43 -64.29
C SER D 61 -30.43 -31.64 -65.40
N ARG D 62 -30.94 -30.46 -65.76
CA ARG D 62 -30.32 -29.68 -66.82
C ARG D 62 -29.01 -29.03 -66.40
N PHE D 63 -28.67 -29.07 -65.12
CA PHE D 63 -27.39 -28.56 -64.64
C PHE D 63 -26.36 -29.70 -64.64
N SER D 64 -25.12 -29.36 -64.99
CA SER D 64 -24.06 -30.34 -65.02
C SER D 64 -22.72 -29.62 -64.88
N GLY D 65 -21.83 -30.19 -64.08
CA GLY D 65 -20.50 -29.66 -63.86
C GLY D 65 -19.44 -30.51 -64.54
N SER D 66 -18.34 -29.87 -64.92
CA SER D 66 -17.26 -30.54 -65.62
C SER D 66 -15.97 -29.79 -65.36
N ARG D 67 -14.84 -30.49 -65.52
CA ARG D 67 -13.53 -29.91 -65.31
C ARG D 67 -12.59 -30.28 -66.45
N SER D 68 -11.63 -29.39 -66.71
CA SER D 68 -10.62 -29.59 -67.75
C SER D 68 -9.37 -28.85 -67.29
N GLY D 69 -8.36 -29.60 -66.90
CA GLY D 69 -7.16 -28.99 -66.32
C GLY D 69 -7.48 -28.31 -65.00
N THR D 70 -7.25 -27.00 -64.93
CA THR D 70 -7.60 -26.19 -63.76
C THR D 70 -8.82 -25.32 -64.03
N ASP D 71 -9.56 -25.59 -65.09
CA ASP D 71 -10.72 -24.81 -65.48
C ASP D 71 -11.98 -25.62 -65.17
N PHE D 72 -12.82 -25.09 -64.30
CA PHE D 72 -14.10 -25.72 -63.96
C PHE D 72 -15.24 -24.98 -64.67
N THR D 73 -16.26 -25.75 -65.04
CA THR D 73 -17.31 -25.24 -65.92
C THR D 73 -18.68 -25.74 -65.50
N LEU D 74 -19.61 -24.81 -65.34
CA LEU D 74 -21.02 -25.11 -65.13
C LEU D 74 -21.76 -25.09 -66.46
N THR D 75 -22.61 -26.09 -66.68
CA THR D 75 -23.28 -26.26 -67.96
C THR D 75 -24.77 -26.49 -67.74
N ILE D 76 -25.59 -25.66 -68.37
CA ILE D 76 -27.05 -25.81 -68.37
C ILE D 76 -27.47 -26.22 -69.78
N SER D 77 -28.05 -27.41 -69.88
CA SER D 77 -28.39 -27.95 -71.21
C SER D 77 -29.46 -27.11 -71.90
N SER D 78 -30.52 -26.75 -71.19
CA SER D 78 -31.62 -25.96 -71.76
C SER D 78 -32.06 -24.92 -70.73
N LEU D 79 -31.68 -23.66 -70.97
CA LEU D 79 -32.00 -22.60 -70.03
C LEU D 79 -33.51 -22.44 -69.87
N GLN D 80 -33.93 -22.14 -68.65
CA GLN D 80 -35.33 -21.91 -68.32
C GLN D 80 -35.51 -20.51 -67.72
N PRO D 81 -36.74 -19.99 -67.72
CA PRO D 81 -36.95 -18.64 -67.17
C PRO D 81 -36.54 -18.48 -65.72
N GLU D 82 -36.69 -19.50 -64.89
CA GLU D 82 -36.37 -19.40 -63.47
C GLU D 82 -34.88 -19.43 -63.17
N ASP D 83 -34.03 -19.65 -64.18
CA ASP D 83 -32.59 -19.73 -64.01
C ASP D 83 -31.88 -18.42 -64.29
N PHE D 84 -32.63 -17.33 -64.51
CA PHE D 84 -32.03 -16.02 -64.80
C PHE D 84 -31.65 -15.36 -63.49
N ALA D 85 -30.49 -15.75 -62.96
CA ALA D 85 -29.99 -15.23 -61.70
C ALA D 85 -28.47 -15.22 -61.77
N THR D 86 -27.85 -14.81 -60.66
CA THR D 86 -26.39 -14.78 -60.56
C THR D 86 -25.87 -16.12 -60.04
N TYR D 87 -24.71 -16.53 -60.55
CA TYR D 87 -24.07 -17.79 -60.17
C TYR D 87 -22.67 -17.51 -59.66
N TYR D 88 -22.19 -18.42 -58.81
CA TYR D 88 -20.88 -18.30 -58.20
C TYR D 88 -20.21 -19.67 -58.17
N CYS D 89 -18.89 -19.67 -58.36
CA CYS D 89 -18.07 -20.86 -58.23
C CYS D 89 -17.22 -20.75 -56.96
N GLN D 90 -16.99 -21.89 -56.33
CA GLN D 90 -16.33 -21.93 -55.03
C GLN D 90 -15.34 -23.08 -54.97
N GLN D 91 -14.13 -22.79 -54.55
CA GLN D 91 -13.11 -23.80 -54.32
C GLN D 91 -12.88 -23.93 -52.83
N SER D 92 -12.54 -25.13 -52.39
CA SER D 92 -12.19 -25.41 -51.01
C SER D 92 -10.80 -26.01 -51.01
N SER D 93 -9.80 -25.17 -50.74
CA SER D 93 -8.43 -25.63 -50.58
C SER D 93 -8.16 -25.83 -49.10
N SER D 94 -6.90 -26.06 -48.76
CA SER D 94 -6.54 -26.31 -47.36
C SER D 94 -6.90 -25.14 -46.45
N SER D 95 -7.87 -25.36 -45.56
CA SER D 95 -8.27 -24.38 -44.55
C SER D 95 -8.49 -22.99 -45.17
N LEU D 96 -9.21 -22.97 -46.28
CA LEU D 96 -9.50 -21.73 -47.00
C LEU D 96 -10.60 -22.02 -48.01
N ILE D 97 -11.52 -21.05 -48.16
CA ILE D 97 -12.56 -21.10 -49.17
C ILE D 97 -12.59 -19.78 -49.92
N THR D 98 -12.68 -19.84 -51.24
CA THR D 98 -12.73 -18.64 -52.08
C THR D 98 -13.78 -18.80 -53.15
N PHE D 99 -14.46 -17.69 -53.47
CA PHE D 99 -15.54 -17.66 -54.45
C PHE D 99 -15.13 -16.90 -55.69
N GLY D 100 -15.76 -17.23 -56.81
CA GLY D 100 -15.57 -16.45 -58.01
C GLY D 100 -16.27 -15.11 -57.90
N GLN D 101 -15.96 -14.23 -58.85
CA GLN D 101 -16.55 -12.90 -58.84
C GLN D 101 -18.05 -12.94 -59.10
N GLY D 102 -18.57 -14.03 -59.65
CA GLY D 102 -19.97 -14.18 -59.92
C GLY D 102 -20.31 -13.93 -61.38
N THR D 103 -21.44 -14.48 -61.81
CA THR D 103 -21.89 -14.35 -63.20
C THR D 103 -23.38 -14.11 -63.22
N LYS D 104 -23.79 -12.97 -63.74
CA LYS D 104 -25.20 -12.61 -63.85
C LYS D 104 -25.72 -13.03 -65.21
N VAL D 105 -26.86 -13.71 -65.20
CA VAL D 105 -27.50 -14.22 -66.42
C VAL D 105 -28.70 -13.32 -66.72
N GLU D 106 -28.51 -12.35 -67.60
CA GLU D 106 -29.57 -11.42 -67.96
C GLU D 106 -30.37 -11.96 -69.15
N ILE D 107 -31.67 -11.70 -69.14
CA ILE D 107 -32.53 -12.11 -70.24
C ILE D 107 -32.21 -11.24 -71.45
N LYS D 108 -32.00 -11.85 -72.61
CA LYS D 108 -31.68 -11.09 -73.81
C LYS D 108 -32.96 -10.64 -74.49
N ARG D 109 -32.90 -9.46 -75.10
CA ARG D 109 -34.01 -8.93 -75.87
C ARG D 109 -33.45 -7.99 -76.93
N THR D 110 -34.35 -7.40 -77.71
CA THR D 110 -33.94 -6.42 -78.70
C THR D 110 -33.50 -5.12 -78.03
N VAL D 111 -32.82 -4.29 -78.82
CA VAL D 111 -32.27 -3.03 -78.32
C VAL D 111 -33.40 -2.02 -78.15
N ALA D 112 -33.21 -1.09 -77.21
CA ALA D 112 -34.17 -0.03 -76.95
C ALA D 112 -33.40 1.25 -76.65
N ALA D 113 -33.91 2.37 -77.15
CA ALA D 113 -33.20 3.63 -76.93
C ALA D 113 -33.72 4.30 -75.68
N PRO D 114 -32.84 4.80 -74.80
CA PRO D 114 -33.33 5.41 -73.56
C PRO D 114 -33.94 6.78 -73.81
N SER D 115 -35.13 6.99 -73.28
CA SER D 115 -35.77 8.31 -73.31
C SER D 115 -35.26 9.11 -72.12
N VAL D 116 -34.45 10.13 -72.39
CA VAL D 116 -33.72 10.85 -71.35
C VAL D 116 -34.50 12.11 -70.98
N PHE D 117 -34.51 12.43 -69.68
CA PHE D 117 -35.10 13.67 -69.19
C PHE D 117 -34.23 14.19 -68.06
N ILE D 118 -33.72 15.42 -68.22
CA ILE D 118 -32.94 16.10 -67.20
C ILE D 118 -33.86 16.88 -66.27
N PHE D 119 -33.43 17.02 -65.01
CA PHE D 119 -34.20 17.73 -63.98
C PHE D 119 -33.28 18.63 -63.16
N PRO D 120 -33.69 19.85 -62.86
CA PRO D 120 -32.83 20.75 -62.11
C PRO D 120 -32.97 20.52 -60.62
N PRO D 121 -32.11 21.11 -59.80
CA PRO D 121 -32.32 21.07 -58.36
C PRO D 121 -33.52 21.90 -57.97
N SER D 122 -34.23 21.44 -56.94
CA SER D 122 -35.47 22.07 -56.55
C SER D 122 -35.19 23.31 -55.70
N ASP D 123 -36.18 24.19 -55.64
CA ASP D 123 -36.09 25.35 -54.76
C ASP D 123 -35.80 24.92 -53.33
N SER D 124 -36.46 23.85 -52.87
CA SER D 124 -36.27 23.39 -51.50
C SER D 124 -34.83 22.97 -51.25
N GLN D 125 -34.19 22.32 -52.21
CA GLN D 125 -32.81 21.87 -52.02
C GLN D 125 -31.84 23.05 -51.98
N LEU D 126 -32.01 24.03 -52.87
CA LEU D 126 -31.19 25.24 -52.82
C LEU D 126 -31.30 25.93 -51.47
N LYS D 127 -32.46 25.85 -50.82
CA LYS D 127 -32.62 26.41 -49.48
C LYS D 127 -31.66 25.75 -48.49
N SER D 128 -31.41 24.44 -48.66
CA SER D 128 -30.52 23.74 -47.74
C SER D 128 -29.06 24.09 -47.98
N GLY D 129 -28.69 24.46 -49.20
CA GLY D 129 -27.32 24.82 -49.53
C GLY D 129 -26.62 23.85 -50.46
N THR D 130 -27.33 22.90 -51.05
CA THR D 130 -26.76 21.94 -51.98
C THR D 130 -27.54 21.99 -53.29
N ALA D 131 -26.97 21.40 -54.33
CA ALA D 131 -27.57 21.39 -55.66
C ALA D 131 -27.30 20.04 -56.31
N SER D 132 -28.37 19.30 -56.59
CA SER D 132 -28.27 17.98 -57.23
C SER D 132 -29.03 18.00 -58.55
N VAL D 133 -28.32 17.64 -59.63
CA VAL D 133 -28.90 17.50 -60.96
C VAL D 133 -29.15 16.03 -61.24
N VAL D 134 -30.30 15.73 -61.84
CA VAL D 134 -30.75 14.36 -62.09
C VAL D 134 -30.88 14.15 -63.58
N CYS D 135 -30.36 13.02 -64.08
CA CYS D 135 -30.46 12.67 -65.50
C CYS D 135 -31.01 11.25 -65.60
N LEU D 136 -32.20 11.10 -66.17
CA LEU D 136 -32.86 9.81 -66.30
C LEU D 136 -32.53 9.12 -67.61
N LEU D 137 -32.28 7.82 -67.53
CA LEU D 137 -32.25 6.91 -68.69
C LEU D 137 -33.27 5.81 -68.43
N ASN D 138 -34.36 5.80 -69.19
CA ASN D 138 -35.53 4.98 -68.88
C ASN D 138 -35.69 3.87 -69.90
N ASN D 139 -35.91 2.65 -69.39
CA ASN D 139 -36.37 1.51 -70.19
C ASN D 139 -35.53 1.33 -71.46
N PHE D 140 -34.25 1.02 -71.26
CA PHE D 140 -33.35 0.75 -72.37
C PHE D 140 -32.76 -0.64 -72.23
N TYR D 141 -32.03 -1.04 -73.27
CA TYR D 141 -31.29 -2.31 -73.27
C TYR D 141 -30.16 -2.16 -74.26
N PRO D 142 -28.96 -2.67 -73.97
CA PRO D 142 -28.51 -3.43 -72.80
C PRO D 142 -28.03 -2.58 -71.63
N ARG D 143 -27.54 -3.28 -70.58
CA ARG D 143 -27.08 -2.59 -69.38
C ARG D 143 -25.97 -1.59 -69.67
N GLU D 144 -25.15 -1.85 -70.68
CA GLU D 144 -23.96 -1.03 -70.90
C GLU D 144 -24.36 0.35 -71.41
N ALA D 145 -23.88 1.39 -70.72
CA ALA D 145 -24.09 2.76 -71.16
C ALA D 145 -23.09 3.66 -70.43
N LYS D 146 -22.90 4.87 -70.98
CA LYS D 146 -21.97 5.83 -70.43
C LYS D 146 -22.56 7.23 -70.48
N VAL D 147 -22.60 7.90 -69.33
CA VAL D 147 -23.14 9.25 -69.19
C VAL D 147 -22.01 10.18 -68.78
N GLN D 148 -22.02 11.39 -69.32
CA GLN D 148 -21.02 12.41 -69.00
C GLN D 148 -21.72 13.72 -68.68
N TRP D 149 -21.10 14.52 -67.82
CA TRP D 149 -21.67 15.77 -67.36
C TRP D 149 -20.87 16.96 -67.91
N LYS D 150 -21.59 17.99 -68.32
CA LYS D 150 -21.00 19.22 -68.85
C LYS D 150 -21.55 20.41 -68.08
N VAL D 151 -20.67 21.16 -67.43
CA VAL D 151 -21.03 22.43 -66.79
C VAL D 151 -20.48 23.53 -67.69
N ASP D 152 -21.37 24.21 -68.41
CA ASP D 152 -20.97 25.18 -69.44
C ASP D 152 -20.04 24.52 -70.45
N ASN D 153 -20.39 23.29 -70.84
CA ASN D 153 -19.62 22.53 -71.82
C ASN D 153 -18.22 22.20 -71.29
N ALA D 154 -18.14 21.89 -70.01
CA ALA D 154 -16.89 21.53 -69.33
C ALA D 154 -17.08 20.19 -68.64
N LEU D 155 -16.22 19.23 -68.96
CA LEU D 155 -16.33 17.89 -68.40
C LEU D 155 -16.23 17.92 -66.87
N GLN D 156 -17.00 17.03 -66.23
CA GLN D 156 -16.95 16.85 -64.79
C GLN D 156 -16.82 15.38 -64.45
N SER D 157 -15.96 15.08 -63.47
CA SER D 157 -15.79 13.72 -62.99
C SER D 157 -15.40 13.78 -61.52
N GLY D 158 -15.64 12.68 -60.81
CA GLY D 158 -15.30 12.60 -59.40
C GLY D 158 -16.27 13.30 -58.48
N ASN D 159 -17.35 13.87 -59.00
CA ASN D 159 -18.34 14.57 -58.19
C ASN D 159 -19.76 14.10 -58.41
N SER D 160 -19.98 13.14 -59.29
CA SER D 160 -21.31 12.63 -59.59
C SER D 160 -21.32 11.11 -59.46
N GLN D 161 -22.51 10.55 -59.27
CA GLN D 161 -22.69 9.12 -59.13
C GLN D 161 -23.99 8.71 -59.81
N GLU D 162 -24.16 7.41 -59.99
CA GLU D 162 -25.32 6.87 -60.69
C GLU D 162 -25.66 5.49 -60.13
N SER D 163 -26.88 5.04 -60.43
CA SER D 163 -27.32 3.70 -60.06
C SER D 163 -28.29 3.21 -61.12
N VAL D 164 -28.35 1.89 -61.28
CA VAL D 164 -29.12 1.27 -62.35
C VAL D 164 -30.09 0.24 -61.76
N THR D 165 -31.31 0.21 -62.32
CA THR D 165 -32.27 -0.78 -61.91
C THR D 165 -31.91 -2.15 -62.48
N GLU D 166 -32.44 -3.19 -61.85
CA GLU D 166 -32.33 -4.54 -62.38
C GLU D 166 -33.30 -4.72 -63.54
N GLN D 167 -33.02 -5.70 -64.38
CA GLN D 167 -33.83 -5.92 -65.56
C GLN D 167 -35.30 -6.05 -65.24
N ASP D 168 -36.11 -5.14 -65.77
CA ASP D 168 -37.53 -5.13 -65.47
C ASP D 168 -38.16 -6.44 -65.91
N SER D 169 -39.29 -6.78 -65.28
CA SER D 169 -39.95 -8.06 -65.54
C SER D 169 -40.87 -8.03 -66.75
N LYS D 170 -41.42 -6.87 -67.10
CA LYS D 170 -42.42 -6.80 -68.17
C LYS D 170 -41.78 -6.67 -69.55
N ASP D 171 -40.84 -5.74 -69.71
CA ASP D 171 -40.20 -5.48 -70.99
C ASP D 171 -38.73 -5.87 -71.00
N SER D 172 -38.17 -6.24 -69.85
CA SER D 172 -36.77 -6.63 -69.75
C SER D 172 -35.82 -5.47 -70.05
N THR D 173 -36.18 -4.28 -69.57
CA THR D 173 -35.37 -3.09 -69.77
C THR D 173 -34.87 -2.56 -68.42
N TYR D 174 -33.80 -1.79 -68.48
CA TYR D 174 -33.15 -1.20 -67.31
C TYR D 174 -33.43 0.30 -67.25
N SER D 175 -33.04 0.91 -66.13
CA SER D 175 -33.14 2.34 -65.96
C SER D 175 -31.98 2.81 -65.11
N LEU D 176 -31.54 4.06 -65.34
CA LEU D 176 -30.38 4.63 -64.68
C LEU D 176 -30.68 6.04 -64.19
N SER D 177 -30.21 6.34 -62.97
CA SER D 177 -30.34 7.67 -62.38
C SER D 177 -28.94 8.20 -62.07
N SER D 178 -28.58 9.32 -62.69
CA SER D 178 -27.27 9.94 -62.52
C SER D 178 -27.42 11.22 -61.69
N THR D 179 -26.59 11.38 -60.66
CA THR D 179 -26.67 12.50 -59.74
C THR D 179 -25.35 13.26 -59.75
N LEU D 180 -25.42 14.55 -60.07
CA LEU D 180 -24.28 15.46 -60.04
C LEU D 180 -24.46 16.40 -58.85
N THR D 181 -23.68 16.21 -57.79
CA THR D 181 -23.89 16.90 -56.52
C THR D 181 -22.71 17.81 -56.20
N LEU D 182 -22.99 19.08 -55.99
CA LEU D 182 -22.03 20.05 -55.46
C LEU D 182 -22.82 21.20 -54.83
N SER D 183 -22.08 22.17 -54.28
CA SER D 183 -22.71 23.22 -53.49
C SER D 183 -23.56 24.14 -54.36
N LYS D 184 -24.53 24.81 -53.71
CA LYS D 184 -25.29 25.85 -54.39
C LYS D 184 -24.38 26.96 -54.90
N ALA D 185 -23.34 27.30 -54.12
CA ALA D 185 -22.42 28.37 -54.52
C ALA D 185 -21.83 28.07 -55.90
N ASP D 186 -21.39 26.83 -56.10
CA ASP D 186 -20.83 26.46 -57.40
C ASP D 186 -21.92 26.30 -58.45
N TYR D 187 -23.15 25.97 -58.03
CA TYR D 187 -24.26 25.86 -58.98
C TYR D 187 -24.66 27.22 -59.53
N GLU D 188 -24.62 28.26 -58.68
CA GLU D 188 -24.92 29.61 -59.15
C GLU D 188 -23.80 30.23 -59.96
N LYS D 189 -22.63 29.57 -60.04
CA LYS D 189 -21.50 30.06 -60.81
C LYS D 189 -21.53 29.68 -62.28
N HIS D 190 -22.40 28.74 -62.68
CA HIS D 190 -22.52 28.31 -64.06
C HIS D 190 -23.97 28.36 -64.48
N LYS D 191 -24.21 28.59 -65.77
CA LYS D 191 -25.54 28.74 -66.33
C LYS D 191 -26.02 27.50 -67.09
N VAL D 192 -25.19 26.98 -67.99
CA VAL D 192 -25.59 25.88 -68.87
C VAL D 192 -25.23 24.55 -68.20
N TYR D 193 -26.09 23.56 -68.38
CA TYR D 193 -25.88 22.22 -67.82
C TYR D 193 -26.39 21.20 -68.83
N ALA D 194 -25.52 20.25 -69.22
CA ALA D 194 -25.83 19.28 -70.25
C ALA D 194 -25.50 17.87 -69.79
N CYS D 195 -26.41 16.93 -70.05
CA CYS D 195 -26.21 15.52 -69.77
C CYS D 195 -26.16 14.77 -71.10
N GLU D 196 -24.99 14.21 -71.42
CA GLU D 196 -24.79 13.46 -72.65
C GLU D 196 -24.90 11.97 -72.37
N VAL D 197 -25.41 11.23 -73.35
CA VAL D 197 -25.60 9.78 -73.23
C VAL D 197 -25.07 9.11 -74.49
N THR D 198 -24.32 8.03 -74.30
CA THR D 198 -23.87 7.17 -75.39
C THR D 198 -24.39 5.77 -75.15
N HIS D 199 -24.91 5.14 -76.20
CA HIS D 199 -25.56 3.85 -76.04
C HIS D 199 -25.65 3.17 -77.40
N GLN D 200 -25.56 1.85 -77.39
CA GLN D 200 -25.68 1.08 -78.63
C GLN D 200 -27.01 1.33 -79.33
N GLY D 201 -28.07 1.62 -78.55
CA GLY D 201 -29.37 1.88 -79.14
C GLY D 201 -29.53 3.26 -79.74
N LEU D 202 -28.67 4.21 -79.38
CA LEU D 202 -28.72 5.55 -79.94
C LEU D 202 -28.02 5.57 -81.29
N SER D 203 -28.72 6.04 -82.32
CA SER D 203 -28.09 6.20 -83.62
C SER D 203 -26.82 7.02 -83.49
N SER D 204 -26.88 8.11 -82.74
CA SER D 204 -25.73 8.93 -82.41
C SER D 204 -25.92 9.43 -80.99
N PRO D 205 -24.83 9.80 -80.30
CA PRO D 205 -24.97 10.32 -78.93
C PRO D 205 -25.99 11.45 -78.90
N VAL D 206 -26.76 11.51 -77.81
CA VAL D 206 -27.81 12.50 -77.65
C VAL D 206 -27.60 13.22 -76.33
N THR D 207 -27.98 14.50 -76.31
CA THR D 207 -27.80 15.34 -75.13
C THR D 207 -29.03 16.21 -74.89
N LYS D 208 -29.38 16.37 -73.62
CA LYS D 208 -30.40 17.32 -73.19
C LYS D 208 -29.81 18.21 -72.09
N SER D 209 -30.28 19.46 -72.04
CA SER D 209 -29.67 20.46 -71.19
C SER D 209 -30.73 21.42 -70.67
N PHE D 210 -30.36 22.18 -69.64
CA PHE D 210 -31.20 23.25 -69.11
C PHE D 210 -30.31 24.41 -68.67
N ASN D 211 -30.91 25.60 -68.64
CA ASN D 211 -30.23 26.81 -68.21
C ASN D 211 -30.84 27.30 -66.91
N ARG D 212 -30.01 27.57 -65.91
CA ARG D 212 -30.49 28.08 -64.63
C ARG D 212 -31.41 29.28 -64.85
N GLY D 213 -32.67 29.15 -64.42
CA GLY D 213 -33.68 30.14 -64.66
C GLY D 213 -34.55 29.86 -65.86
N GLU D 214 -34.17 28.90 -66.70
CA GLU D 214 -34.97 28.52 -67.86
C GLU D 214 -35.20 29.72 -68.78
N GLU E 4 33.37 31.08 43.64
CA GLU E 4 33.33 30.23 42.45
C GLU E 4 32.20 30.65 41.51
N VAL E 5 31.24 31.40 42.05
CA VAL E 5 30.07 31.86 41.31
C VAL E 5 30.20 33.36 41.08
N GLN E 6 29.98 33.80 39.85
CA GLN E 6 30.20 35.20 39.50
C GLN E 6 29.38 35.57 38.27
N LEU E 7 29.23 36.88 38.06
CA LEU E 7 28.59 37.43 36.88
C LEU E 7 29.51 38.44 36.22
N VAL E 8 29.69 38.33 34.91
CA VAL E 8 30.60 39.18 34.15
C VAL E 8 29.79 39.96 33.12
N GLU E 9 29.89 41.29 33.17
CA GLU E 9 29.22 42.16 32.22
C GLU E 9 30.19 42.58 31.11
N SER E 10 29.67 42.64 29.88
CA SER E 10 30.45 43.10 28.74
C SER E 10 29.50 43.68 27.70
N GLY E 11 30.08 44.26 26.66
CA GLY E 11 29.30 44.88 25.62
C GLY E 11 28.90 46.31 25.91
N GLY E 12 29.66 47.01 26.73
CA GLY E 12 29.34 48.38 27.09
C GLY E 12 29.98 49.39 26.17
N GLY E 13 30.62 50.41 26.76
CA GLY E 13 31.27 51.45 25.99
C GLY E 13 30.32 52.58 25.64
N LEU E 14 30.88 53.56 24.93
CA LEU E 14 30.12 54.73 24.54
C LEU E 14 29.32 54.47 23.27
N VAL E 15 28.31 55.32 23.04
CA VAL E 15 27.40 55.15 21.91
C VAL E 15 26.83 56.52 21.58
N GLN E 16 26.36 56.66 20.35
CA GLN E 16 25.72 57.90 19.93
C GLN E 16 24.27 57.93 20.40
N PRO E 17 23.75 59.10 20.78
CA PRO E 17 22.32 59.18 21.09
C PRO E 17 21.50 58.64 19.92
N GLY E 18 20.37 58.02 20.25
CA GLY E 18 19.58 57.34 19.25
C GLY E 18 20.20 56.08 18.68
N GLY E 19 21.37 55.69 19.15
CA GLY E 19 22.05 54.50 18.66
C GLY E 19 21.58 53.25 19.37
N SER E 20 22.43 52.23 19.33
CA SER E 20 22.08 50.95 19.93
C SER E 20 23.33 50.31 20.51
N LEU E 21 23.12 49.49 21.54
CA LEU E 21 24.18 48.71 22.15
C LEU E 21 23.59 47.37 22.58
N ARG E 22 24.48 46.47 23.02
CA ARG E 22 24.05 45.20 23.58
C ARG E 22 25.04 44.82 24.67
N LEU E 23 24.55 44.68 25.90
CA LEU E 23 25.37 44.27 27.02
C LEU E 23 25.27 42.75 27.17
N SER E 24 26.34 42.16 27.67
CA SER E 24 26.43 40.71 27.84
C SER E 24 26.77 40.39 29.28
N CYS E 25 25.92 39.60 29.93
CA CYS E 25 26.08 39.19 31.32
C CYS E 25 26.38 37.69 31.36
N ALA E 26 27.66 37.35 31.46
CA ALA E 26 28.11 35.96 31.44
C ALA E 26 28.07 35.39 32.85
N ALA E 27 27.35 34.28 33.02
CA ALA E 27 27.12 33.66 34.31
C ALA E 27 27.84 32.33 34.43
N SER E 28 28.24 31.98 35.65
CA SER E 28 28.90 30.72 35.92
C SER E 28 28.75 30.38 37.40
N GLY E 29 28.41 29.12 37.70
CA GLY E 29 28.35 28.62 39.06
C GLY E 29 26.95 28.34 39.58
N PHE E 30 25.92 28.89 38.95
CA PHE E 30 24.54 28.63 39.32
C PHE E 30 23.74 28.26 38.08
N ASN E 31 22.78 27.36 38.24
CA ASN E 31 21.98 26.89 37.11
C ASN E 31 21.18 28.03 36.49
N PHE E 32 21.56 28.41 35.27
CA PHE E 32 20.95 29.54 34.58
C PHE E 32 19.47 29.32 34.32
N SER E 33 19.00 28.07 34.33
CA SER E 33 17.60 27.80 34.03
C SER E 33 16.68 28.23 35.18
N SER E 34 17.07 27.97 36.42
CA SER E 34 16.23 28.23 37.57
C SER E 34 16.41 29.63 38.14
N SER E 35 17.22 30.47 37.50
CA SER E 35 17.51 31.80 37.99
C SER E 35 16.77 32.86 37.18
N SER E 36 16.22 33.85 37.86
CA SER E 36 15.66 35.03 37.22
C SER E 36 16.75 36.08 37.09
N ILE E 37 16.84 36.72 35.92
CA ILE E 37 17.89 37.68 35.62
C ILE E 37 17.30 39.07 35.51
N HIS E 38 18.01 40.04 36.10
CA HIS E 38 17.57 41.43 36.14
C HIS E 38 18.73 42.33 35.69
N TRP E 39 18.38 43.55 35.28
CA TRP E 39 19.36 44.59 34.99
C TRP E 39 18.99 45.84 35.80
N VAL E 40 20.00 46.47 36.41
CA VAL E 40 19.80 47.61 37.28
C VAL E 40 20.89 48.64 37.00
N ARG E 41 20.51 49.78 36.44
CA ARG E 41 21.44 50.85 36.10
C ARG E 41 21.51 51.89 37.21
N GLN E 42 22.57 52.69 37.18
CA GLN E 42 22.80 53.73 38.17
C GLN E 42 23.66 54.81 37.53
N ALA E 43 23.08 55.99 37.30
CA ALA E 43 23.85 57.09 36.75
C ALA E 43 24.81 57.61 37.81
N PRO E 44 25.78 58.44 37.42
CA PRO E 44 26.75 58.94 38.40
C PRO E 44 26.06 59.80 39.46
N GLY E 45 26.31 59.47 40.72
CA GLY E 45 25.71 60.21 41.82
C GLY E 45 24.24 59.99 42.00
N LYS E 46 23.64 59.05 41.27
CA LYS E 46 22.22 58.75 41.34
C LYS E 46 22.01 57.39 41.99
N GLY E 47 20.74 57.03 42.18
CA GLY E 47 20.38 55.79 42.83
C GLY E 47 20.18 54.64 41.86
N LEU E 48 19.74 53.51 42.41
CA LEU E 48 19.54 52.29 41.65
C LEU E 48 18.18 52.33 40.95
N GLU E 49 18.17 52.01 39.66
CA GLU E 49 16.95 51.98 38.86
C GLU E 49 16.81 50.60 38.21
N TRP E 50 15.72 49.90 38.55
CA TRP E 50 15.41 48.64 37.88
C TRP E 50 14.90 48.91 36.46
N VAL E 51 15.46 48.20 35.49
CA VAL E 51 15.13 48.42 34.10
C VAL E 51 14.57 47.18 33.40
N ALA E 52 14.81 45.97 33.91
CA ALA E 52 14.37 44.78 33.18
C ALA E 52 14.41 43.57 34.11
N SER E 53 13.63 42.55 33.76
CA SER E 53 13.59 41.32 34.52
C SER E 53 13.17 40.17 33.60
N ILE E 54 13.58 38.96 33.99
CA ILE E 54 13.30 37.73 33.24
C ILE E 54 12.92 36.66 34.24
N TYR E 55 11.68 36.16 34.17
CA TYR E 55 11.23 35.17 35.14
C TYR E 55 12.07 33.90 35.03
N SER E 56 12.19 33.20 36.17
CA SER E 56 13.23 32.18 36.32
C SER E 56 13.16 31.11 35.24
N TYR E 57 12.05 30.38 35.18
CA TYR E 57 11.99 29.14 34.42
C TYR E 57 11.34 29.27 33.05
N SER E 58 10.88 30.46 32.66
CA SER E 58 10.19 30.63 31.39
C SER E 58 10.73 31.82 30.61
N GLY E 59 10.82 32.98 31.26
CA GLY E 59 11.51 34.10 30.67
C GLY E 59 10.63 35.18 30.10
N TYR E 60 9.50 35.45 30.73
CA TYR E 60 8.67 36.58 30.32
C TYR E 60 9.29 37.89 30.74
N THR E 61 9.34 38.85 29.81
CA THR E 61 10.01 40.11 30.06
C THR E 61 9.11 41.05 30.84
N SER E 62 9.73 42.09 31.40
CA SER E 62 9.01 43.14 32.10
C SER E 62 9.97 44.30 32.26
N TYR E 63 9.56 45.48 31.79
CA TYR E 63 10.45 46.62 31.76
C TYR E 63 9.81 47.80 32.48
N ALA E 64 10.66 48.72 32.95
CA ALA E 64 10.18 49.99 33.46
C ALA E 64 9.77 50.89 32.31
N ASP E 65 8.74 51.70 32.55
CA ASP E 65 8.24 52.58 31.50
C ASP E 65 9.29 53.55 30.97
N SER E 66 10.33 53.83 31.75
CA SER E 66 11.36 54.75 31.28
C SER E 66 12.13 54.19 30.07
N VAL E 67 12.09 52.87 29.87
CA VAL E 67 12.82 52.24 28.78
C VAL E 67 11.94 51.27 27.99
N LYS E 68 10.66 51.15 28.34
CA LYS E 68 9.78 50.19 27.68
C LYS E 68 9.82 50.37 26.17
N GLY E 69 9.85 49.25 25.44
CA GLY E 69 9.86 49.27 24.00
C GLY E 69 11.20 49.56 23.35
N ARG E 70 12.12 50.21 24.05
CA ARG E 70 13.43 50.51 23.50
C ARG E 70 14.43 49.40 23.85
N PHE E 71 14.47 48.98 25.10
CA PHE E 71 15.35 47.92 25.53
C PHE E 71 14.68 46.56 25.34
N THR E 72 15.50 45.52 25.23
CA THR E 72 15.01 44.16 25.14
C THR E 72 16.02 43.26 25.84
N ILE E 73 15.56 42.53 26.86
CA ILE E 73 16.39 41.66 27.68
C ILE E 73 16.14 40.22 27.27
N SER E 74 17.22 39.43 27.19
CA SER E 74 17.13 38.07 26.66
C SER E 74 18.03 37.13 27.46
N ALA E 75 17.75 35.84 27.33
CA ALA E 75 18.47 34.78 28.03
C ALA E 75 18.76 33.63 27.08
N ASP E 76 20.00 33.14 27.09
CA ASP E 76 20.45 32.07 26.21
C ASP E 76 20.86 30.86 27.02
N THR E 77 20.19 29.72 26.80
CA THR E 77 20.51 28.52 27.57
C THR E 77 21.82 27.90 27.12
N SER E 78 22.08 27.88 25.80
CA SER E 78 23.29 27.26 25.29
C SER E 78 24.55 27.97 25.78
N LYS E 79 24.55 29.31 25.73
CA LYS E 79 25.70 30.10 26.16
C LYS E 79 25.67 30.46 27.64
N ASN E 80 24.59 30.14 28.36
CA ASN E 80 24.48 30.45 29.77
C ASN E 80 24.81 31.93 30.00
N THR E 81 24.17 32.80 29.22
CA THR E 81 24.47 34.21 29.23
C THR E 81 23.21 35.00 28.91
N ALA E 82 23.05 36.13 29.58
CA ALA E 82 21.95 37.05 29.33
C ALA E 82 22.46 38.31 28.67
N TYR E 83 21.56 39.00 27.99
CA TYR E 83 21.89 40.20 27.23
C TYR E 83 20.80 41.25 27.42
N LEU E 84 21.18 42.51 27.26
CA LEU E 84 20.26 43.64 27.31
C LEU E 84 20.40 44.43 26.01
N GLN E 85 19.52 44.15 25.05
CA GLN E 85 19.50 44.92 23.81
C GLN E 85 18.88 46.28 24.08
N MET E 86 19.61 47.33 23.71
CA MET E 86 19.21 48.70 23.97
C MET E 86 19.12 49.44 22.64
N ASN E 87 17.97 50.07 22.39
CA ASN E 87 17.74 50.82 21.17
C ASN E 87 17.30 52.23 21.54
N SER E 88 17.37 53.13 20.56
CA SER E 88 16.95 54.52 20.75
C SER E 88 17.54 55.13 22.02
N LEU E 89 18.81 54.83 22.28
CA LEU E 89 19.46 55.31 23.49
C LEU E 89 19.51 56.83 23.52
N ARG E 90 19.16 57.41 24.67
CA ARG E 90 19.24 58.84 24.90
C ARG E 90 20.29 59.15 25.96
N ALA E 91 20.73 60.40 25.99
CA ALA E 91 21.72 60.84 26.96
C ALA E 91 21.31 60.51 28.38
N GLU E 92 20.00 60.47 28.65
CA GLU E 92 19.51 60.16 29.99
C GLU E 92 19.86 58.74 30.42
N ASP E 93 20.05 57.83 29.46
CA ASP E 93 20.39 56.44 29.75
C ASP E 93 21.83 56.24 30.21
N THR E 94 22.64 57.29 30.22
CA THR E 94 24.01 57.18 30.72
C THR E 94 24.04 56.68 32.16
N ALA E 95 24.64 55.52 32.36
CA ALA E 95 24.65 54.89 33.68
C ALA E 95 25.48 53.62 33.63
N VAL E 96 25.87 53.15 34.81
CA VAL E 96 26.58 51.88 34.97
C VAL E 96 25.54 50.79 35.07
N TYR E 97 25.58 49.82 34.16
CA TYR E 97 24.56 48.79 34.07
C TYR E 97 25.05 47.53 34.75
N TYR E 98 24.35 47.11 35.81
CA TYR E 98 24.62 45.88 36.52
C TYR E 98 23.58 44.82 36.16
N CYS E 99 23.98 43.55 36.25
CA CYS E 99 23.06 42.42 36.19
C CYS E 99 23.14 41.62 37.49
N ALA E 100 22.08 40.86 37.77
CA ALA E 100 21.98 40.10 39.01
C ALA E 100 20.88 39.07 38.88
N ARG E 101 20.92 38.05 39.74
CA ARG E 101 19.95 36.95 39.68
C ARG E 101 19.10 36.91 40.94
N SER E 102 17.93 36.26 40.81
CA SER E 102 17.06 35.95 41.94
C SER E 102 16.52 34.52 41.76
N PRO E 103 16.93 33.57 42.60
CA PRO E 103 16.53 32.17 42.36
C PRO E 103 15.03 31.99 42.36
N TRP E 104 14.59 30.85 41.82
CA TRP E 104 13.19 30.47 41.92
C TRP E 104 12.73 30.43 43.37
N ARG E 105 13.66 30.16 44.28
CA ARG E 105 13.36 30.19 45.71
C ARG E 105 12.84 31.56 46.13
N TRP E 106 13.30 32.61 45.46
CA TRP E 106 12.90 33.98 45.76
C TRP E 106 12.01 34.58 44.69
N SER E 107 11.61 33.79 43.68
CA SER E 107 10.81 34.28 42.57
C SER E 107 9.42 33.65 42.66
N GLY E 108 8.43 34.45 43.03
CA GLY E 108 7.06 34.00 43.12
C GLY E 108 6.20 34.73 42.10
N VAL E 109 5.35 33.98 41.42
CA VAL E 109 4.45 34.53 40.39
C VAL E 109 3.03 34.45 40.93
N SER E 110 2.29 35.54 40.81
CA SER E 110 0.92 35.62 41.30
C SER E 110 0.03 36.24 40.23
N ASP E 111 -1.28 36.06 40.41
CA ASP E 111 -2.26 36.68 39.51
C ASP E 111 -2.08 38.19 39.50
N GLY E 112 -1.72 38.73 38.35
CA GLY E 112 -1.51 40.15 38.19
C GLY E 112 -0.06 40.58 38.16
N GLY E 113 0.87 39.64 38.14
CA GLY E 113 2.29 39.94 38.07
C GLY E 113 3.09 39.14 39.09
N PHE E 114 4.40 39.14 38.87
CA PHE E 114 5.34 38.39 39.68
C PHE E 114 6.23 39.32 40.49
N TYR E 115 6.85 38.75 41.53
CA TYR E 115 7.67 39.51 42.46
C TYR E 115 8.94 38.73 42.80
N TYR E 116 10.01 39.46 43.08
CA TYR E 116 11.29 38.88 43.47
C TYR E 116 11.73 39.45 44.81
N LYS E 117 12.08 38.55 45.73
CA LYS E 117 12.32 38.95 47.12
C LYS E 117 13.59 39.78 47.28
N ALA E 118 14.66 39.42 46.56
CA ALA E 118 15.88 40.21 46.61
C ALA E 118 16.84 39.74 45.53
N LEU E 119 17.94 40.48 45.38
CA LEU E 119 18.99 40.20 44.39
C LEU E 119 20.25 39.73 45.13
N ASP E 120 20.55 38.43 45.04
CA ASP E 120 21.68 37.87 45.77
C ASP E 120 23.01 38.12 45.07
N TYR E 121 23.15 37.65 43.83
CA TYR E 121 24.40 37.74 43.09
C TYR E 121 24.38 38.95 42.17
N TRP E 122 25.39 39.81 42.29
CA TRP E 122 25.53 40.98 41.43
C TRP E 122 26.82 40.91 40.62
N GLY E 123 26.84 41.65 39.51
CA GLY E 123 28.00 41.72 38.64
C GLY E 123 28.91 42.90 38.95
N GLN E 124 30.03 42.95 38.21
CA GLN E 124 30.98 44.04 38.36
C GLN E 124 30.40 45.37 37.90
N GLY E 125 29.55 45.34 36.88
CA GLY E 125 28.94 46.55 36.36
C GLY E 125 29.69 47.11 35.16
N THR E 126 29.02 47.16 34.00
CA THR E 126 29.62 47.66 32.77
C THR E 126 29.14 49.09 32.52
N LEU E 127 30.07 49.95 32.14
CA LEU E 127 29.77 51.36 31.93
C LEU E 127 29.12 51.58 30.57
N VAL E 128 28.12 52.46 30.53
CA VAL E 128 27.47 52.88 29.29
C VAL E 128 27.36 54.40 29.28
N THR E 129 28.03 55.05 28.33
CA THR E 129 27.96 56.50 28.15
C THR E 129 27.22 56.82 26.85
N VAL E 130 26.25 57.73 26.94
CA VAL E 130 25.45 58.16 25.79
C VAL E 130 25.57 59.67 25.65
N SER E 131 26.34 60.12 24.65
CA SER E 131 26.55 61.55 24.44
C SER E 131 27.08 61.76 23.03
N SER E 132 26.43 62.66 22.28
CA SER E 132 26.87 62.94 20.91
C SER E 132 28.20 63.67 20.86
N ALA E 133 28.76 64.06 21.99
CA ALA E 133 30.07 64.71 21.99
C ALA E 133 31.15 63.70 21.61
N SER E 134 32.05 64.11 20.73
CA SER E 134 33.12 63.23 20.29
C SER E 134 34.35 63.37 21.19
N THR E 135 35.16 62.32 21.19
CA THR E 135 36.38 62.30 22.00
C THR E 135 37.22 63.54 21.74
N LYS E 136 37.89 64.01 22.78
CA LYS E 136 38.63 65.26 22.72
C LYS E 136 39.56 65.32 23.93
N GLY E 137 40.70 65.97 23.75
CA GLY E 137 41.71 66.04 24.78
C GLY E 137 41.51 67.20 25.73
N PRO E 138 42.13 67.12 26.90
CA PRO E 138 41.95 68.18 27.89
C PRO E 138 42.86 69.37 27.66
N SER E 139 42.37 70.53 28.05
CA SER E 139 43.13 71.78 28.08
C SER E 139 43.43 72.10 29.54
N VAL E 140 44.71 72.27 29.85
CA VAL E 140 45.15 72.47 31.24
C VAL E 140 45.44 73.96 31.41
N PHE E 141 44.76 74.58 32.36
CA PHE E 141 45.00 75.96 32.71
C PHE E 141 45.48 76.05 34.15
N PRO E 142 46.61 76.68 34.43
CA PRO E 142 47.10 76.72 35.82
C PRO E 142 46.30 77.70 36.67
N LEU E 143 46.30 77.44 37.98
CA LEU E 143 45.63 78.29 38.97
C LEU E 143 46.56 78.39 40.17
N ALA E 144 47.36 79.45 40.22
CA ALA E 144 48.33 79.65 41.27
C ALA E 144 47.83 80.68 42.28
N PRO E 145 48.46 80.77 43.45
CA PRO E 145 48.02 81.74 44.45
C PRO E 145 48.73 83.07 44.32
N SER E 146 47.95 84.14 44.16
CA SER E 146 48.47 85.51 44.21
C SER E 146 48.61 85.96 45.68
N SER E 147 49.35 85.17 46.44
CA SER E 147 49.41 85.28 47.88
C SER E 147 50.83 85.48 48.39
N LYS E 148 50.94 86.28 49.44
CA LYS E 148 52.18 86.47 50.20
C LYS E 148 51.89 85.94 51.59
N SER E 149 52.00 84.63 51.76
CA SER E 149 51.66 83.95 53.01
C SER E 149 50.25 84.34 53.47
N THR E 150 49.27 84.14 52.58
CA THR E 150 47.89 84.48 52.90
C THR E 150 47.37 83.63 54.06
N SER E 151 47.38 82.30 53.90
CA SER E 151 46.87 81.39 54.91
C SER E 151 48.04 80.91 55.80
N GLY E 152 48.70 81.89 56.41
CA GLY E 152 49.84 81.61 57.26
C GLY E 152 51.02 81.03 56.52
N GLY E 153 51.40 79.80 56.84
CA GLY E 153 52.55 79.17 56.23
C GLY E 153 52.27 78.32 55.01
N THR E 154 50.99 78.13 54.65
CA THR E 154 50.60 77.26 53.55
C THR E 154 49.81 78.05 52.52
N ALA E 155 50.05 77.74 51.24
CA ALA E 155 49.31 78.32 50.12
C ALA E 155 48.72 77.20 49.28
N ALA E 156 47.83 77.57 48.36
CA ALA E 156 47.08 76.62 47.56
C ALA E 156 47.25 76.91 46.08
N LEU E 157 47.62 75.88 45.31
CA LEU E 157 47.73 75.95 43.86
C LEU E 157 46.95 74.79 43.26
N GLY E 158 46.69 74.88 41.96
CA GLY E 158 45.92 73.83 41.32
C GLY E 158 45.95 73.95 39.81
N CYS E 159 45.30 72.98 39.16
CA CYS E 159 45.22 72.90 37.71
C CYS E 159 43.78 72.60 37.30
N LEU E 160 43.34 73.23 36.22
CA LEU E 160 42.00 73.07 35.68
C LEU E 160 42.06 72.23 34.42
N VAL E 161 41.46 71.05 34.47
CA VAL E 161 41.35 70.16 33.31
C VAL E 161 39.95 70.36 32.72
N LYS E 162 39.89 70.79 31.47
CA LYS E 162 38.66 71.28 30.88
C LYS E 162 38.55 70.84 29.43
N ASP E 163 37.31 70.75 28.95
CA ASP E 163 37.01 70.50 27.54
C ASP E 163 37.60 69.17 27.06
N TYR E 164 37.31 68.10 27.79
CA TYR E 164 37.71 66.76 27.38
C TYR E 164 36.48 65.86 27.36
N PHE E 165 36.60 64.76 26.61
CA PHE E 165 35.56 63.74 26.59
C PHE E 165 36.18 62.45 26.10
N PRO E 166 35.85 61.29 26.71
CA PRO E 166 35.03 61.13 27.91
C PRO E 166 35.86 60.93 29.17
N GLU E 167 35.20 60.85 30.32
CA GLU E 167 35.81 60.42 31.57
C GLU E 167 36.51 59.09 31.31
N PRO E 168 37.63 58.79 32.00
CA PRO E 168 38.29 59.50 33.09
C PRO E 168 39.56 60.26 32.71
N VAL E 169 39.95 61.19 33.58
CA VAL E 169 41.25 61.87 33.51
C VAL E 169 42.00 61.54 34.80
N THR E 170 43.32 61.38 34.67
CA THR E 170 44.19 61.05 35.80
C THR E 170 45.20 62.16 36.01
N VAL E 171 45.40 62.53 37.27
CA VAL E 171 46.27 63.65 37.62
C VAL E 171 47.22 63.24 38.73
N SER E 172 48.44 63.80 38.67
CA SER E 172 49.45 63.62 39.70
C SER E 172 50.30 64.89 39.74
N TRP E 173 50.98 65.08 40.87
CA TRP E 173 51.80 66.27 41.09
C TRP E 173 53.27 65.88 41.22
N ASN E 174 54.12 66.59 40.48
CA ASN E 174 55.55 66.29 40.42
C ASN E 174 55.79 64.80 40.16
N SER E 175 54.95 64.23 39.30
CA SER E 175 55.05 62.82 38.93
C SER E 175 54.97 61.92 40.16
N GLY E 176 54.12 62.29 41.10
CA GLY E 176 53.90 61.51 42.30
C GLY E 176 54.76 61.90 43.48
N ALA E 177 55.65 62.88 43.33
CA ALA E 177 56.45 63.33 44.47
C ALA E 177 55.58 64.06 45.49
N LEU E 178 54.72 64.95 45.02
CA LEU E 178 53.78 65.69 45.88
C LEU E 178 52.50 64.87 46.01
N THR E 179 52.51 63.95 46.97
CA THR E 179 51.39 63.04 47.18
C THR E 179 50.37 63.56 48.18
N SER E 180 50.81 64.07 49.32
CA SER E 180 49.90 64.49 50.37
C SER E 180 49.40 65.91 50.13
N GLY E 181 48.29 66.24 50.77
CA GLY E 181 47.66 67.53 50.63
C GLY E 181 46.84 67.73 49.38
N VAL E 182 46.84 66.78 48.45
CA VAL E 182 46.16 66.97 47.17
C VAL E 182 44.68 66.63 47.31
N HIS E 183 43.84 67.35 46.56
CA HIS E 183 42.41 67.09 46.47
C HIS E 183 41.96 67.34 45.04
N THR E 184 41.65 66.27 44.33
CA THR E 184 41.15 66.35 42.95
C THR E 184 39.64 66.14 42.98
N PHE E 185 38.92 67.13 42.53
CA PHE E 185 37.46 67.13 42.65
C PHE E 185 36.84 66.43 41.45
N PRO E 186 35.69 65.80 41.64
CA PRO E 186 34.97 65.24 40.48
C PRO E 186 34.68 66.30 39.44
N ALA E 187 34.42 65.83 38.23
CA ALA E 187 34.15 66.70 37.10
C ALA E 187 32.66 67.01 37.02
N VAL E 188 32.32 68.02 36.22
CA VAL E 188 30.94 68.42 35.99
C VAL E 188 30.69 68.40 34.50
N LEU E 189 29.52 67.92 34.10
CA LEU E 189 29.15 67.86 32.69
C LEU E 189 28.69 69.24 32.26
N GLN E 190 29.54 69.95 31.53
CA GLN E 190 29.14 71.21 30.93
C GLN E 190 28.09 70.95 29.86
N SER E 191 27.09 71.84 29.79
CA SER E 191 25.97 71.64 28.88
C SER E 191 26.43 71.32 27.47
N SER E 192 27.61 71.80 27.06
CA SER E 192 28.12 71.51 25.74
C SER E 192 28.23 70.00 25.51
N GLY E 193 28.75 69.28 26.51
CA GLY E 193 28.94 67.85 26.38
C GLY E 193 30.30 67.41 26.90
N LEU E 194 31.20 68.35 27.11
CA LEU E 194 32.54 68.07 27.59
C LEU E 194 32.60 68.25 29.10
N TYR E 195 33.41 67.42 29.75
CA TYR E 195 33.57 67.45 31.20
C TYR E 195 34.66 68.45 31.58
N SER E 196 34.69 68.80 32.86
CA SER E 196 35.70 69.73 33.36
C SER E 196 35.81 69.57 34.88
N LEU E 197 37.03 69.60 35.39
CA LEU E 197 37.29 69.45 36.81
C LEU E 197 38.46 70.34 37.21
N SER E 198 38.73 70.38 38.51
CA SER E 198 39.87 71.09 39.08
C SER E 198 40.64 70.18 40.00
N SER E 199 41.96 70.38 40.07
CA SER E 199 42.82 69.66 40.99
C SER E 199 43.67 70.69 41.74
N VAL E 200 43.76 70.52 43.06
CA VAL E 200 44.44 71.48 43.92
C VAL E 200 45.23 70.75 45.00
N VAL E 201 46.18 71.47 45.60
CA VAL E 201 47.02 70.93 46.66
C VAL E 201 47.45 72.07 47.56
N THR E 202 47.55 71.79 48.86
CA THR E 202 48.01 72.77 49.85
C THR E 202 49.49 72.49 50.16
N VAL E 203 50.33 73.50 49.95
CA VAL E 203 51.77 73.38 50.15
C VAL E 203 52.28 74.56 50.96
N PRO E 204 53.36 74.41 51.74
CA PRO E 204 53.89 75.54 52.51
C PRO E 204 54.16 76.73 51.59
N SER E 205 53.64 77.89 51.99
CA SER E 205 53.84 79.11 51.21
C SER E 205 55.31 79.53 51.16
N SER E 206 56.07 79.25 52.21
CA SER E 206 57.48 79.65 52.22
C SER E 206 58.28 78.91 51.16
N SER E 207 57.86 77.71 50.76
CA SER E 207 58.57 76.95 49.74
C SER E 207 58.22 77.35 48.31
N LEU E 208 57.19 78.17 48.10
CA LEU E 208 56.86 78.58 46.74
C LEU E 208 58.08 79.20 46.06
N GLY E 209 58.30 78.82 44.80
CA GLY E 209 59.48 79.23 44.07
C GLY E 209 60.69 78.36 44.32
N THR E 210 60.68 77.56 45.39
CA THR E 210 61.77 76.64 45.69
C THR E 210 61.51 75.26 45.12
N GLN E 211 60.37 74.67 45.49
CA GLN E 211 59.97 73.38 44.94
C GLN E 211 59.14 73.64 43.69
N THR E 212 59.63 73.20 42.54
CA THR E 212 58.91 73.39 41.29
C THR E 212 57.65 72.52 41.30
N TYR E 213 56.49 73.17 41.15
CA TYR E 213 55.21 72.47 41.22
C TYR E 213 54.65 72.30 39.81
N ILE E 214 54.38 71.04 39.45
CA ILE E 214 53.92 70.68 38.12
C ILE E 214 52.83 69.62 38.26
N CYS E 215 51.71 69.83 37.58
CA CYS E 215 50.62 68.87 37.54
C CYS E 215 50.70 68.06 36.26
N ASN E 216 50.57 66.74 36.38
CA ASN E 216 50.69 65.82 35.25
C ASN E 216 49.33 65.19 35.01
N VAL E 217 48.70 65.52 33.89
CA VAL E 217 47.40 64.99 33.53
C VAL E 217 47.59 64.01 32.38
N ASN E 218 46.82 62.92 32.42
CA ASN E 218 46.85 61.91 31.37
C ASN E 218 45.41 61.54 31.06
N HIS E 219 44.99 61.80 29.84
CA HIS E 219 43.65 61.44 29.36
C HIS E 219 43.86 60.29 28.38
N LYS E 220 43.82 59.06 28.91
CA LYS E 220 44.10 57.90 28.08
C LYS E 220 43.09 57.74 26.95
N PRO E 221 41.79 58.03 27.14
CA PRO E 221 40.86 57.82 26.03
C PRO E 221 41.17 58.63 24.79
N SER E 222 41.91 59.74 24.91
CA SER E 222 42.30 60.54 23.76
C SER E 222 43.80 60.55 23.54
N ASN E 223 44.56 59.73 24.24
CA ASN E 223 46.01 59.62 24.06
C ASN E 223 46.67 60.98 24.23
N THR E 224 46.33 61.64 25.33
CA THR E 224 46.85 62.96 25.65
C THR E 224 47.73 62.89 26.90
N LYS E 225 48.83 63.64 26.86
CA LYS E 225 49.73 63.74 27.99
C LYS E 225 50.18 65.19 28.09
N VAL E 226 50.01 65.78 29.27
CA VAL E 226 50.33 67.19 29.48
C VAL E 226 50.88 67.34 30.90
N ASP E 227 52.06 67.93 31.02
CA ASP E 227 52.60 68.39 32.28
C ASP E 227 52.52 69.91 32.30
N LYS E 228 52.12 70.48 33.43
CA LYS E 228 51.84 71.91 33.51
C LYS E 228 52.41 72.43 34.82
N LYS E 229 53.30 73.42 34.72
CA LYS E 229 53.89 74.06 35.90
C LYS E 229 52.99 75.18 36.40
N VAL E 230 53.07 75.44 37.70
CA VAL E 230 52.29 76.51 38.31
C VAL E 230 53.21 77.43 39.11
N ASP F 2 1.44 53.74 40.36
CA ASP F 2 2.62 53.00 40.80
C ASP F 2 2.89 53.22 42.29
N ILE F 3 3.34 52.16 42.95
CA ILE F 3 3.66 52.24 44.38
C ILE F 3 5.05 52.86 44.53
N GLN F 4 5.24 53.60 45.63
CA GLN F 4 6.49 54.31 45.87
C GLN F 4 7.01 53.95 47.26
N MET F 5 8.31 53.71 47.35
CA MET F 5 9.00 53.42 48.61
C MET F 5 9.79 54.67 48.99
N THR F 6 9.28 55.41 49.97
CA THR F 6 9.92 56.63 50.44
C THR F 6 10.86 56.30 51.59
N GLN F 7 12.15 56.51 51.37
CA GLN F 7 13.19 56.17 52.33
C GLN F 7 13.54 57.40 53.16
N SER F 8 13.72 57.19 54.47
CA SER F 8 14.03 58.30 55.36
C SER F 8 14.92 57.80 56.50
N PRO F 9 15.94 58.57 56.91
CA PRO F 9 16.36 59.88 56.39
C PRO F 9 17.19 59.77 55.11
N SER F 10 17.38 60.89 54.42
CA SER F 10 18.20 60.87 53.19
C SER F 10 19.67 60.75 53.50
N SER F 11 20.16 61.48 54.50
CA SER F 11 21.56 61.43 54.92
C SER F 11 21.61 61.38 56.43
N LEU F 12 22.31 60.38 56.96
CA LEU F 12 22.44 60.17 58.39
C LEU F 12 23.90 60.24 58.79
N SER F 13 24.15 60.75 60.00
CA SER F 13 25.50 60.87 60.54
C SER F 13 25.55 60.22 61.91
N ALA F 14 26.49 59.29 62.07
CA ALA F 14 26.68 58.57 63.34
C ALA F 14 28.13 58.15 63.46
N SER F 15 28.48 57.61 64.63
CA SER F 15 29.81 57.10 64.93
C SER F 15 29.74 55.61 65.22
N VAL F 16 30.91 55.00 65.43
CA VAL F 16 30.98 53.56 65.65
C VAL F 16 30.24 53.20 66.93
N GLY F 17 29.71 51.98 66.96
CA GLY F 17 28.97 51.49 68.11
C GLY F 17 27.54 51.98 68.20
N ASP F 18 27.17 53.00 67.43
CA ASP F 18 25.81 53.52 67.49
C ASP F 18 24.82 52.49 66.98
N ARG F 19 23.62 52.51 67.55
CA ARG F 19 22.52 51.68 67.08
C ARG F 19 21.71 52.52 66.10
N VAL F 20 21.85 52.23 64.81
CA VAL F 20 21.34 53.07 63.74
C VAL F 20 20.05 52.48 63.18
N THR F 21 19.18 53.35 62.66
CA THR F 21 17.89 52.94 62.15
C THR F 21 17.51 53.73 60.91
N ILE F 22 17.04 53.03 59.88
CA ILE F 22 16.54 53.62 58.64
C ILE F 22 15.17 53.02 58.35
N THR F 23 14.30 53.82 57.74
CA THR F 23 12.90 53.44 57.55
C THR F 23 12.44 53.74 56.13
N CYS F 24 11.56 52.89 55.62
CA CYS F 24 10.95 53.07 54.31
C CYS F 24 9.44 52.88 54.41
N ARG F 25 8.70 53.76 53.76
CA ARG F 25 7.24 53.76 53.78
C ARG F 25 6.72 53.39 52.40
N ALA F 26 5.77 52.46 52.34
CA ALA F 26 5.11 52.08 51.10
C ALA F 26 3.81 52.85 50.96
N SER F 27 3.60 53.47 49.81
CA SER F 27 2.41 54.28 49.59
C SER F 27 1.16 53.43 49.74
N GLN F 28 1.06 52.34 48.96
CA GLN F 28 -0.06 51.43 49.08
C GLN F 28 0.25 50.34 50.09
N SER F 29 -0.80 49.64 50.51
CA SER F 29 -0.64 48.51 51.42
C SER F 29 0.25 47.46 50.77
N VAL F 30 1.41 47.20 51.38
CA VAL F 30 2.41 46.32 50.82
C VAL F 30 2.61 45.13 51.74
N SER F 31 2.84 43.96 51.14
CA SER F 31 3.13 42.75 51.87
C SER F 31 4.61 42.73 52.27
N SER F 32 4.97 41.74 53.10
CA SER F 32 6.32 41.63 53.62
C SER F 32 7.21 40.93 52.59
N ALA F 33 7.52 41.68 51.53
CA ALA F 33 8.43 41.22 50.47
C ALA F 33 9.41 42.33 50.13
N VAL F 34 10.00 42.91 51.18
CA VAL F 34 10.94 44.01 51.06
C VAL F 34 12.33 43.49 51.35
N ALA F 35 13.34 44.17 50.79
CA ALA F 35 14.72 43.75 50.94
C ALA F 35 15.57 44.98 51.25
N TRP F 36 16.81 44.74 51.65
CA TRP F 36 17.73 45.78 52.05
C TRP F 36 19.10 45.49 51.42
N TYR F 37 19.80 46.54 51.02
CA TYR F 37 21.07 46.40 50.33
C TYR F 37 22.12 47.37 50.87
N GLN F 38 23.38 46.96 50.79
CA GLN F 38 24.53 47.80 51.09
C GLN F 38 25.33 48.01 49.82
N GLN F 39 25.63 49.28 49.50
CA GLN F 39 26.39 49.65 48.31
C GLN F 39 27.55 50.53 48.75
N LYS F 40 28.76 50.03 48.63
CA LYS F 40 29.94 50.81 48.94
C LYS F 40 30.30 51.68 47.75
N PRO F 41 31.03 52.78 47.97
CA PRO F 41 31.21 53.77 46.89
C PRO F 41 31.73 53.15 45.60
N GLY F 42 30.91 53.24 44.55
CA GLY F 42 31.27 52.75 43.24
C GLY F 42 31.08 51.27 43.03
N LYS F 43 31.02 50.48 44.11
CA LYS F 43 30.94 49.04 43.99
C LYS F 43 29.49 48.61 43.80
N ALA F 44 29.28 47.31 43.77
CA ALA F 44 27.94 46.79 43.55
C ALA F 44 27.19 46.67 44.87
N PRO F 45 25.87 46.77 44.84
CA PRO F 45 25.08 46.59 46.06
C PRO F 45 25.04 45.13 46.48
N LYS F 46 25.11 44.92 47.80
CA LYS F 46 25.09 43.60 48.40
C LYS F 46 23.85 43.47 49.27
N LEU F 47 23.31 42.25 49.35
CA LEU F 47 22.05 41.98 50.02
C LEU F 47 22.27 41.75 51.51
N LEU F 48 21.54 42.53 52.32
CA LEU F 48 21.59 42.40 53.78
C LEU F 48 20.39 41.67 54.34
N ILE F 49 19.18 42.13 54.02
CA ILE F 49 17.94 41.55 54.52
C ILE F 49 16.98 41.34 53.36
N TYR F 50 16.29 40.20 53.37
CA TYR F 50 15.28 39.88 52.38
C TYR F 50 14.01 39.44 53.10
N SER F 51 12.89 39.53 52.39
CA SER F 51 11.58 39.21 52.96
C SER F 51 11.37 39.99 54.26
N ALA F 52 11.76 41.26 54.24
CA ALA F 52 11.50 42.21 55.31
C ALA F 52 12.42 42.04 56.52
N SER F 53 12.41 40.86 57.15
CA SER F 53 13.18 40.66 58.37
C SER F 53 14.02 39.39 58.38
N SER F 54 14.20 38.72 57.24
CA SER F 54 15.00 37.50 57.18
C SER F 54 16.42 37.84 56.72
N LEU F 55 17.41 37.28 57.42
CA LEU F 55 18.80 37.61 57.19
C LEU F 55 19.40 36.74 56.08
N TYR F 56 20.09 37.40 55.14
CA TYR F 56 20.75 36.69 54.05
C TYR F 56 21.99 35.96 54.56
N SER F 57 22.14 34.69 54.15
CA SER F 57 23.25 33.89 54.63
C SER F 57 24.57 34.59 54.37
N GLY F 58 25.37 34.75 55.43
CA GLY F 58 26.66 35.38 55.34
C GLY F 58 26.69 36.82 55.83
N VAL F 59 25.53 37.45 55.97
CA VAL F 59 25.44 38.82 56.44
C VAL F 59 25.68 38.82 57.95
N PRO F 60 26.37 39.81 58.50
CA PRO F 60 26.58 39.82 59.95
C PRO F 60 25.28 39.82 60.73
N SER F 61 25.34 39.29 61.95
CA SER F 61 24.16 39.16 62.78
C SER F 61 23.70 40.49 63.37
N ARG F 62 24.53 41.54 63.29
CA ARG F 62 24.14 42.83 63.84
C ARG F 62 23.07 43.54 63.00
N PHE F 63 22.79 43.03 61.80
CA PHE F 63 21.73 43.57 60.96
C PHE F 63 20.42 42.85 61.25
N SER F 64 19.31 43.61 61.24
CA SER F 64 17.99 43.05 61.50
C SER F 64 16.96 43.97 60.88
N GLY F 65 15.95 43.38 60.24
CA GLY F 65 14.87 44.12 59.62
C GLY F 65 13.57 43.94 60.39
N SER F 66 12.70 44.95 60.30
CA SER F 66 11.43 44.94 61.00
C SER F 66 10.46 45.84 60.25
N ARG F 67 9.17 45.56 60.42
CA ARG F 67 8.12 46.33 59.75
C ARG F 67 7.01 46.67 60.74
N SER F 68 6.29 47.75 60.41
CA SER F 68 5.18 48.21 61.22
C SER F 68 4.19 48.86 60.26
N GLY F 69 3.05 48.20 60.04
CA GLY F 69 2.12 48.67 59.04
C GLY F 69 2.72 48.56 57.66
N THR F 70 2.87 49.70 56.99
CA THR F 70 3.52 49.79 55.69
C THR F 70 4.91 50.40 55.79
N ASP F 71 5.46 50.49 57.00
CA ASP F 71 6.78 51.07 57.25
C ASP F 71 7.76 49.95 57.56
N PHE F 72 8.78 49.81 56.73
CA PHE F 72 9.84 48.83 56.91
C PHE F 72 11.11 49.49 57.44
N THR F 73 11.85 48.76 58.27
CA THR F 73 12.95 49.33 59.03
C THR F 73 14.15 48.40 59.10
N LEU F 74 15.32 48.93 58.73
CA LEU F 74 16.60 48.26 58.90
C LEU F 74 17.26 48.70 60.20
N THR F 75 17.81 47.74 60.96
CA THR F 75 18.36 48.01 62.28
C THR F 75 19.73 47.38 62.43
N ILE F 76 20.72 48.20 62.80
CA ILE F 76 22.07 47.74 63.12
C ILE F 76 22.28 47.89 64.62
N SER F 77 22.51 46.76 65.31
CA SER F 77 22.60 46.81 66.76
C SER F 77 23.84 47.58 67.22
N SER F 78 24.99 47.31 66.62
CA SER F 78 26.25 47.97 66.98
C SER F 78 26.99 48.28 65.70
N LEU F 79 27.01 49.54 65.30
CA LEU F 79 27.63 49.95 64.05
C LEU F 79 29.13 49.63 64.06
N GLN F 80 29.64 49.26 62.90
CA GLN F 80 31.04 48.91 62.70
C GLN F 80 31.66 49.83 61.65
N PRO F 81 32.99 49.92 61.61
CA PRO F 81 33.64 50.80 60.63
C PRO F 81 33.27 50.44 59.19
N GLU F 82 33.09 49.16 58.91
CA GLU F 82 32.81 48.68 57.56
C GLU F 82 31.36 48.93 57.13
N ASP F 83 30.51 49.44 58.00
CA ASP F 83 29.10 49.66 57.70
C ASP F 83 28.80 51.08 57.25
N PHE F 84 29.82 51.91 57.05
CA PHE F 84 29.62 53.31 56.64
C PHE F 84 29.50 53.38 55.12
N ALA F 85 28.29 53.11 54.63
CA ALA F 85 28.01 53.12 53.20
C ALA F 85 26.56 53.55 53.00
N THR F 86 26.14 53.56 51.73
CA THR F 86 24.77 53.90 51.38
C THR F 86 23.92 52.64 51.38
N TYR F 87 22.68 52.77 51.82
CA TYR F 87 21.76 51.63 51.91
C TYR F 87 20.48 51.93 51.14
N TYR F 88 19.82 50.86 50.68
CA TYR F 88 18.60 50.98 49.88
C TYR F 88 17.60 49.93 50.32
N CYS F 89 16.32 50.31 50.28
CA CYS F 89 15.20 49.41 50.51
C CYS F 89 14.48 49.15 49.19
N GLN F 90 13.92 47.96 49.06
CA GLN F 90 13.35 47.50 47.81
C GLN F 90 12.03 46.78 48.05
N GLN F 91 10.99 47.19 47.32
CA GLN F 91 9.70 46.54 47.34
C GLN F 91 9.52 45.79 46.02
N SER F 92 8.83 44.66 46.09
CA SER F 92 8.51 43.88 44.89
C SER F 92 7.00 43.71 44.85
N SER F 93 6.33 44.54 44.05
CA SER F 93 4.91 44.40 43.81
C SER F 93 4.70 43.60 42.53
N SER F 94 3.45 43.55 42.07
CA SER F 94 3.13 42.78 40.88
C SER F 94 3.87 43.26 39.63
N SER F 95 4.76 42.42 39.11
CA SER F 95 5.49 42.71 37.87
C SER F 95 6.14 44.08 37.90
N LEU F 96 6.79 44.39 39.02
CA LEU F 96 7.46 45.69 39.16
C LEU F 96 8.37 45.62 40.37
N ILE F 97 9.52 46.28 40.28
CA ILE F 97 10.45 46.42 41.39
C ILE F 97 10.81 47.90 41.52
N THR F 98 10.79 48.42 42.74
CA THR F 98 11.11 49.82 42.98
C THR F 98 12.01 49.95 44.20
N PHE F 99 12.94 50.91 44.13
CA PHE F 99 13.93 51.15 45.17
C PHE F 99 13.70 52.49 45.84
N GLY F 100 14.14 52.59 47.08
CA GLY F 100 14.12 53.86 47.78
C GLY F 100 15.17 54.81 47.26
N GLN F 101 15.06 56.06 47.69
CA GLN F 101 15.97 57.11 47.26
C GLN F 101 17.39 56.89 47.78
N GLY F 102 17.56 56.10 48.83
CA GLY F 102 18.86 55.79 49.39
C GLY F 102 19.16 56.60 50.63
N THR F 103 20.06 56.06 51.46
CA THR F 103 20.46 56.68 52.72
C THR F 103 21.95 56.49 52.93
N LYS F 104 22.68 57.60 53.02
CA LYS F 104 24.12 57.56 53.26
C LYS F 104 24.39 57.64 54.76
N VAL F 105 25.26 56.76 55.24
CA VAL F 105 25.63 56.70 56.65
C VAL F 105 27.02 57.32 56.76
N GLU F 106 27.07 58.60 57.11
CA GLU F 106 28.32 59.35 57.20
C GLU F 106 28.91 59.27 58.60
N ILE F 107 30.24 59.26 58.66
CA ILE F 107 30.95 59.21 59.94
C ILE F 107 30.79 60.54 60.66
N LYS F 108 30.48 60.48 61.95
CA LYS F 108 30.30 61.68 62.75
C LYS F 108 31.64 62.21 63.24
N ARG F 109 31.72 63.55 63.34
CA ARG F 109 32.88 64.23 63.91
C ARG F 109 32.40 65.57 64.48
N THR F 110 33.32 66.30 65.09
CA THR F 110 33.03 67.64 65.55
C THR F 110 32.96 68.60 64.36
N VAL F 111 32.43 69.79 64.60
CA VAL F 111 32.26 70.76 63.53
C VAL F 111 33.62 71.31 63.13
N ALA F 112 33.73 71.73 61.87
CA ALA F 112 34.96 72.31 61.34
C ALA F 112 34.60 73.43 60.40
N ALA F 113 35.41 74.50 60.43
CA ALA F 113 35.13 75.67 59.60
C ALA F 113 35.89 75.56 58.29
N PRO F 114 35.25 75.83 57.15
CA PRO F 114 35.94 75.69 55.85
C PRO F 114 36.94 76.81 55.61
N SER F 115 38.16 76.43 55.23
CA SER F 115 39.17 77.38 54.80
C SER F 115 38.98 77.69 53.32
N VAL F 116 38.54 78.92 53.02
CA VAL F 116 38.11 79.29 51.67
C VAL F 116 39.23 79.97 50.92
N PHE F 117 39.34 79.67 49.62
CA PHE F 117 40.28 80.34 48.72
C PHE F 117 39.59 80.52 47.37
N ILE F 118 39.46 81.76 46.92
CA ILE F 118 38.92 82.05 45.60
C ILE F 118 40.07 82.09 44.59
N PHE F 119 39.78 81.73 43.35
CA PHE F 119 40.78 81.71 42.28
C PHE F 119 40.21 82.30 41.00
N PRO F 120 40.97 83.16 40.32
CA PRO F 120 40.46 83.79 39.10
C PRO F 120 40.68 82.92 37.88
N PRO F 121 40.08 83.28 36.75
CA PRO F 121 40.41 82.59 35.50
C PRO F 121 41.82 82.91 35.04
N SER F 122 42.47 81.93 34.43
CA SER F 122 43.87 82.06 34.05
C SER F 122 44.02 82.85 32.75
N ASP F 123 45.24 83.37 32.54
CA ASP F 123 45.54 84.06 31.30
C ASP F 123 45.24 83.19 30.09
N SER F 124 45.63 81.91 30.16
CA SER F 124 45.40 81.00 29.04
C SER F 124 43.91 80.83 28.75
N GLN F 125 43.09 80.76 29.80
CA GLN F 125 41.65 80.55 29.60
C GLN F 125 41.00 81.76 28.95
N LEU F 126 41.36 82.98 29.37
CA LEU F 126 40.83 84.17 28.72
C LEU F 126 41.14 84.17 27.22
N LYS F 127 42.30 83.62 26.84
CA LYS F 127 42.61 83.50 25.41
C LYS F 127 41.61 82.62 24.69
N SER F 128 41.11 81.58 25.36
CA SER F 128 40.17 80.67 24.71
C SER F 128 38.81 81.31 24.51
N GLY F 129 38.44 82.26 25.37
CA GLY F 129 37.17 82.96 25.27
C GLY F 129 36.19 82.69 26.38
N THR F 130 36.60 82.00 27.45
CA THR F 130 35.73 81.72 28.58
C THR F 130 36.40 82.22 29.87
N ALA F 131 35.61 82.31 30.93
CA ALA F 131 36.08 82.78 32.23
C ALA F 131 35.38 81.97 33.31
N SER F 132 36.15 81.20 34.07
CA SER F 132 35.64 80.38 35.15
C SER F 132 36.29 80.78 36.47
N VAL F 133 35.47 81.14 37.45
CA VAL F 133 35.93 81.45 38.80
C VAL F 133 35.71 80.25 39.70
N VAL F 134 36.71 79.96 40.54
CA VAL F 134 36.70 78.79 41.42
C VAL F 134 36.74 79.26 42.86
N CYS F 135 35.90 78.67 43.71
CA CYS F 135 35.86 78.98 45.13
C CYS F 135 35.96 77.68 45.92
N LEU F 136 37.05 77.52 46.68
CA LEU F 136 37.31 76.31 47.44
C LEU F 136 36.75 76.40 48.85
N LEU F 137 36.15 75.30 49.31
CA LEU F 137 35.83 75.07 50.72
C LEU F 137 36.51 73.76 51.13
N ASN F 138 37.52 73.86 51.98
CA ASN F 138 38.42 72.74 52.27
C ASN F 138 38.24 72.22 53.69
N ASN F 139 38.13 70.89 53.81
CA ASN F 139 38.22 70.18 55.08
C ASN F 139 37.29 70.80 56.14
N PHE F 140 35.99 70.68 55.88
CA PHE F 140 34.97 71.14 56.80
C PHE F 140 34.04 70.00 57.19
N TYR F 141 33.16 70.29 58.15
CA TYR F 141 32.12 69.36 58.57
C TYR F 141 31.02 70.19 59.19
N PRO F 142 29.73 69.90 58.92
CA PRO F 142 29.21 68.82 58.07
C PRO F 142 29.14 69.18 56.59
N ARG F 143 28.64 68.24 55.78
CA ARG F 143 28.57 68.43 54.33
C ARG F 143 27.74 69.64 53.95
N GLU F 144 26.74 70.00 54.75
CA GLU F 144 25.84 71.07 54.35
C GLU F 144 26.56 72.41 54.38
N ALA F 145 26.43 73.16 53.28
CA ALA F 145 27.02 74.48 53.16
C ALA F 145 26.26 75.21 52.06
N LYS F 146 26.45 76.53 52.01
CA LYS F 146 25.77 77.39 51.06
C LYS F 146 26.76 78.39 50.48
N VAL F 147 26.92 78.37 49.16
CA VAL F 147 27.83 79.27 48.46
C VAL F 147 27.04 80.12 47.49
N GLN F 148 27.39 81.41 47.41
CA GLN F 148 26.77 82.35 46.50
C GLN F 148 27.84 83.19 45.80
N TRP F 149 27.53 83.61 44.58
CA TRP F 149 28.45 84.37 43.74
C TRP F 149 27.96 85.79 43.58
N LYS F 150 28.90 86.74 43.63
CA LYS F 150 28.59 88.16 43.48
C LYS F 150 29.46 88.75 42.39
N VAL F 151 28.83 89.28 41.35
CA VAL F 151 29.51 90.02 40.30
C VAL F 151 29.20 91.50 40.53
N ASP F 152 30.21 92.25 40.99
CA ASP F 152 30.02 93.65 41.41
C ASP F 152 28.95 93.76 42.48
N ASN F 153 28.95 92.81 43.41
CA ASN F 153 28.02 92.78 44.54
C ASN F 153 26.59 92.57 44.08
N ALA F 154 26.41 91.79 43.02
CA ALA F 154 25.08 91.44 42.51
C ALA F 154 25.05 89.92 42.36
N LEU F 155 24.15 89.27 43.09
CA LEU F 155 24.06 87.83 43.03
C LEU F 155 23.57 87.34 41.67
N GLN F 156 24.12 86.21 41.23
CA GLN F 156 23.63 85.52 40.05
C GLN F 156 23.53 84.04 40.39
N SER F 157 22.48 83.39 39.89
CA SER F 157 22.24 81.98 40.16
C SER F 157 21.63 81.32 38.92
N GLY F 158 21.69 79.99 38.89
CA GLY F 158 21.24 79.23 37.75
C GLY F 158 22.24 79.14 36.63
N ASN F 159 23.46 79.65 36.82
CA ASN F 159 24.50 79.60 35.81
C ASN F 159 25.78 78.98 36.35
N SER F 160 25.82 78.60 37.63
CA SER F 160 26.98 77.99 38.24
C SER F 160 26.58 76.69 38.93
N GLN F 161 27.56 75.83 39.16
CA GLN F 161 27.34 74.53 39.78
C GLN F 161 28.53 74.20 40.68
N GLU F 162 28.37 73.13 41.45
CA GLU F 162 29.36 72.74 42.44
C GLU F 162 29.40 71.22 42.53
N SER F 163 30.47 70.72 43.13
CA SER F 163 30.61 69.29 43.40
C SER F 163 31.41 69.14 44.68
N VAL F 164 31.15 68.04 45.39
CA VAL F 164 31.71 67.82 46.72
C VAL F 164 32.43 66.49 46.74
N THR F 165 33.57 66.46 47.43
CA THR F 165 34.29 65.21 47.62
C THR F 165 33.55 64.34 48.63
N GLU F 166 33.82 63.05 48.58
CA GLU F 166 33.29 62.16 49.62
C GLU F 166 34.07 62.36 50.91
N GLN F 167 33.44 61.99 52.02
CA GLN F 167 34.03 62.20 53.33
C GLN F 167 35.45 61.62 53.37
N ASP F 168 36.42 62.50 53.61
CA ASP F 168 37.82 62.11 53.55
C ASP F 168 38.11 61.01 54.57
N SER F 169 39.15 60.22 54.29
CA SER F 169 39.50 59.08 55.14
C SER F 169 40.38 59.49 56.32
N LYS F 170 41.12 60.59 56.18
CA LYS F 170 42.09 60.96 57.21
C LYS F 170 41.45 61.75 58.34
N ASP F 171 40.70 62.81 58.02
CA ASP F 171 40.08 63.67 59.03
C ASP F 171 38.56 63.63 59.04
N SER F 172 37.93 62.94 58.09
CA SER F 172 36.47 62.84 58.01
C SER F 172 35.84 64.21 57.73
N THR F 173 36.48 64.98 56.85
CA THR F 173 36.00 66.29 56.45
C THR F 173 35.72 66.27 54.95
N TYR F 174 34.90 67.21 54.50
CA TYR F 174 34.51 67.33 53.10
C TYR F 174 35.19 68.52 52.44
N SER F 175 35.06 68.60 51.12
CA SER F 175 35.57 69.74 50.37
C SER F 175 34.63 70.00 49.19
N LEU F 176 34.54 71.26 48.80
CA LEU F 176 33.62 71.70 47.75
C LEU F 176 34.30 72.65 46.78
N SER F 177 34.03 72.47 45.49
CA SER F 177 34.56 73.32 44.44
C SER F 177 33.38 73.92 43.68
N SER F 178 33.28 75.25 43.68
CA SER F 178 32.21 75.97 43.01
C SER F 178 32.74 76.65 41.77
N THR F 179 32.05 76.46 40.64
CA THR F 179 32.49 76.99 39.34
C THR F 179 31.39 77.87 38.75
N LEU F 180 31.72 79.14 38.52
CA LEU F 180 30.84 80.09 37.82
C LEU F 180 31.47 80.39 36.46
N THR F 181 30.85 79.90 35.40
CA THR F 181 31.44 79.95 34.06
C THR F 181 30.59 80.84 33.14
N LEU F 182 31.25 81.83 32.52
CA LEU F 182 30.61 82.65 31.49
C LEU F 182 31.69 83.21 30.57
N SER F 183 31.25 83.97 29.57
CA SER F 183 32.11 84.43 28.48
C SER F 183 33.13 85.47 28.94
N LYS F 184 34.22 85.58 28.15
CA LYS F 184 35.19 86.66 28.34
C LYS F 184 34.53 88.03 28.28
N ALA F 185 33.57 88.21 27.37
CA ALA F 185 32.90 89.50 27.24
C ALA F 185 32.25 89.92 28.55
N ASP F 186 31.53 89.00 29.19
CA ASP F 186 30.85 89.31 30.44
C ASP F 186 31.82 89.40 31.62
N TYR F 187 32.95 88.68 31.56
CA TYR F 187 33.92 88.76 32.64
C TYR F 187 34.61 90.12 32.67
N GLU F 188 34.90 90.69 31.50
CA GLU F 188 35.50 92.02 31.44
C GLU F 188 34.49 93.13 31.72
N LYS F 189 33.20 92.80 31.86
CA LYS F 189 32.18 93.81 32.14
C LYS F 189 32.03 94.11 33.62
N HIS F 190 32.61 93.29 34.52
CA HIS F 190 32.57 93.54 35.95
C HIS F 190 33.98 93.41 36.51
N LYS F 191 34.27 94.17 37.58
CA LYS F 191 35.60 94.17 38.19
C LYS F 191 35.66 93.40 39.50
N VAL F 192 34.70 93.63 40.40
CA VAL F 192 34.72 93.04 41.74
C VAL F 192 34.00 91.71 41.70
N TYR F 193 34.52 90.74 42.44
CA TYR F 193 33.95 89.40 42.52
C TYR F 193 34.08 88.86 43.93
N ALA F 194 32.97 88.41 44.51
CA ALA F 194 32.93 87.96 45.90
C ALA F 194 32.25 86.61 45.96
N CYS F 195 32.85 85.69 46.71
CA CYS F 195 32.30 84.36 46.99
C CYS F 195 31.96 84.28 48.47
N GLU F 196 30.67 84.17 48.78
CA GLU F 196 30.21 84.08 50.16
C GLU F 196 29.92 82.63 50.53
N VAL F 197 30.16 82.31 51.81
CA VAL F 197 29.99 80.96 52.33
C VAL F 197 29.23 81.05 53.65
N THR F 198 28.24 80.17 53.83
CA THR F 198 27.52 80.00 55.08
C THR F 198 27.69 78.56 55.55
N HIS F 199 27.94 78.38 56.84
CA HIS F 199 28.26 77.03 57.33
C HIS F 199 28.06 77.00 58.84
N GLN F 200 27.64 75.83 59.34
CA GLN F 200 27.46 75.67 60.78
C GLN F 200 28.75 75.91 61.55
N GLY F 201 29.90 75.61 60.95
CA GLY F 201 31.17 75.85 61.61
C GLY F 201 31.58 77.30 61.62
N LEU F 202 31.00 78.11 60.72
CA LEU F 202 31.27 79.53 60.67
C LEU F 202 30.38 80.25 61.68
N SER F 203 31.01 81.02 62.58
CA SER F 203 30.22 81.83 63.51
C SER F 203 29.21 82.69 62.76
N SER F 204 29.65 83.35 61.69
CA SER F 204 28.81 84.11 60.80
C SER F 204 29.32 83.93 59.38
N PRO F 205 28.48 84.18 58.37
CA PRO F 205 28.92 84.02 56.98
C PRO F 205 30.22 84.77 56.71
N VAL F 206 31.06 84.17 55.87
CA VAL F 206 32.37 84.71 55.53
C VAL F 206 32.48 84.83 54.02
N THR F 207 33.24 85.83 53.57
CA THR F 207 33.39 86.11 52.15
C THR F 207 34.84 86.37 51.81
N LYS F 208 35.27 85.90 50.64
CA LYS F 208 36.57 86.21 50.08
C LYS F 208 36.37 86.76 48.66
N SER F 209 37.24 87.68 48.26
CA SER F 209 37.02 88.40 47.01
C SER F 209 38.35 88.73 46.36
N PHE F 210 38.27 89.10 45.08
CA PHE F 210 39.40 89.59 44.30
C PHE F 210 38.88 90.65 43.33
N ASN F 211 39.77 91.54 42.92
CA ASN F 211 39.45 92.57 41.95
C ASN F 211 40.19 92.26 40.66
N ARG F 212 39.47 92.27 39.54
CA ARG F 212 40.06 91.97 38.25
C ARG F 212 41.31 92.81 38.02
N GLY F 213 42.44 92.14 37.87
CA GLY F 213 43.73 92.80 37.75
C GLY F 213 44.49 92.88 39.04
N GLU F 214 43.85 92.57 40.17
CA GLU F 214 44.52 92.58 41.47
C GLU F 214 45.11 93.95 41.77
#